data_2CON
#
_entry.id   2CON
#
loop_
_entity.id
_entity.type
_entity.pdbx_description
1 polymer 'nin one binding protein'
2 non-polymer 'ZINC ION'
#
_entity_poly.entity_id   1
_entity_poly.type   'polypeptide(L)'
_entity_poly.pdbx_seq_one_letter_code
;GSSGSSGVREARSYILRCHGCFKTTSDMNRVFCGHCGNKTLKKVSVTINDDGTLHMHFSRNPKVLNPRGLRYSSGPSSG
;
_entity_poly.pdbx_strand_id   A
#
loop_
_chem_comp.id
_chem_comp.type
_chem_comp.name
_chem_comp.formula
ZN non-polymer 'ZINC ION' 'Zn 2'
#
# COMPACT_ATOMS: atom_id res chain seq x y z
N GLY A 1 -7.11 -30.64 14.64
CA GLY A 1 -7.71 -30.57 13.32
C GLY A 1 -6.75 -31.00 12.23
N SER A 2 -6.94 -32.21 11.73
CA SER A 2 -6.08 -32.75 10.67
C SER A 2 -6.11 -31.85 9.44
N SER A 3 -5.02 -31.86 8.68
CA SER A 3 -4.92 -31.05 7.48
C SER A 3 -3.94 -31.66 6.49
N GLY A 4 -4.42 -31.94 5.27
CA GLY A 4 -3.57 -32.52 4.25
C GLY A 4 -2.92 -31.48 3.37
N SER A 5 -2.43 -31.91 2.22
CA SER A 5 -1.76 -31.01 1.28
C SER A 5 -1.53 -31.69 -0.06
N SER A 6 -1.79 -30.96 -1.15
CA SER A 6 -1.61 -31.49 -2.49
C SER A 6 -0.93 -30.47 -3.40
N GLY A 7 -0.42 -30.94 -4.53
CA GLY A 7 0.25 -30.06 -5.46
C GLY A 7 -0.33 -28.66 -5.45
N VAL A 8 0.49 -27.68 -5.10
CA VAL A 8 0.04 -26.29 -5.05
C VAL A 8 0.63 -25.48 -6.20
N ARG A 9 -0.24 -24.90 -7.01
CA ARG A 9 0.19 -24.11 -8.16
C ARG A 9 0.69 -22.73 -7.72
N GLU A 10 1.17 -21.95 -8.66
CA GLU A 10 1.69 -20.62 -8.37
C GLU A 10 0.54 -19.64 -8.10
N ALA A 11 0.61 -18.97 -6.96
CA ALA A 11 -0.42 -18.00 -6.59
C ALA A 11 0.17 -16.61 -6.41
N ARG A 12 -0.52 -15.60 -6.95
CA ARG A 12 -0.07 -14.22 -6.86
C ARG A 12 -1.09 -13.35 -6.14
N SER A 13 -1.00 -13.31 -4.81
CA SER A 13 -1.93 -12.53 -4.01
C SER A 13 -1.71 -11.03 -4.25
N TYR A 14 -2.67 -10.41 -4.93
CA TYR A 14 -2.59 -8.98 -5.23
C TYR A 14 -3.82 -8.25 -4.69
N ILE A 15 -3.80 -6.93 -4.81
CA ILE A 15 -4.91 -6.11 -4.34
C ILE A 15 -4.95 -4.76 -5.07
N LEU A 16 -6.10 -4.10 -5.01
CA LEU A 16 -6.26 -2.81 -5.66
C LEU A 16 -6.19 -1.67 -4.64
N ARG A 17 -5.19 -0.82 -4.80
CA ARG A 17 -5.01 0.32 -3.90
C ARG A 17 -5.45 1.62 -4.56
N CYS A 18 -6.51 2.22 -4.03
CA CYS A 18 -7.03 3.47 -4.57
C CYS A 18 -6.01 4.59 -4.44
N HIS A 19 -6.35 5.76 -4.95
CA HIS A 19 -5.46 6.92 -4.88
C HIS A 19 -6.10 8.05 -4.08
N GLY A 20 -7.12 8.68 -4.66
CA GLY A 20 -7.79 9.77 -3.97
C GLY A 20 -7.96 9.51 -2.49
N CYS A 21 -8.19 8.25 -2.13
CA CYS A 21 -8.36 7.87 -0.73
C CYS A 21 -7.21 7.00 -0.26
N PHE A 22 -6.66 6.20 -1.17
CA PHE A 22 -5.55 5.31 -0.84
C PHE A 22 -6.03 4.12 -0.02
N LYS A 23 -7.21 3.61 -0.38
CA LYS A 23 -7.80 2.46 0.32
C LYS A 23 -7.70 1.20 -0.54
N THR A 24 -7.45 0.07 0.11
CA THR A 24 -7.33 -1.20 -0.59
C THR A 24 -8.58 -2.05 -0.40
N THR A 25 -9.08 -2.63 -1.50
CA THR A 25 -10.28 -3.45 -1.46
C THR A 25 -10.00 -4.83 -2.04
N SER A 26 -10.38 -5.87 -1.30
CA SER A 26 -10.18 -7.24 -1.76
C SER A 26 -10.94 -7.52 -3.05
N ASP A 27 -10.29 -7.25 -4.18
CA ASP A 27 -10.90 -7.47 -5.48
C ASP A 27 -9.91 -7.17 -6.60
N MET A 28 -9.72 -8.15 -7.49
CA MET A 28 -8.80 -7.98 -8.61
C MET A 28 -9.56 -7.85 -9.92
N ASN A 29 -10.84 -7.49 -9.84
CA ASN A 29 -11.68 -7.32 -11.01
C ASN A 29 -12.43 -6.00 -10.96
N ARG A 30 -12.83 -5.60 -9.76
CA ARG A 30 -13.56 -4.35 -9.57
C ARG A 30 -12.87 -3.21 -10.30
N VAL A 31 -13.66 -2.22 -10.73
CA VAL A 31 -13.13 -1.06 -11.44
C VAL A 31 -13.40 0.22 -10.67
N PHE A 32 -14.34 0.17 -9.74
CA PHE A 32 -14.69 1.33 -8.94
C PHE A 32 -14.23 1.16 -7.50
N CYS A 33 -14.27 2.24 -6.73
CA CYS A 33 -13.85 2.21 -5.33
C CYS A 33 -15.02 2.49 -4.40
N GLY A 34 -14.89 2.07 -3.15
CA GLY A 34 -15.95 2.28 -2.18
C GLY A 34 -15.63 3.41 -1.21
N HIS A 35 -14.42 3.40 -0.67
CA HIS A 35 -13.99 4.43 0.27
C HIS A 35 -14.41 5.81 -0.20
N CYS A 36 -13.91 6.21 -1.38
CA CYS A 36 -14.24 7.52 -1.93
C CYS A 36 -15.18 7.37 -3.12
N GLY A 37 -14.86 6.45 -4.03
CA GLY A 37 -15.69 6.23 -5.20
C GLY A 37 -14.96 6.52 -6.49
N ASN A 38 -13.63 6.36 -6.48
CA ASN A 38 -12.82 6.61 -7.66
C ASN A 38 -13.20 5.65 -8.79
N LYS A 39 -12.92 6.07 -10.02
CA LYS A 39 -13.22 5.25 -11.19
C LYS A 39 -11.95 4.62 -11.75
N THR A 40 -10.89 4.61 -10.95
CA THR A 40 -9.62 4.04 -11.37
C THR A 40 -8.90 3.38 -10.19
N LEU A 41 -8.47 2.14 -10.38
CA LEU A 41 -7.78 1.40 -9.34
C LEU A 41 -6.43 0.87 -9.85
N LYS A 42 -5.39 1.05 -9.04
CA LYS A 42 -4.06 0.58 -9.41
C LYS A 42 -3.75 -0.76 -8.78
N LYS A 43 -3.25 -1.69 -9.58
CA LYS A 43 -2.91 -3.02 -9.10
C LYS A 43 -1.58 -3.02 -8.36
N VAL A 44 -1.55 -3.66 -7.20
CA VAL A 44 -0.34 -3.74 -6.39
C VAL A 44 -0.17 -5.12 -5.78
N SER A 45 1.07 -5.59 -5.74
CA SER A 45 1.37 -6.91 -5.18
C SER A 45 1.48 -6.85 -3.66
N VAL A 46 1.36 -8.00 -3.01
CA VAL A 46 1.44 -8.07 -1.56
C VAL A 46 2.03 -9.41 -1.11
N THR A 47 2.82 -9.37 -0.04
CA THR A 47 3.44 -10.58 0.49
C THR A 47 2.72 -11.06 1.74
N ILE A 48 2.72 -12.38 1.94
CA ILE A 48 2.06 -12.98 3.10
C ILE A 48 3.08 -13.59 4.05
N ASN A 49 2.82 -13.46 5.34
CA ASN A 49 3.71 -14.00 6.37
C ASN A 49 2.98 -15.01 7.25
N ASP A 50 3.73 -15.94 7.81
CA ASP A 50 3.15 -16.96 8.69
C ASP A 50 2.12 -16.34 9.64
N ASP A 51 2.47 -15.20 10.21
CA ASP A 51 1.58 -14.51 11.14
C ASP A 51 0.34 -13.99 10.41
N GLY A 52 0.55 -13.40 9.24
CA GLY A 52 -0.55 -12.87 8.47
C GLY A 52 -0.52 -11.36 8.37
N THR A 53 0.48 -10.83 7.69
CA THR A 53 0.62 -9.38 7.52
C THR A 53 0.78 -9.00 6.06
N LEU A 54 0.53 -7.74 5.75
CA LEU A 54 0.64 -7.25 4.38
C LEU A 54 1.77 -6.24 4.26
N HIS A 55 2.64 -6.45 3.27
CA HIS A 55 3.77 -5.55 3.05
C HIS A 55 3.81 -5.07 1.60
N MET A 56 3.80 -3.75 1.42
CA MET A 56 3.83 -3.17 0.08
C MET A 56 5.04 -2.26 -0.09
N HIS A 57 6.04 -2.73 -0.83
CA HIS A 57 7.24 -1.96 -1.07
C HIS A 57 6.95 -0.70 -1.88
N PHE A 58 7.02 0.45 -1.22
CA PHE A 58 6.75 1.72 -1.88
C PHE A 58 8.05 2.46 -2.19
N SER A 59 7.97 3.41 -3.13
CA SER A 59 9.14 4.18 -3.53
C SER A 59 9.40 5.31 -2.55
N ARG A 60 10.60 5.31 -1.96
CA ARG A 60 10.97 6.34 -0.99
C ARG A 60 10.45 7.70 -1.42
N ASN A 61 10.08 8.53 -0.45
CA ASN A 61 9.57 9.86 -0.72
C ASN A 61 10.50 10.94 -0.16
N PRO A 62 10.47 12.12 -0.77
CA PRO A 62 11.30 13.26 -0.35
C PRO A 62 10.86 13.83 1.00
N LYS A 63 11.50 13.37 2.07
CA LYS A 63 11.17 13.83 3.41
C LYS A 63 12.30 14.70 3.98
N VAL A 64 12.29 15.98 3.65
CA VAL A 64 13.30 16.90 4.12
C VAL A 64 13.38 16.90 5.65
N LEU A 65 14.35 17.62 6.19
CA LEU A 65 14.52 17.70 7.64
C LEU A 65 14.95 19.11 8.05
N ASN A 66 14.64 19.47 9.29
CA ASN A 66 14.99 20.79 9.81
C ASN A 66 16.15 20.69 10.82
N PRO A 67 16.85 21.80 11.02
CA PRO A 67 17.99 21.87 11.95
C PRO A 67 17.55 21.78 13.40
N ARG A 68 18.39 21.19 14.23
CA ARG A 68 18.09 21.03 15.66
C ARG A 68 18.69 22.18 16.46
N GLY A 69 18.31 22.27 17.74
CA GLY A 69 18.82 23.32 18.60
C GLY A 69 19.48 22.78 19.85
N LEU A 70 19.62 23.63 20.86
CA LEU A 70 20.25 23.24 22.11
C LEU A 70 19.60 23.95 23.29
N ARG A 71 19.78 23.40 24.49
CA ARG A 71 19.22 23.99 25.70
C ARG A 71 20.33 24.46 26.63
N TYR A 72 20.00 25.45 27.47
CA TYR A 72 20.97 25.99 28.42
C TYR A 72 20.35 26.15 29.80
N SER A 73 21.16 26.57 30.77
CA SER A 73 20.69 26.77 32.14
C SER A 73 21.37 27.97 32.78
N SER A 74 20.95 28.28 34.00
CA SER A 74 21.52 29.42 34.73
C SER A 74 21.53 29.15 36.23
N GLY A 75 22.06 30.11 36.99
CA GLY A 75 22.13 29.95 38.44
C GLY A 75 22.15 31.28 39.16
N PRO A 76 22.52 31.25 40.44
CA PRO A 76 22.59 32.45 41.27
C PRO A 76 23.74 33.37 40.87
N SER A 77 23.93 34.43 41.64
CA SER A 77 25.00 35.39 41.35
C SER A 77 25.94 35.53 42.55
N SER A 78 25.37 35.82 43.71
CA SER A 78 26.16 35.98 44.93
C SER A 78 25.25 36.18 46.14
N GLY A 79 25.86 36.34 47.31
CA GLY A 79 25.10 36.54 48.53
C GLY A 79 25.94 36.34 49.77
ZN ZN B . -11.07 5.46 -3.25
N GLY A 1 -9.31 -34.61 4.94
CA GLY A 1 -9.50 -35.05 3.57
C GLY A 1 -9.23 -33.95 2.56
N SER A 2 -8.09 -34.06 1.87
CA SER A 2 -7.72 -33.07 0.87
C SER A 2 -7.94 -33.60 -0.54
N SER A 3 -8.77 -32.89 -1.30
CA SER A 3 -9.08 -33.29 -2.68
C SER A 3 -7.99 -32.83 -3.63
N GLY A 4 -7.75 -31.53 -3.67
CA GLY A 4 -6.73 -30.98 -4.55
C GLY A 4 -7.31 -30.34 -5.79
N SER A 5 -7.78 -29.09 -5.65
CA SER A 5 -8.37 -28.38 -6.77
C SER A 5 -7.38 -27.37 -7.36
N SER A 6 -6.79 -26.56 -6.48
CA SER A 6 -5.82 -25.55 -6.91
C SER A 6 -4.42 -25.89 -6.41
N GLY A 7 -3.50 -26.13 -7.34
CA GLY A 7 -2.14 -26.47 -6.98
C GLY A 7 -1.13 -25.50 -7.55
N VAL A 8 -1.07 -24.30 -6.99
CA VAL A 8 -0.13 -23.28 -7.46
C VAL A 8 1.09 -23.19 -6.55
N ARG A 9 2.25 -23.00 -7.15
CA ARG A 9 3.50 -22.91 -6.40
C ARG A 9 3.84 -21.45 -6.11
N GLU A 10 3.89 -20.64 -7.16
CA GLU A 10 4.20 -19.22 -7.01
C GLU A 10 2.97 -18.43 -6.56
N ALA A 11 2.88 -18.17 -5.26
CA ALA A 11 1.76 -17.42 -4.71
C ALA A 11 1.87 -15.95 -5.04
N ARG A 12 1.00 -15.47 -5.94
CA ARG A 12 1.00 -14.07 -6.34
C ARG A 12 -0.33 -13.41 -6.00
N SER A 13 -0.49 -13.01 -4.74
CA SER A 13 -1.72 -12.38 -4.29
C SER A 13 -1.65 -10.87 -4.49
N TYR A 14 -2.41 -10.37 -5.45
CA TYR A 14 -2.44 -8.94 -5.74
C TYR A 14 -3.71 -8.29 -5.22
N ILE A 15 -3.63 -6.99 -4.94
CA ILE A 15 -4.79 -6.25 -4.43
C ILE A 15 -4.86 -4.86 -5.04
N LEU A 16 -6.05 -4.26 -5.00
CA LEU A 16 -6.25 -2.93 -5.55
C LEU A 16 -6.26 -1.88 -4.45
N ARG A 17 -5.25 -1.01 -4.46
CA ARG A 17 -5.13 0.04 -3.47
C ARG A 17 -5.45 1.40 -4.07
N CYS A 18 -6.70 1.83 -3.93
CA CYS A 18 -7.15 3.11 -4.47
C CYS A 18 -6.11 4.20 -4.21
N HIS A 19 -6.26 5.34 -4.87
CA HIS A 19 -5.34 6.45 -4.70
C HIS A 19 -6.05 7.66 -4.10
N GLY A 20 -7.16 8.06 -4.73
CA GLY A 20 -7.91 9.20 -4.23
C GLY A 20 -8.19 9.12 -2.75
N CYS A 21 -8.06 7.92 -2.19
CA CYS A 21 -8.30 7.71 -0.76
C CYS A 21 -7.18 6.88 -0.15
N PHE A 22 -6.50 6.10 -0.98
CA PHE A 22 -5.41 5.25 -0.52
C PHE A 22 -5.94 4.08 0.29
N LYS A 23 -7.05 3.52 -0.16
CA LYS A 23 -7.66 2.38 0.53
C LYS A 23 -7.56 1.12 -0.32
N THR A 24 -7.36 -0.01 0.35
CA THR A 24 -7.25 -1.30 -0.34
C THR A 24 -8.56 -2.08 -0.27
N THR A 25 -8.84 -2.84 -1.32
CA THR A 25 -10.07 -3.63 -1.38
C THR A 25 -9.81 -5.00 -2.00
N SER A 26 -10.17 -6.05 -1.27
CA SER A 26 -9.98 -7.42 -1.76
C SER A 26 -10.78 -7.67 -3.03
N ASP A 27 -10.17 -7.40 -4.17
CA ASP A 27 -10.84 -7.60 -5.46
C ASP A 27 -9.87 -7.31 -6.61
N MET A 28 -10.05 -8.03 -7.72
CA MET A 28 -9.20 -7.85 -8.90
C MET A 28 -10.04 -7.57 -10.14
N ASN A 29 -11.34 -7.33 -9.92
CA ASN A 29 -12.24 -7.05 -11.03
C ASN A 29 -13.15 -5.88 -10.70
N ARG A 30 -12.63 -4.93 -9.93
CA ARG A 30 -13.40 -3.75 -9.54
C ARG A 30 -12.87 -2.50 -10.25
N VAL A 31 -13.70 -1.94 -11.11
CA VAL A 31 -13.32 -0.74 -11.86
C VAL A 31 -13.67 0.53 -11.07
N PHE A 32 -14.40 0.36 -9.98
CA PHE A 32 -14.80 1.49 -9.15
C PHE A 32 -14.33 1.29 -7.71
N CYS A 33 -14.40 2.35 -6.92
CA CYS A 33 -13.98 2.30 -5.52
C CYS A 33 -15.15 2.60 -4.59
N GLY A 34 -15.02 2.18 -3.33
CA GLY A 34 -16.07 2.42 -2.36
C GLY A 34 -15.70 3.49 -1.36
N HIS A 35 -14.50 3.40 -0.80
CA HIS A 35 -14.03 4.37 0.18
C HIS A 35 -14.39 5.78 -0.25
N CYS A 36 -13.95 6.16 -1.44
CA CYS A 36 -14.22 7.50 -1.97
C CYS A 36 -15.18 7.43 -3.15
N GLY A 37 -14.90 6.51 -4.08
CA GLY A 37 -15.74 6.37 -5.26
C GLY A 37 -15.00 6.63 -6.55
N ASN A 38 -13.68 6.43 -6.53
CA ASN A 38 -12.86 6.65 -7.71
C ASN A 38 -13.15 5.61 -8.78
N LYS A 39 -12.88 5.97 -10.03
CA LYS A 39 -13.12 5.08 -11.15
C LYS A 39 -11.81 4.52 -11.70
N THR A 40 -10.77 4.55 -10.86
CA THR A 40 -9.46 4.04 -11.25
C THR A 40 -8.74 3.40 -10.07
N LEU A 41 -8.33 2.15 -10.24
CA LEU A 41 -7.63 1.44 -9.19
C LEU A 41 -6.25 0.98 -9.66
N LYS A 42 -5.28 1.02 -8.76
CA LYS A 42 -3.92 0.61 -9.08
C LYS A 42 -3.60 -0.74 -8.45
N LYS A 43 -3.34 -1.73 -9.29
CA LYS A 43 -3.01 -3.08 -8.82
C LYS A 43 -1.65 -3.09 -8.14
N VAL A 44 -1.56 -3.71 -6.96
CA VAL A 44 -0.32 -3.80 -6.21
C VAL A 44 -0.16 -5.18 -5.57
N SER A 45 1.07 -5.69 -5.56
CA SER A 45 1.35 -6.99 -4.97
C SER A 45 1.55 -6.87 -3.47
N VAL A 46 1.27 -7.95 -2.75
CA VAL A 46 1.42 -7.97 -1.30
C VAL A 46 1.91 -9.33 -0.82
N THR A 47 2.85 -9.32 0.12
CA THR A 47 3.39 -10.56 0.68
C THR A 47 2.62 -11.00 1.90
N ILE A 48 2.50 -12.31 2.08
CA ILE A 48 1.77 -12.87 3.22
C ILE A 48 2.74 -13.42 4.27
N ASN A 49 3.05 -12.60 5.26
CA ASN A 49 3.97 -13.01 6.32
C ASN A 49 3.31 -14.02 7.25
N ASP A 50 4.13 -14.83 7.90
CA ASP A 50 3.63 -15.85 8.82
C ASP A 50 2.47 -15.31 9.65
N ASP A 51 2.74 -14.25 10.41
CA ASP A 51 1.72 -13.63 11.26
C ASP A 51 0.54 -13.16 10.42
N GLY A 52 0.84 -12.52 9.29
CA GLY A 52 -0.21 -12.01 8.42
C GLY A 52 -0.19 -10.51 8.32
N THR A 53 0.73 -9.97 7.52
CA THR A 53 0.84 -8.53 7.33
C THR A 53 1.06 -8.18 5.86
N LEU A 54 0.72 -6.96 5.50
CA LEU A 54 0.87 -6.49 4.12
C LEU A 54 2.19 -5.73 3.96
N HIS A 55 3.04 -6.25 3.06
CA HIS A 55 4.34 -5.62 2.80
C HIS A 55 4.37 -5.03 1.40
N MET A 56 4.15 -3.73 1.29
CA MET A 56 4.16 -3.04 0.01
C MET A 56 5.26 -1.99 -0.04
N HIS A 57 6.36 -2.31 -0.72
CA HIS A 57 7.48 -1.39 -0.83
C HIS A 57 7.15 -0.24 -1.78
N PHE A 58 6.81 0.92 -1.20
CA PHE A 58 6.47 2.08 -2.01
C PHE A 58 7.69 2.97 -2.22
N SER A 59 8.82 2.33 -2.53
CA SER A 59 10.06 3.06 -2.76
C SER A 59 10.13 3.57 -4.20
N ARG A 60 9.01 4.03 -4.72
CA ARG A 60 8.94 4.54 -6.08
C ARG A 60 8.66 6.04 -6.09
N ASN A 61 9.34 6.77 -5.20
CA ASN A 61 9.17 8.21 -5.11
C ASN A 61 10.38 8.94 -5.69
N PRO A 62 10.15 10.16 -6.19
CA PRO A 62 11.21 10.99 -6.79
C PRO A 62 12.20 11.49 -5.75
N LYS A 63 13.13 12.33 -6.20
CA LYS A 63 14.14 12.89 -5.30
C LYS A 63 13.78 14.31 -4.89
N VAL A 64 13.63 15.19 -5.88
CA VAL A 64 13.28 16.58 -5.62
C VAL A 64 11.80 16.72 -5.26
N LEU A 65 11.47 17.79 -4.54
CA LEU A 65 10.09 18.04 -4.14
C LEU A 65 9.54 19.29 -4.81
N ASN A 66 8.23 19.30 -5.04
CA ASN A 66 7.58 20.43 -5.68
C ASN A 66 7.72 21.70 -4.84
N PRO A 67 7.75 22.86 -5.50
CA PRO A 67 7.89 24.15 -4.83
C PRO A 67 6.64 24.53 -4.05
N ARG A 68 6.80 24.75 -2.75
CA ARG A 68 5.68 25.12 -1.88
C ARG A 68 5.09 26.46 -2.30
N GLY A 69 3.78 26.49 -2.47
CA GLY A 69 3.11 27.72 -2.87
C GLY A 69 3.16 28.78 -1.79
N LEU A 70 1.99 29.28 -1.39
CA LEU A 70 1.90 30.31 -0.36
C LEU A 70 1.51 29.69 0.98
N ARG A 71 1.46 30.54 2.00
CA ARG A 71 1.10 30.08 3.35
C ARG A 71 -0.27 30.62 3.75
N TYR A 72 -0.88 29.99 4.76
CA TYR A 72 -2.19 30.40 5.24
C TYR A 72 -2.24 31.91 5.47
N SER A 73 -3.30 32.55 4.98
CA SER A 73 -3.46 33.99 5.14
C SER A 73 -4.12 34.32 6.47
N SER A 74 -5.35 33.83 6.64
CA SER A 74 -6.09 34.08 7.88
C SER A 74 -7.40 33.28 7.89
N GLY A 75 -8.04 33.23 9.05
CA GLY A 75 -9.29 32.50 9.17
C GLY A 75 -10.25 33.16 10.14
N PRO A 76 -11.27 33.85 9.59
CA PRO A 76 -12.28 34.54 10.40
C PRO A 76 -13.20 33.57 11.12
N SER A 77 -13.88 34.07 12.16
CA SER A 77 -14.79 33.24 12.94
C SER A 77 -16.19 33.87 12.99
N SER A 78 -17.18 33.13 12.51
CA SER A 78 -18.55 33.62 12.49
C SER A 78 -19.18 33.52 13.89
N GLY A 79 -19.25 32.31 14.42
CA GLY A 79 -19.82 32.10 15.74
C GLY A 79 -21.00 31.15 15.72
ZN ZN B . -11.06 5.38 -3.25
N GLY A 1 -7.64 -34.18 0.63
CA GLY A 1 -7.57 -33.00 -0.20
C GLY A 1 -7.69 -33.31 -1.68
N SER A 2 -6.96 -32.56 -2.50
CA SER A 2 -6.99 -32.77 -3.94
C SER A 2 -5.94 -31.90 -4.64
N SER A 3 -5.22 -32.51 -5.58
CA SER A 3 -4.17 -31.81 -6.31
C SER A 3 -4.39 -31.91 -7.81
N GLY A 4 -4.09 -30.84 -8.53
CA GLY A 4 -4.26 -30.83 -9.96
C GLY A 4 -2.94 -30.95 -10.71
N SER A 5 -2.78 -32.04 -11.46
CA SER A 5 -1.57 -32.28 -12.22
C SER A 5 -1.56 -31.48 -13.51
N SER A 6 -1.95 -30.21 -13.41
CA SER A 6 -2.00 -29.33 -14.59
C SER A 6 -0.59 -29.02 -15.09
N GLY A 7 0.25 -28.49 -14.20
CA GLY A 7 1.61 -28.15 -14.56
C GLY A 7 2.26 -27.21 -13.57
N VAL A 8 2.97 -26.21 -14.08
CA VAL A 8 3.64 -25.24 -13.24
C VAL A 8 3.05 -23.85 -13.41
N ARG A 9 2.92 -23.12 -12.30
CA ARG A 9 2.36 -21.77 -12.33
C ARG A 9 2.71 -21.02 -11.05
N GLU A 10 2.93 -19.72 -11.18
CA GLU A 10 3.27 -18.88 -10.04
C GLU A 10 2.01 -18.30 -9.40
N ALA A 11 1.88 -18.51 -8.10
CA ALA A 11 0.72 -18.00 -7.35
C ALA A 11 1.11 -16.84 -6.45
N ARG A 12 0.47 -15.69 -6.67
CA ARG A 12 0.75 -14.49 -5.88
C ARG A 12 -0.55 -13.80 -5.47
N SER A 13 -0.50 -13.08 -4.36
CA SER A 13 -1.67 -12.36 -3.86
C SER A 13 -1.54 -10.87 -4.11
N TYR A 14 -2.40 -10.34 -4.98
CA TYR A 14 -2.37 -8.92 -5.31
C TYR A 14 -3.59 -8.20 -4.72
N ILE A 15 -3.59 -6.87 -4.81
CA ILE A 15 -4.69 -6.08 -4.29
C ILE A 15 -4.74 -4.71 -4.96
N LEU A 16 -5.89 -4.06 -4.89
CA LEU A 16 -6.08 -2.74 -5.49
C LEU A 16 -5.96 -1.65 -4.43
N ARG A 17 -4.95 -0.80 -4.58
CA ARG A 17 -4.72 0.30 -3.64
C ARG A 17 -5.14 1.63 -4.25
N CYS A 18 -6.38 2.03 -3.98
CA CYS A 18 -6.89 3.29 -4.50
C CYS A 18 -5.89 4.42 -4.32
N HIS A 19 -6.16 5.56 -4.95
CA HIS A 19 -5.26 6.71 -4.86
C HIS A 19 -5.97 7.90 -4.21
N GLY A 20 -7.15 8.24 -4.73
CA GLY A 20 -7.90 9.35 -4.18
C GLY A 20 -8.16 9.19 -2.70
N CYS A 21 -8.06 7.97 -2.21
CA CYS A 21 -8.29 7.68 -0.79
C CYS A 21 -7.19 6.78 -0.23
N PHE A 22 -6.25 6.40 -1.09
CA PHE A 22 -5.16 5.53 -0.68
C PHE A 22 -5.67 4.33 0.11
N LYS A 23 -6.86 3.85 -0.26
CA LYS A 23 -7.46 2.71 0.41
C LYS A 23 -7.24 1.43 -0.39
N THR A 24 -7.27 0.29 0.30
CA THR A 24 -7.06 -1.00 -0.35
C THR A 24 -8.33 -1.86 -0.26
N THR A 25 -8.56 -2.65 -1.31
CA THR A 25 -9.74 -3.51 -1.35
C THR A 25 -9.39 -4.87 -1.95
N SER A 26 -9.86 -5.94 -1.30
CA SER A 26 -9.60 -7.30 -1.77
C SER A 26 -10.42 -7.61 -3.01
N ASP A 27 -9.85 -7.33 -4.18
CA ASP A 27 -10.53 -7.57 -5.45
C ASP A 27 -9.61 -7.27 -6.63
N MET A 28 -9.77 -8.04 -7.70
CA MET A 28 -8.95 -7.85 -8.90
C MET A 28 -9.84 -7.62 -10.12
N ASN A 29 -11.07 -7.20 -9.89
CA ASN A 29 -12.01 -6.94 -10.97
C ASN A 29 -12.74 -5.63 -10.76
N ARG A 30 -13.04 -5.31 -9.51
CA ARG A 30 -13.75 -4.09 -9.16
C ARG A 30 -13.16 -2.90 -9.91
N VAL A 31 -13.99 -2.22 -10.70
CA VAL A 31 -13.55 -1.06 -11.46
C VAL A 31 -13.88 0.24 -10.74
N PHE A 32 -14.66 0.14 -9.68
CA PHE A 32 -15.05 1.31 -8.90
C PHE A 32 -14.73 1.10 -7.42
N CYS A 33 -14.10 2.10 -6.81
CA CYS A 33 -13.73 2.04 -5.41
C CYS A 33 -14.94 2.33 -4.52
N GLY A 34 -14.86 1.89 -3.26
CA GLY A 34 -15.94 2.12 -2.32
C GLY A 34 -15.65 3.25 -1.35
N HIS A 35 -14.43 3.27 -0.84
CA HIS A 35 -14.02 4.30 0.11
C HIS A 35 -14.40 5.69 -0.39
N CYS A 36 -13.89 6.05 -1.56
CA CYS A 36 -14.17 7.35 -2.16
C CYS A 36 -15.09 7.21 -3.36
N GLY A 37 -14.74 6.28 -4.26
CA GLY A 37 -15.54 6.05 -5.45
C GLY A 37 -14.75 6.27 -6.72
N ASN A 38 -13.44 6.10 -6.64
CA ASN A 38 -12.57 6.28 -7.80
C ASN A 38 -12.73 5.12 -8.78
N LYS A 39 -12.93 5.46 -10.05
CA LYS A 39 -13.10 4.45 -11.09
C LYS A 39 -11.75 3.92 -11.56
N THR A 40 -10.68 4.47 -10.99
CA THR A 40 -9.33 4.04 -11.36
C THR A 40 -8.60 3.46 -10.15
N LEU A 41 -8.20 2.20 -10.27
CA LEU A 41 -7.49 1.51 -9.19
C LEU A 41 -6.12 1.03 -9.66
N LYS A 42 -5.11 1.23 -8.81
CA LYS A 42 -3.75 0.82 -9.13
C LYS A 42 -3.45 -0.56 -8.54
N LYS A 43 -3.13 -1.51 -9.41
CA LYS A 43 -2.82 -2.87 -8.98
C LYS A 43 -1.48 -2.91 -8.26
N VAL A 44 -1.45 -3.59 -7.11
CA VAL A 44 -0.22 -3.71 -6.33
C VAL A 44 -0.10 -5.10 -5.72
N SER A 45 1.12 -5.64 -5.75
CA SER A 45 1.37 -6.98 -5.20
C SER A 45 1.64 -6.90 -3.71
N VAL A 46 1.35 -8.00 -3.01
CA VAL A 46 1.56 -8.05 -1.57
C VAL A 46 1.97 -9.46 -1.13
N THR A 47 2.65 -9.53 0.02
CA THR A 47 3.11 -10.81 0.54
C THR A 47 2.45 -11.13 1.88
N ILE A 48 2.17 -12.40 2.10
CA ILE A 48 1.54 -12.83 3.34
C ILE A 48 2.54 -13.52 4.27
N ASN A 49 3.07 -12.77 5.22
CA ASN A 49 4.04 -13.30 6.17
C ASN A 49 3.38 -14.26 7.15
N ASP A 50 4.16 -15.18 7.69
CA ASP A 50 3.64 -16.16 8.64
C ASP A 50 2.74 -15.49 9.68
N ASP A 51 3.23 -14.42 10.29
CA ASP A 51 2.46 -13.69 11.28
C ASP A 51 1.10 -13.29 10.74
N GLY A 52 1.10 -12.73 9.54
CA GLY A 52 -0.15 -12.30 8.91
C GLY A 52 -0.18 -10.81 8.63
N THR A 53 0.94 -10.29 8.13
CA THR A 53 1.04 -8.87 7.81
C THR A 53 1.07 -8.63 6.31
N LEU A 54 0.62 -7.46 5.88
CA LEU A 54 0.60 -7.12 4.46
C LEU A 54 1.83 -6.31 4.09
N HIS A 55 2.21 -6.38 2.81
CA HIS A 55 3.36 -5.64 2.32
C HIS A 55 3.03 -4.91 1.01
N MET A 56 3.14 -3.59 1.03
CA MET A 56 2.85 -2.78 -0.15
C MET A 56 4.01 -1.85 -0.47
N HIS A 57 4.52 -1.94 -1.70
CA HIS A 57 5.63 -1.10 -2.13
C HIS A 57 5.23 0.37 -2.17
N PHE A 58 6.12 1.24 -1.73
CA PHE A 58 5.85 2.68 -1.73
C PHE A 58 7.14 3.48 -1.89
N SER A 59 7.11 4.48 -2.76
CA SER A 59 8.28 5.32 -3.00
C SER A 59 8.88 5.81 -1.69
N ARG A 60 10.19 6.07 -1.71
CA ARG A 60 10.89 6.54 -0.52
C ARG A 60 10.27 7.85 -0.01
N ASN A 61 9.85 7.83 1.25
CA ASN A 61 9.24 9.01 1.87
C ASN A 61 9.96 9.38 3.16
N PRO A 62 9.80 10.64 3.59
CA PRO A 62 10.41 11.15 4.82
C PRO A 62 9.80 10.54 6.07
N LYS A 63 8.47 10.58 6.16
CA LYS A 63 7.76 10.04 7.29
C LYS A 63 7.96 10.91 8.54
N VAL A 64 8.25 12.19 8.31
CA VAL A 64 8.46 13.13 9.40
C VAL A 64 7.45 12.91 10.52
N LEU A 65 7.95 12.85 11.76
CA LEU A 65 7.09 12.64 12.92
C LEU A 65 7.67 13.32 14.15
N ASN A 66 6.79 13.69 15.08
CA ASN A 66 7.22 14.35 16.31
C ASN A 66 7.45 13.33 17.42
N PRO A 67 8.72 13.16 17.83
CA PRO A 67 9.09 12.23 18.88
C PRO A 67 8.61 12.68 20.26
N ARG A 68 8.49 11.73 21.19
CA ARG A 68 8.04 12.03 22.54
C ARG A 68 9.12 11.68 23.56
N GLY A 69 9.58 12.69 24.30
CA GLY A 69 10.60 12.47 25.30
C GLY A 69 10.34 11.23 26.13
N LEU A 70 9.40 11.35 27.07
CA LEU A 70 9.05 10.23 27.94
C LEU A 70 7.59 9.85 27.77
N ARG A 71 7.34 8.56 27.53
CA ARG A 71 5.98 8.07 27.35
C ARG A 71 5.21 8.11 28.67
N TYR A 72 3.89 8.00 28.58
CA TYR A 72 3.03 8.02 29.76
C TYR A 72 2.89 6.62 30.37
N SER A 73 2.33 6.56 31.56
CA SER A 73 2.14 5.29 32.25
C SER A 73 0.72 5.18 32.81
N SER A 74 0.42 4.04 33.42
CA SER A 74 -0.90 3.80 33.98
C SER A 74 -0.87 3.93 35.50
N GLY A 75 -2.05 3.98 36.11
CA GLY A 75 -2.14 4.11 37.55
C GLY A 75 -3.47 4.65 38.00
N PRO A 76 -4.41 3.75 38.33
CA PRO A 76 -5.75 4.13 38.78
C PRO A 76 -5.74 4.76 40.17
N SER A 77 -6.60 5.75 40.37
CA SER A 77 -6.68 6.44 41.66
C SER A 77 -8.03 7.16 41.81
N SER A 78 -8.67 6.95 42.95
CA SER A 78 -9.97 7.56 43.22
C SER A 78 -10.19 7.72 44.71
N GLY A 79 -11.32 8.33 45.08
CA GLY A 79 -11.64 8.53 46.47
C GLY A 79 -10.80 9.63 47.10
ZN ZN B . -11.00 5.19 -3.22
N GLY A 1 1.31 -41.33 2.85
CA GLY A 1 1.62 -39.98 3.30
C GLY A 1 2.58 -39.27 2.37
N SER A 2 2.87 -38.01 2.69
CA SER A 2 3.78 -37.22 1.86
C SER A 2 5.12 -37.93 1.68
N SER A 3 5.61 -37.93 0.44
CA SER A 3 6.88 -38.59 0.13
C SER A 3 7.98 -37.55 -0.05
N GLY A 4 7.77 -36.61 -0.95
CA GLY A 4 8.76 -35.58 -1.21
C GLY A 4 8.32 -34.22 -0.71
N SER A 5 8.57 -33.19 -1.51
CA SER A 5 8.20 -31.83 -1.14
C SER A 5 7.21 -31.25 -2.15
N SER A 6 6.22 -30.52 -1.63
CA SER A 6 5.20 -29.91 -2.48
C SER A 6 5.84 -28.99 -3.52
N GLY A 7 5.64 -29.32 -4.80
CA GLY A 7 6.20 -28.52 -5.87
C GLY A 7 5.15 -28.07 -6.87
N VAL A 8 4.12 -27.39 -6.38
CA VAL A 8 3.04 -26.91 -7.24
C VAL A 8 3.13 -25.40 -7.42
N ARG A 9 2.80 -24.94 -8.62
CA ARG A 9 2.85 -23.52 -8.95
C ARG A 9 2.49 -22.68 -7.72
N GLU A 10 3.29 -21.65 -7.46
CA GLU A 10 3.04 -20.78 -6.31
C GLU A 10 1.91 -19.79 -6.61
N ALA A 11 1.05 -19.58 -5.61
CA ALA A 11 -0.08 -18.67 -5.77
C ALA A 11 0.31 -17.25 -5.38
N ARG A 12 -0.03 -16.30 -6.25
CA ARG A 12 0.30 -14.89 -6.00
C ARG A 12 -0.91 -14.16 -5.43
N SER A 13 -0.64 -13.18 -4.58
CA SER A 13 -1.71 -12.40 -3.96
C SER A 13 -1.54 -10.90 -4.25
N TYR A 14 -2.42 -10.38 -5.09
CA TYR A 14 -2.37 -8.96 -5.46
C TYR A 14 -3.64 -8.24 -5.02
N ILE A 15 -3.53 -6.93 -4.86
CA ILE A 15 -4.67 -6.11 -4.44
C ILE A 15 -4.68 -4.78 -5.17
N LEU A 16 -5.83 -4.11 -5.14
CA LEU A 16 -5.97 -2.80 -5.80
C LEU A 16 -5.86 -1.67 -4.79
N ARG A 17 -4.81 -0.87 -4.93
CA ARG A 17 -4.58 0.26 -4.03
C ARG A 17 -5.13 1.55 -4.63
N CYS A 18 -6.19 2.07 -4.02
CA CYS A 18 -6.81 3.31 -4.49
C CYS A 18 -5.83 4.47 -4.42
N HIS A 19 -6.27 5.63 -4.90
CA HIS A 19 -5.43 6.82 -4.90
C HIS A 19 -6.04 7.91 -4.02
N GLY A 20 -7.13 8.50 -4.49
CA GLY A 20 -7.80 9.55 -3.75
C GLY A 20 -7.80 9.28 -2.25
N CYS A 21 -7.97 8.02 -1.88
CA CYS A 21 -8.01 7.63 -0.48
C CYS A 21 -6.77 6.81 -0.12
N PHE A 22 -6.25 6.07 -1.09
CA PHE A 22 -5.07 5.24 -0.88
C PHE A 22 -5.42 4.00 -0.07
N LYS A 23 -6.62 3.48 -0.28
CA LYS A 23 -7.08 2.29 0.43
C LYS A 23 -6.85 1.03 -0.40
N THR A 24 -7.20 -0.12 0.16
CA THR A 24 -7.05 -1.39 -0.52
C THR A 24 -8.32 -2.23 -0.45
N THR A 25 -8.74 -2.77 -1.59
CA THR A 25 -9.94 -3.59 -1.65
C THR A 25 -9.65 -4.95 -2.27
N SER A 26 -10.03 -6.01 -1.56
CA SER A 26 -9.80 -7.37 -2.03
C SER A 26 -10.66 -7.67 -3.27
N ASP A 27 -10.07 -7.42 -4.43
CA ASP A 27 -10.77 -7.66 -5.70
C ASP A 27 -9.83 -7.42 -6.89
N MET A 28 -9.91 -8.30 -7.88
CA MET A 28 -9.07 -8.17 -9.07
C MET A 28 -9.94 -7.96 -10.32
N ASN A 29 -11.17 -7.51 -10.11
CA ASN A 29 -12.09 -7.26 -11.21
C ASN A 29 -12.80 -5.92 -11.05
N ARG A 30 -13.10 -5.58 -9.81
CA ARG A 30 -13.78 -4.31 -9.51
C ARG A 30 -13.11 -3.15 -10.23
N VAL A 31 -13.85 -2.07 -10.42
CA VAL A 31 -13.32 -0.89 -11.10
C VAL A 31 -13.52 0.36 -10.25
N PHE A 32 -14.45 0.28 -9.30
CA PHE A 32 -14.72 1.41 -8.42
C PHE A 32 -14.23 1.13 -7.00
N CYS A 33 -14.03 2.19 -6.23
CA CYS A 33 -13.56 2.06 -4.86
C CYS A 33 -14.72 2.20 -3.87
N GLY A 34 -14.54 1.65 -2.68
CA GLY A 34 -15.57 1.73 -1.66
C GLY A 34 -15.44 2.96 -0.78
N HIS A 35 -14.23 3.19 -0.28
CA HIS A 35 -13.97 4.34 0.58
C HIS A 35 -14.39 5.64 -0.10
N CYS A 36 -13.71 5.96 -1.20
CA CYS A 36 -14.02 7.17 -1.95
C CYS A 36 -14.75 6.85 -3.25
N GLY A 37 -14.23 5.87 -3.99
CA GLY A 37 -14.85 5.48 -5.24
C GLY A 37 -14.17 6.11 -6.44
N ASN A 38 -13.19 5.41 -7.00
CA ASN A 38 -12.46 5.91 -8.17
C ASN A 38 -12.58 4.94 -9.34
N LYS A 39 -12.63 5.48 -10.55
CA LYS A 39 -12.73 4.67 -11.75
C LYS A 39 -11.36 4.17 -12.19
N THR A 40 -10.34 4.47 -11.40
CA THR A 40 -8.98 4.05 -11.70
C THR A 40 -8.32 3.41 -10.50
N LEU A 41 -7.96 2.13 -10.64
CA LEU A 41 -7.32 1.39 -9.56
C LEU A 41 -5.97 0.82 -10.01
N LYS A 42 -4.95 1.04 -9.19
CA LYS A 42 -3.61 0.55 -9.50
C LYS A 42 -3.36 -0.80 -8.84
N LYS A 43 -2.97 -1.79 -9.66
CA LYS A 43 -2.71 -3.13 -9.17
C LYS A 43 -1.35 -3.19 -8.46
N VAL A 44 -1.33 -3.79 -7.28
CA VAL A 44 -0.09 -3.92 -6.51
C VAL A 44 -0.02 -5.27 -5.81
N SER A 45 1.20 -5.78 -5.68
CA SER A 45 1.41 -7.07 -5.04
C SER A 45 1.65 -6.91 -3.54
N VAL A 46 1.14 -7.85 -2.76
CA VAL A 46 1.30 -7.81 -1.30
C VAL A 46 1.63 -9.19 -0.74
N THR A 47 2.61 -9.23 0.16
CA THR A 47 3.02 -10.49 0.76
C THR A 47 2.20 -10.79 2.02
N ILE A 48 2.10 -12.07 2.36
CA ILE A 48 1.35 -12.49 3.54
C ILE A 48 2.24 -12.53 4.77
N ASN A 49 1.91 -11.72 5.76
CA ASN A 49 2.68 -11.66 7.00
C ASN A 49 2.07 -12.57 8.07
N ASP A 50 2.89 -13.02 9.01
CA ASP A 50 2.42 -13.87 10.08
C ASP A 50 1.15 -13.31 10.72
N ASP A 51 1.13 -12.02 10.95
CA ASP A 51 -0.02 -11.36 11.56
C ASP A 51 -0.97 -10.85 10.48
N GLY A 52 -1.13 -11.62 9.41
CA GLY A 52 -2.00 -11.24 8.33
C GLY A 52 -2.04 -9.73 8.12
N THR A 53 -1.00 -9.19 7.50
CA THR A 53 -0.92 -7.76 7.25
C THR A 53 -0.41 -7.48 5.84
N LEU A 54 -1.01 -6.51 5.17
CA LEU A 54 -0.63 -6.14 3.81
C LEU A 54 0.84 -5.76 3.76
N HIS A 55 1.33 -5.49 2.55
CA HIS A 55 2.73 -5.11 2.36
C HIS A 55 2.96 -4.56 0.95
N MET A 56 3.51 -3.36 0.88
CA MET A 56 3.78 -2.71 -0.40
C MET A 56 5.19 -2.13 -0.43
N HIS A 57 5.78 -2.08 -1.62
CA HIS A 57 7.13 -1.53 -1.78
C HIS A 57 7.08 -0.03 -2.04
N PHE A 58 7.86 0.73 -1.26
CA PHE A 58 7.90 2.18 -1.40
C PHE A 58 9.27 2.71 -0.99
N SER A 59 9.60 3.90 -1.50
CA SER A 59 10.88 4.53 -1.19
C SER A 59 10.69 5.78 -0.35
N ARG A 60 11.45 5.87 0.74
CA ARG A 60 11.36 7.01 1.64
C ARG A 60 12.14 8.20 1.09
N ASN A 61 11.43 9.19 0.56
CA ASN A 61 12.06 10.38 0.00
C ASN A 61 11.96 11.55 0.98
N PRO A 62 12.93 12.48 0.89
CA PRO A 62 12.98 13.66 1.74
C PRO A 62 11.86 14.65 1.42
N LYS A 63 10.88 14.73 2.30
CA LYS A 63 9.74 15.63 2.12
C LYS A 63 10.08 17.03 2.65
N VAL A 64 10.41 17.94 1.74
CA VAL A 64 10.75 19.31 2.11
C VAL A 64 9.58 20.25 1.86
N LEU A 65 9.61 21.41 2.51
CA LEU A 65 8.55 22.39 2.36
C LEU A 65 9.11 23.81 2.43
N ASN A 66 8.30 24.79 2.03
CA ASN A 66 8.72 26.18 2.05
C ASN A 66 9.56 26.48 3.29
N PRO A 67 10.59 27.32 3.12
CA PRO A 67 11.49 27.70 4.21
C PRO A 67 10.80 28.60 5.23
N ARG A 68 11.36 28.64 6.44
CA ARG A 68 10.80 29.48 7.50
C ARG A 68 10.30 30.81 6.95
N GLY A 69 9.25 31.34 7.56
CA GLY A 69 8.69 32.61 7.13
C GLY A 69 8.60 33.62 8.24
N LEU A 70 7.84 33.29 9.28
CA LEU A 70 7.67 34.18 10.43
C LEU A 70 9.01 34.78 10.84
N ARG A 71 9.02 36.11 11.03
CA ARG A 71 10.24 36.80 11.43
C ARG A 71 9.93 37.84 12.52
N TYR A 72 10.98 38.47 13.03
CA TYR A 72 10.82 39.48 14.07
C TYR A 72 10.91 40.89 13.48
N SER A 73 10.60 41.88 14.30
CA SER A 73 10.64 43.27 13.88
C SER A 73 11.71 44.05 14.65
N SER A 74 12.17 45.14 14.05
CA SER A 74 13.20 45.97 14.66
C SER A 74 12.68 47.39 14.90
N GLY A 75 13.40 48.13 15.73
CA GLY A 75 13.00 49.50 16.02
C GLY A 75 14.05 50.52 15.61
N PRO A 76 13.59 51.69 15.17
CA PRO A 76 14.48 52.78 14.73
C PRO A 76 15.23 53.40 15.90
N SER A 77 16.11 54.37 15.59
CA SER A 77 16.89 55.04 16.61
C SER A 77 16.91 56.55 16.37
N SER A 78 17.36 57.29 17.37
CA SER A 78 17.42 58.76 17.28
C SER A 78 18.70 59.28 17.93
N GLY A 79 18.88 60.60 17.85
CA GLY A 79 20.05 61.21 18.44
C GLY A 79 19.81 62.65 18.88
ZN ZN B . -10.75 5.18 -2.78
N GLY A 1 -7.54 -36.96 -9.79
CA GLY A 1 -6.27 -36.50 -9.27
C GLY A 1 -5.09 -36.87 -10.15
N SER A 2 -3.97 -36.20 -9.96
CA SER A 2 -2.77 -36.47 -10.75
C SER A 2 -1.74 -37.24 -9.93
N SER A 3 -1.65 -38.55 -10.17
CA SER A 3 -0.70 -39.39 -9.45
C SER A 3 0.61 -38.64 -9.20
N GLY A 4 1.09 -37.94 -10.20
CA GLY A 4 2.33 -37.19 -10.06
C GLY A 4 2.16 -35.72 -10.39
N SER A 5 1.56 -34.98 -9.46
CA SER A 5 1.33 -33.55 -9.65
C SER A 5 2.61 -32.86 -10.13
N SER A 6 2.53 -32.25 -11.30
CA SER A 6 3.69 -31.55 -11.87
C SER A 6 3.23 -30.37 -12.73
N GLY A 7 4.07 -29.34 -12.82
CA GLY A 7 3.75 -28.18 -13.60
C GLY A 7 2.78 -27.25 -12.89
N VAL A 8 3.22 -26.69 -11.76
CA VAL A 8 2.38 -25.79 -10.98
C VAL A 8 3.00 -24.39 -10.93
N ARG A 9 2.19 -23.38 -11.25
CA ARG A 9 2.66 -22.00 -11.23
C ARG A 9 2.52 -21.40 -9.84
N GLU A 10 3.19 -20.26 -9.62
CA GLU A 10 3.15 -19.59 -8.33
C GLU A 10 1.85 -18.80 -8.17
N ALA A 11 1.40 -18.67 -6.93
CA ALA A 11 0.17 -17.93 -6.65
C ALA A 11 0.46 -16.69 -5.83
N ARG A 12 0.43 -15.53 -6.48
CA ARG A 12 0.69 -14.26 -5.80
C ARG A 12 -0.61 -13.52 -5.52
N SER A 13 -0.74 -12.99 -4.31
CA SER A 13 -1.94 -12.27 -3.91
C SER A 13 -1.79 -10.77 -4.22
N TYR A 14 -2.53 -10.30 -5.21
CA TYR A 14 -2.49 -8.90 -5.61
C TYR A 14 -3.76 -8.18 -5.18
N ILE A 15 -3.66 -6.87 -5.03
CA ILE A 15 -4.80 -6.05 -4.63
C ILE A 15 -4.79 -4.70 -5.34
N LEU A 16 -5.92 -4.01 -5.30
CA LEU A 16 -6.03 -2.70 -5.93
C LEU A 16 -5.97 -1.58 -4.89
N ARG A 17 -4.90 -0.78 -4.98
CA ARG A 17 -4.71 0.33 -4.04
C ARG A 17 -5.21 1.64 -4.65
N CYS A 18 -6.25 2.21 -4.06
CA CYS A 18 -6.82 3.46 -4.55
C CYS A 18 -5.86 4.63 -4.29
N HIS A 19 -6.13 5.76 -4.92
CA HIS A 19 -5.30 6.94 -4.75
C HIS A 19 -6.11 8.11 -4.19
N GLY A 20 -7.23 8.41 -4.84
CA GLY A 20 -8.08 9.49 -4.39
C GLY A 20 -8.36 9.43 -2.90
N CYS A 21 -8.17 8.25 -2.32
CA CYS A 21 -8.41 8.06 -0.89
C CYS A 21 -7.27 7.27 -0.25
N PHE A 22 -6.58 6.45 -1.05
CA PHE A 22 -5.47 5.64 -0.57
C PHE A 22 -5.98 4.47 0.25
N LYS A 23 -7.04 3.82 -0.23
CA LYS A 23 -7.63 2.67 0.45
C LYS A 23 -7.40 1.39 -0.34
N THR A 24 -7.14 0.30 0.37
CA THR A 24 -6.91 -0.99 -0.28
C THR A 24 -8.15 -1.88 -0.19
N THR A 25 -8.48 -2.55 -1.28
CA THR A 25 -9.64 -3.43 -1.32
C THR A 25 -9.29 -4.76 -1.96
N SER A 26 -9.58 -5.85 -1.25
CA SER A 26 -9.29 -7.19 -1.75
C SER A 26 -10.16 -7.52 -2.95
N ASP A 27 -9.66 -7.20 -4.14
CA ASP A 27 -10.39 -7.46 -5.38
C ASP A 27 -9.54 -7.10 -6.59
N MET A 28 -9.55 -7.98 -7.60
CA MET A 28 -8.79 -7.75 -8.82
C MET A 28 -9.71 -7.59 -10.03
N ASN A 29 -10.96 -7.23 -9.75
CA ASN A 29 -11.94 -7.03 -10.81
C ASN A 29 -12.73 -5.74 -10.60
N ARG A 30 -13.00 -5.42 -9.34
CA ARG A 30 -13.74 -4.21 -9.00
C ARG A 30 -13.21 -3.01 -9.76
N VAL A 31 -14.10 -2.35 -10.51
CA VAL A 31 -13.71 -1.19 -11.31
C VAL A 31 -13.88 0.10 -10.50
N PHE A 32 -14.66 0.02 -9.43
CA PHE A 32 -14.90 1.17 -8.57
C PHE A 32 -14.36 0.94 -7.16
N CYS A 33 -14.10 2.02 -6.45
CA CYS A 33 -13.58 1.93 -5.09
C CYS A 33 -14.71 2.02 -4.06
N GLY A 34 -14.44 1.54 -2.85
CA GLY A 34 -15.45 1.57 -1.81
C GLY A 34 -15.33 2.81 -0.94
N HIS A 35 -14.10 3.15 -0.56
CA HIS A 35 -13.86 4.32 0.27
C HIS A 35 -14.39 5.59 -0.39
N CYS A 36 -13.83 5.91 -1.56
CA CYS A 36 -14.23 7.11 -2.29
C CYS A 36 -15.05 6.72 -3.53
N GLY A 37 -14.51 5.77 -4.31
CA GLY A 37 -15.20 5.33 -5.50
C GLY A 37 -14.63 5.97 -6.76
N ASN A 38 -13.56 5.39 -7.29
CA ASN A 38 -12.92 5.90 -8.49
C ASN A 38 -12.98 4.89 -9.62
N LYS A 39 -12.96 5.38 -10.86
CA LYS A 39 -13.02 4.51 -12.02
C LYS A 39 -11.61 4.11 -12.47
N THR A 40 -10.62 4.38 -11.61
CA THR A 40 -9.23 4.05 -11.92
C THR A 40 -8.52 3.49 -10.70
N LEU A 41 -8.11 2.23 -10.79
CA LEU A 41 -7.41 1.57 -9.69
C LEU A 41 -6.06 1.03 -10.16
N LYS A 42 -5.05 1.17 -9.32
CA LYS A 42 -3.71 0.68 -9.62
C LYS A 42 -3.44 -0.66 -8.95
N LYS A 43 -2.92 -1.61 -9.73
CA LYS A 43 -2.61 -2.93 -9.21
C LYS A 43 -1.33 -2.91 -8.38
N VAL A 44 -1.35 -3.62 -7.25
CA VAL A 44 -0.17 -3.69 -6.38
C VAL A 44 -0.02 -5.06 -5.76
N SER A 45 1.21 -5.54 -5.67
CA SER A 45 1.49 -6.85 -5.10
C SER A 45 1.63 -6.77 -3.58
N VAL A 46 1.20 -7.81 -2.89
CA VAL A 46 1.28 -7.86 -1.43
C VAL A 46 1.61 -9.26 -0.94
N THR A 47 2.54 -9.34 0.00
CA THR A 47 2.95 -10.63 0.55
C THR A 47 2.12 -11.00 1.77
N ILE A 48 1.96 -12.30 2.00
CA ILE A 48 1.18 -12.78 3.14
C ILE A 48 2.06 -13.55 4.12
N ASN A 49 1.88 -13.28 5.41
CA ASN A 49 2.65 -13.95 6.45
C ASN A 49 1.80 -14.97 7.20
N ASP A 50 2.46 -15.96 7.78
CA ASP A 50 1.75 -16.99 8.53
C ASP A 50 0.64 -16.39 9.39
N ASP A 51 0.99 -15.36 10.15
CA ASP A 51 0.02 -14.69 11.02
C ASP A 51 -1.09 -14.06 10.20
N GLY A 52 -0.71 -13.39 9.12
CA GLY A 52 -1.69 -12.74 8.27
C GLY A 52 -1.51 -11.24 8.20
N THR A 53 -0.46 -10.80 7.50
CA THR A 53 -0.16 -9.39 7.36
C THR A 53 0.00 -8.99 5.91
N LEU A 54 -0.12 -7.70 5.63
CA LEU A 54 0.03 -7.20 4.26
C LEU A 54 1.27 -6.32 4.13
N HIS A 55 1.96 -6.46 3.01
CA HIS A 55 3.16 -5.69 2.75
C HIS A 55 3.11 -5.03 1.37
N MET A 56 2.89 -3.72 1.35
CA MET A 56 2.81 -2.98 0.11
C MET A 56 4.10 -2.21 -0.15
N HIS A 57 4.91 -2.70 -1.09
CA HIS A 57 6.17 -2.06 -1.43
C HIS A 57 5.94 -0.87 -2.35
N PHE A 58 6.65 0.23 -2.09
CA PHE A 58 6.53 1.43 -2.90
C PHE A 58 7.76 2.32 -2.74
N SER A 59 7.76 3.44 -3.46
CA SER A 59 8.88 4.37 -3.40
C SER A 59 8.53 5.59 -2.57
N ARG A 60 9.24 5.76 -1.45
CA ARG A 60 9.01 6.89 -0.56
C ARG A 60 9.75 8.13 -1.04
N ASN A 61 9.12 9.29 -0.90
CA ASN A 61 9.71 10.55 -1.32
C ASN A 61 10.76 11.02 -0.32
N PRO A 62 11.83 11.65 -0.83
CA PRO A 62 12.92 12.16 0.00
C PRO A 62 12.50 13.35 0.84
N LYS A 63 13.47 13.95 1.54
CA LYS A 63 13.19 15.11 2.39
C LYS A 63 13.90 16.34 1.86
N VAL A 64 13.30 16.99 0.86
CA VAL A 64 13.87 18.19 0.27
C VAL A 64 14.23 19.22 1.35
N LEU A 65 15.00 20.22 0.95
CA LEU A 65 15.41 21.27 1.87
C LEU A 65 14.96 22.65 1.38
N ASN A 66 13.71 22.98 1.65
CA ASN A 66 13.15 24.26 1.24
C ASN A 66 13.92 25.42 1.86
N PRO A 67 13.92 26.57 1.18
CA PRO A 67 14.62 27.77 1.66
C PRO A 67 13.96 28.37 2.90
N ARG A 68 14.75 28.56 3.95
CA ARG A 68 14.25 29.13 5.19
C ARG A 68 13.28 30.27 4.91
N GLY A 69 13.72 31.22 4.10
CA GLY A 69 12.89 32.37 3.77
C GLY A 69 13.67 33.66 3.72
N LEU A 70 14.40 33.95 4.80
CA LEU A 70 15.20 35.17 4.88
C LEU A 70 15.94 35.43 3.56
N ARG A 71 15.43 36.36 2.76
CA ARG A 71 16.04 36.69 1.48
C ARG A 71 17.16 37.71 1.68
N TYR A 72 18.09 37.73 0.73
CA TYR A 72 19.22 38.66 0.79
C TYR A 72 18.81 40.05 0.30
N SER A 73 19.55 41.06 0.73
CA SER A 73 19.27 42.44 0.34
C SER A 73 19.31 42.59 -1.18
N SER A 74 18.95 43.78 -1.66
CA SER A 74 18.94 44.06 -3.08
C SER A 74 20.10 44.96 -3.48
N GLY A 75 20.43 44.97 -4.76
CA GLY A 75 21.52 45.80 -5.24
C GLY A 75 21.23 46.42 -6.60
N PRO A 76 21.87 47.57 -6.87
CA PRO A 76 21.68 48.29 -8.14
C PRO A 76 22.30 47.55 -9.32
N SER A 77 22.18 48.13 -10.51
CA SER A 77 22.72 47.53 -11.72
C SER A 77 23.84 48.37 -12.30
N SER A 78 24.48 47.87 -13.34
CA SER A 78 25.57 48.58 -13.99
C SER A 78 25.10 49.24 -15.29
N GLY A 79 25.99 50.01 -15.92
CA GLY A 79 25.65 50.67 -17.16
C GLY A 79 26.15 49.94 -18.38
ZN ZN B . -10.90 5.25 -3.14
N GLY A 1 -0.15 -23.39 6.72
CA GLY A 1 0.15 -24.05 5.46
C GLY A 1 1.50 -24.75 5.48
N SER A 2 1.48 -26.06 5.69
CA SER A 2 2.72 -26.85 5.73
C SER A 2 2.64 -28.02 4.77
N SER A 3 3.55 -28.05 3.80
CA SER A 3 3.60 -29.12 2.81
C SER A 3 4.85 -29.03 1.96
N GLY A 4 5.34 -30.18 1.50
CA GLY A 4 6.52 -30.21 0.67
C GLY A 4 6.61 -29.02 -0.27
N SER A 5 7.83 -28.51 -0.45
CA SER A 5 8.05 -27.35 -1.33
C SER A 5 8.93 -27.73 -2.51
N SER A 6 8.65 -28.88 -3.12
CA SER A 6 9.43 -29.36 -4.26
C SER A 6 9.00 -28.63 -5.53
N GLY A 7 9.75 -27.59 -5.89
CA GLY A 7 9.45 -26.83 -7.09
C GLY A 7 7.99 -26.44 -7.17
N VAL A 8 7.45 -25.94 -6.07
CA VAL A 8 6.05 -25.53 -6.03
C VAL A 8 5.90 -24.04 -6.34
N ARG A 9 4.89 -23.71 -7.14
CA ARG A 9 4.65 -22.32 -7.52
C ARG A 9 3.83 -21.61 -6.45
N GLU A 10 4.36 -20.50 -5.95
CA GLU A 10 3.68 -19.72 -4.92
C GLU A 10 2.65 -18.79 -5.54
N ALA A 11 1.49 -18.70 -4.90
CA ALA A 11 0.41 -17.85 -5.38
C ALA A 11 0.68 -16.38 -5.03
N ARG A 12 0.64 -15.52 -6.04
CA ARG A 12 0.88 -14.10 -5.85
C ARG A 12 -0.43 -13.37 -5.56
N SER A 13 -0.61 -12.97 -4.30
CA SER A 13 -1.82 -12.26 -3.89
C SER A 13 -1.67 -10.76 -4.13
N TYR A 14 -2.46 -10.24 -5.07
CA TYR A 14 -2.41 -8.83 -5.40
C TYR A 14 -3.68 -8.12 -4.93
N ILE A 15 -3.58 -6.82 -4.73
CA ILE A 15 -4.73 -6.02 -4.29
C ILE A 15 -4.78 -4.68 -5.01
N LEU A 16 -5.96 -4.08 -5.04
CA LEU A 16 -6.15 -2.78 -5.69
C LEU A 16 -6.12 -1.64 -4.67
N ARG A 17 -5.10 -0.81 -4.76
CA ARG A 17 -4.96 0.32 -3.85
C ARG A 17 -5.38 1.63 -4.53
N CYS A 18 -6.50 2.18 -4.08
CA CYS A 18 -7.01 3.42 -4.65
C CYS A 18 -6.00 4.56 -4.47
N HIS A 19 -6.34 5.72 -5.00
CA HIS A 19 -5.46 6.88 -4.91
C HIS A 19 -6.14 8.01 -4.12
N GLY A 20 -7.14 8.63 -4.73
CA GLY A 20 -7.85 9.71 -4.07
C GLY A 20 -8.05 9.46 -2.59
N CYS A 21 -8.05 8.19 -2.20
CA CYS A 21 -8.22 7.82 -0.80
C CYS A 21 -7.11 6.89 -0.34
N PHE A 22 -6.25 6.49 -1.27
CA PHE A 22 -5.14 5.61 -0.96
C PHE A 22 -5.61 4.42 -0.13
N LYS A 23 -6.80 3.92 -0.45
CA LYS A 23 -7.37 2.77 0.26
C LYS A 23 -7.07 1.47 -0.45
N THR A 24 -7.53 0.36 0.11
CA THR A 24 -7.32 -0.95 -0.47
C THR A 24 -8.59 -1.79 -0.45
N THR A 25 -8.74 -2.67 -1.44
CA THR A 25 -9.91 -3.53 -1.52
C THR A 25 -9.56 -4.88 -2.13
N SER A 26 -9.69 -5.94 -1.34
CA SER A 26 -9.38 -7.29 -1.79
C SER A 26 -10.30 -7.69 -2.94
N ASP A 27 -9.86 -7.43 -4.16
CA ASP A 27 -10.63 -7.76 -5.35
C ASP A 27 -9.86 -7.44 -6.63
N MET A 28 -9.44 -8.49 -7.33
CA MET A 28 -8.69 -8.31 -8.57
C MET A 28 -9.63 -8.26 -9.78
N ASN A 29 -10.84 -7.79 -9.55
CA ASN A 29 -11.83 -7.68 -10.62
C ASN A 29 -12.54 -6.34 -10.59
N ARG A 30 -12.78 -5.83 -9.38
CA ARG A 30 -13.45 -4.55 -9.22
C ARG A 30 -12.66 -3.43 -9.89
N VAL A 31 -13.37 -2.45 -10.45
CA VAL A 31 -12.73 -1.33 -11.12
C VAL A 31 -13.05 -0.02 -10.41
N PHE A 32 -14.08 -0.04 -9.56
CA PHE A 32 -14.48 1.15 -8.82
C PHE A 32 -13.99 1.09 -7.37
N CYS A 33 -14.17 2.18 -6.65
CA CYS A 33 -13.75 2.25 -5.25
C CYS A 33 -14.94 2.47 -4.34
N GLY A 34 -14.81 2.03 -3.09
CA GLY A 34 -15.89 2.18 -2.13
C GLY A 34 -15.66 3.35 -1.18
N HIS A 35 -14.45 3.45 -0.66
CA HIS A 35 -14.10 4.52 0.27
C HIS A 35 -14.55 5.88 -0.28
N CYS A 36 -13.87 6.33 -1.32
CA CYS A 36 -14.20 7.62 -1.94
C CYS A 36 -15.16 7.43 -3.10
N GLY A 37 -14.87 6.47 -3.97
CA GLY A 37 -15.72 6.21 -5.11
C GLY A 37 -15.03 6.47 -6.44
N ASN A 38 -13.70 6.37 -6.43
CA ASN A 38 -12.92 6.60 -7.64
C ASN A 38 -13.25 5.56 -8.71
N LYS A 39 -13.00 5.91 -9.96
CA LYS A 39 -13.26 5.02 -11.08
C LYS A 39 -11.97 4.41 -11.62
N THR A 40 -10.89 4.62 -10.88
CA THR A 40 -9.58 4.10 -11.28
C THR A 40 -8.83 3.53 -10.09
N LEU A 41 -8.38 2.28 -10.22
CA LEU A 41 -7.63 1.62 -9.14
C LEU A 41 -6.23 1.23 -9.61
N LYS A 42 -5.27 1.29 -8.68
CA LYS A 42 -3.90 0.94 -9.00
C LYS A 42 -3.53 -0.43 -8.42
N LYS A 43 -3.21 -1.37 -9.29
CA LYS A 43 -2.85 -2.71 -8.87
C LYS A 43 -1.49 -2.71 -8.17
N VAL A 44 -1.40 -3.45 -7.07
CA VAL A 44 -0.16 -3.54 -6.31
C VAL A 44 0.06 -4.94 -5.77
N SER A 45 1.32 -5.31 -5.57
CA SER A 45 1.67 -6.64 -5.07
C SER A 45 1.76 -6.64 -3.55
N VAL A 46 1.13 -7.62 -2.92
CA VAL A 46 1.14 -7.74 -1.47
C VAL A 46 1.40 -9.17 -1.02
N THR A 47 2.45 -9.36 -0.24
CA THR A 47 2.82 -10.69 0.25
C THR A 47 2.05 -11.02 1.53
N ILE A 48 1.74 -12.30 1.71
CA ILE A 48 1.02 -12.76 2.89
C ILE A 48 1.93 -13.54 3.82
N ASN A 49 2.25 -12.94 4.96
CA ASN A 49 3.11 -13.58 5.95
C ASN A 49 2.30 -14.50 6.86
N ASP A 50 2.99 -15.50 7.42
CA ASP A 50 2.33 -16.46 8.31
C ASP A 50 1.31 -15.74 9.20
N ASP A 51 1.78 -14.79 9.99
CA ASP A 51 0.91 -14.04 10.90
C ASP A 51 -0.34 -13.55 10.16
N GLY A 52 -0.13 -12.92 9.01
CA GLY A 52 -1.24 -12.42 8.23
C GLY A 52 -1.15 -10.92 8.00
N THR A 53 0.02 -10.46 7.54
CA THR A 53 0.23 -9.04 7.28
C THR A 53 0.45 -8.79 5.80
N LEU A 54 0.14 -7.57 5.37
CA LEU A 54 0.31 -7.19 3.96
C LEU A 54 1.58 -6.36 3.77
N HIS A 55 2.23 -6.56 2.62
CA HIS A 55 3.45 -5.83 2.32
C HIS A 55 3.33 -5.12 0.96
N MET A 56 3.13 -3.81 1.01
CA MET A 56 3.01 -3.01 -0.20
C MET A 56 4.37 -2.52 -0.67
N HIS A 57 4.55 -2.46 -1.99
CA HIS A 57 5.81 -2.01 -2.58
C HIS A 57 5.99 -0.51 -2.38
N PHE A 58 7.10 -0.13 -1.75
CA PHE A 58 7.39 1.27 -1.50
C PHE A 58 7.39 2.07 -2.79
N SER A 59 6.68 3.20 -2.78
CA SER A 59 6.59 4.06 -3.96
C SER A 59 7.00 5.49 -3.61
N ARG A 60 8.14 5.92 -4.15
CA ARG A 60 8.64 7.26 -3.91
C ARG A 60 7.67 8.31 -4.45
N ASN A 61 6.65 8.63 -3.66
CA ASN A 61 5.66 9.62 -4.06
C ASN A 61 5.52 10.71 -3.01
N PRO A 62 5.46 11.97 -3.47
CA PRO A 62 5.33 13.14 -2.59
C PRO A 62 3.97 13.21 -1.93
N LYS A 63 3.17 12.16 -2.12
CA LYS A 63 1.83 12.12 -1.53
C LYS A 63 1.79 11.17 -0.34
N VAL A 64 2.27 9.95 -0.55
CA VAL A 64 2.30 8.94 0.51
C VAL A 64 3.07 9.44 1.73
N LEU A 65 2.72 8.94 2.90
CA LEU A 65 3.39 9.33 4.14
C LEU A 65 3.87 8.10 4.90
N ASN A 66 4.97 8.28 5.64
CA ASN A 66 5.55 7.19 6.42
C ASN A 66 6.29 7.73 7.63
N PRO A 67 6.29 6.95 8.73
CA PRO A 67 6.96 7.33 9.97
C PRO A 67 8.48 7.30 9.85
N ARG A 68 9.16 7.97 10.77
CA ARG A 68 10.62 8.02 10.77
C ARG A 68 11.21 6.65 11.09
N GLY A 69 10.51 5.89 11.93
CA GLY A 69 10.98 4.57 12.29
C GLY A 69 10.42 4.11 13.62
N LEU A 70 10.19 2.80 13.73
CA LEU A 70 9.65 2.23 14.97
C LEU A 70 10.02 0.76 15.10
N ARG A 71 10.69 0.42 16.20
CA ARG A 71 11.10 -0.95 16.44
C ARG A 71 9.91 -1.90 16.42
N TYR A 72 10.15 -3.14 15.99
CA TYR A 72 9.10 -4.14 15.92
C TYR A 72 9.46 -5.37 16.75
N SER A 73 10.67 -5.87 16.56
CA SER A 73 11.13 -7.05 17.28
C SER A 73 10.78 -6.95 18.76
N SER A 74 9.72 -7.65 19.16
CA SER A 74 9.28 -7.63 20.55
C SER A 74 8.39 -8.84 20.85
N GLY A 75 8.43 -9.30 22.10
CA GLY A 75 7.64 -10.45 22.48
C GLY A 75 8.46 -11.70 22.69
N PRO A 76 9.14 -11.78 23.84
CA PRO A 76 9.99 -12.93 24.19
C PRO A 76 9.18 -14.19 24.47
N SER A 77 9.82 -15.34 24.35
CA SER A 77 9.16 -16.61 24.60
C SER A 77 8.99 -16.87 26.08
N SER A 78 10.08 -16.66 26.83
CA SER A 78 10.06 -16.87 28.27
C SER A 78 8.80 -16.29 28.90
N GLY A 79 8.12 -17.09 29.70
CA GLY A 79 6.90 -16.64 30.35
C GLY A 79 7.17 -15.79 31.57
ZN ZN B . -10.97 5.62 -3.44
N GLY A 1 -5.93 -35.21 -2.13
CA GLY A 1 -7.15 -34.51 -1.80
C GLY A 1 -7.21 -33.12 -2.40
N SER A 2 -6.90 -32.12 -1.60
CA SER A 2 -6.92 -30.73 -2.06
C SER A 2 -6.12 -30.58 -3.34
N SER A 3 -4.91 -31.14 -3.35
CA SER A 3 -4.04 -31.07 -4.52
C SER A 3 -4.57 -31.94 -5.65
N GLY A 4 -4.86 -31.32 -6.79
CA GLY A 4 -5.37 -32.07 -7.93
C GLY A 4 -6.03 -31.17 -8.95
N SER A 5 -5.58 -31.26 -10.19
CA SER A 5 -6.12 -30.45 -11.28
C SER A 5 -6.07 -28.97 -10.92
N SER A 6 -4.96 -28.55 -10.33
CA SER A 6 -4.78 -27.16 -9.93
C SER A 6 -3.97 -26.39 -10.98
N GLY A 7 -4.67 -25.55 -11.75
CA GLY A 7 -4.00 -24.77 -12.78
C GLY A 7 -2.62 -24.31 -12.35
N VAL A 8 -2.55 -23.13 -11.75
CA VAL A 8 -1.27 -22.58 -11.29
C VAL A 8 -0.90 -23.12 -9.92
N ARG A 9 0.23 -23.82 -9.85
CA ARG A 9 0.70 -24.39 -8.60
C ARG A 9 0.86 -23.31 -7.53
N GLU A 10 1.68 -22.31 -7.82
CA GLU A 10 1.91 -21.22 -6.88
C GLU A 10 0.99 -20.04 -7.19
N ALA A 11 -0.01 -19.84 -6.34
CA ALA A 11 -0.95 -18.74 -6.52
C ALA A 11 -0.39 -17.43 -5.98
N ARG A 12 -0.64 -16.34 -6.69
CA ARG A 12 -0.15 -15.03 -6.29
C ARG A 12 -1.24 -14.25 -5.57
N SER A 13 -0.82 -13.31 -4.71
CA SER A 13 -1.77 -12.50 -3.97
C SER A 13 -1.56 -11.01 -4.27
N TYR A 14 -2.52 -10.42 -4.98
CA TYR A 14 -2.44 -9.01 -5.34
C TYR A 14 -3.68 -8.27 -4.89
N ILE A 15 -3.53 -6.97 -4.63
CA ILE A 15 -4.66 -6.14 -4.20
C ILE A 15 -4.64 -4.79 -4.89
N LEU A 16 -5.78 -4.12 -4.89
CA LEU A 16 -5.90 -2.80 -5.52
C LEU A 16 -5.89 -1.70 -4.49
N ARG A 17 -4.86 -0.85 -4.54
CA ARG A 17 -4.73 0.26 -3.60
C ARG A 17 -5.20 1.56 -4.23
N CYS A 18 -6.44 1.94 -3.92
CA CYS A 18 -7.02 3.16 -4.45
C CYS A 18 -6.04 4.32 -4.34
N HIS A 19 -6.38 5.45 -4.96
CA HIS A 19 -5.52 6.63 -4.93
C HIS A 19 -6.25 7.81 -4.27
N GLY A 20 -7.46 8.08 -4.75
CA GLY A 20 -8.25 9.18 -4.20
C GLY A 20 -8.39 9.09 -2.69
N CYS A 21 -8.21 7.89 -2.16
CA CYS A 21 -8.34 7.66 -0.72
C CYS A 21 -7.16 6.83 -0.19
N PHE A 22 -6.46 6.17 -1.10
CA PHE A 22 -5.31 5.34 -0.74
C PHE A 22 -5.76 4.16 0.12
N LYS A 23 -6.93 3.62 -0.18
CA LYS A 23 -7.46 2.48 0.57
C LYS A 23 -7.24 1.17 -0.19
N THR A 24 -7.45 0.05 0.49
CA THR A 24 -7.27 -1.25 -0.12
C THR A 24 -8.58 -2.04 -0.13
N THR A 25 -8.82 -2.78 -1.21
CA THR A 25 -10.03 -3.58 -1.33
C THR A 25 -9.72 -4.96 -1.91
N SER A 26 -10.10 -6.00 -1.16
CA SER A 26 -9.86 -7.38 -1.59
C SER A 26 -10.64 -7.69 -2.86
N ASP A 27 -10.02 -7.43 -4.01
CA ASP A 27 -10.66 -7.69 -5.29
C ASP A 27 -9.69 -7.42 -6.45
N MET A 28 -9.93 -8.09 -7.57
CA MET A 28 -9.08 -7.93 -8.74
C MET A 28 -9.92 -7.67 -10.00
N ASN A 29 -11.21 -7.47 -9.80
CA ASN A 29 -12.12 -7.21 -10.91
C ASN A 29 -13.03 -6.02 -10.62
N ARG A 30 -12.49 -5.05 -9.87
CA ARG A 30 -13.25 -3.85 -9.52
C ARG A 30 -12.90 -2.70 -10.46
N VAL A 31 -13.91 -1.92 -10.82
CA VAL A 31 -13.72 -0.78 -11.71
C VAL A 31 -14.11 0.53 -11.03
N PHE A 32 -14.66 0.42 -9.82
CA PHE A 32 -15.08 1.59 -9.07
C PHE A 32 -14.85 1.39 -7.57
N CYS A 33 -14.26 2.38 -6.92
CA CYS A 33 -13.98 2.31 -5.50
C CYS A 33 -15.18 2.81 -4.69
N GLY A 34 -15.24 2.39 -3.42
CA GLY A 34 -16.34 2.81 -2.57
C GLY A 34 -15.93 3.89 -1.59
N HIS A 35 -14.76 3.73 -0.98
CA HIS A 35 -14.26 4.69 0.00
C HIS A 35 -14.46 6.12 -0.51
N CYS A 36 -13.85 6.45 -1.63
CA CYS A 36 -13.96 7.78 -2.22
C CYS A 36 -14.90 7.76 -3.42
N GLY A 37 -14.68 6.80 -4.33
CA GLY A 37 -15.51 6.69 -5.51
C GLY A 37 -14.77 7.09 -6.77
N ASN A 38 -13.80 6.27 -7.17
CA ASN A 38 -13.01 6.54 -8.37
C ASN A 38 -13.13 5.39 -9.36
N LYS A 39 -12.94 5.70 -10.63
CA LYS A 39 -13.02 4.69 -11.69
C LYS A 39 -11.63 4.23 -12.11
N THR A 40 -10.62 4.62 -11.34
CA THR A 40 -9.24 4.25 -11.63
C THR A 40 -8.59 3.58 -10.42
N LEU A 41 -8.28 2.29 -10.56
CA LEU A 41 -7.66 1.54 -9.48
C LEU A 41 -6.22 1.18 -9.83
N LYS A 42 -5.37 1.09 -8.81
CA LYS A 42 -3.96 0.76 -9.02
C LYS A 42 -3.64 -0.61 -8.42
N LYS A 43 -3.31 -1.57 -9.28
CA LYS A 43 -2.98 -2.92 -8.84
C LYS A 43 -1.60 -2.95 -8.19
N VAL A 44 -1.50 -3.67 -7.07
CA VAL A 44 -0.23 -3.78 -6.35
C VAL A 44 -0.06 -5.18 -5.77
N SER A 45 1.20 -5.61 -5.65
CA SER A 45 1.49 -6.93 -5.11
C SER A 45 1.72 -6.86 -3.60
N VAL A 46 1.48 -7.98 -2.92
CA VAL A 46 1.65 -8.05 -1.47
C VAL A 46 2.31 -9.36 -1.06
N THR A 47 3.38 -9.27 -0.28
CA THR A 47 4.10 -10.45 0.18
C THR A 47 3.49 -11.00 1.47
N ILE A 48 3.67 -12.29 1.70
CA ILE A 48 3.13 -12.94 2.89
C ILE A 48 4.16 -12.92 4.02
N ASN A 49 3.73 -12.46 5.19
CA ASN A 49 4.61 -12.39 6.35
C ASN A 49 4.26 -13.49 7.35
N ASP A 50 5.25 -13.86 8.17
CA ASP A 50 5.04 -14.91 9.18
C ASP A 50 3.63 -14.86 9.73
N ASP A 51 3.29 -13.76 10.38
CA ASP A 51 1.96 -13.59 10.97
C ASP A 51 0.89 -13.55 9.87
N GLY A 52 1.20 -12.88 8.78
CA GLY A 52 0.25 -12.78 7.67
C GLY A 52 -0.26 -11.37 7.48
N THR A 53 0.56 -10.38 7.85
CA THR A 53 0.18 -8.98 7.71
C THR A 53 0.35 -8.50 6.27
N LEU A 54 -0.26 -7.36 5.96
CA LEU A 54 -0.16 -6.79 4.62
C LEU A 54 1.20 -6.14 4.40
N HIS A 55 1.89 -6.55 3.34
CA HIS A 55 3.20 -6.00 3.01
C HIS A 55 3.29 -5.67 1.53
N MET A 56 3.41 -4.38 1.22
CA MET A 56 3.51 -3.93 -0.16
C MET A 56 4.95 -3.57 -0.52
N HIS A 57 5.51 -4.30 -1.47
CA HIS A 57 6.89 -4.06 -1.90
C HIS A 57 6.96 -2.88 -2.87
N PHE A 58 7.58 -1.79 -2.42
CA PHE A 58 7.71 -0.60 -3.24
C PHE A 58 9.10 0.03 -3.07
N SER A 59 9.68 0.47 -4.19
CA SER A 59 11.00 1.09 -4.16
C SER A 59 10.95 2.48 -3.53
N ARG A 60 12.04 2.88 -2.90
CA ARG A 60 12.12 4.19 -2.26
C ARG A 60 13.46 4.85 -2.52
N ASN A 61 13.54 6.15 -2.26
CA ASN A 61 14.78 6.90 -2.46
C ASN A 61 15.77 6.63 -1.34
N PRO A 62 17.07 6.78 -1.65
CA PRO A 62 18.15 6.56 -0.67
C PRO A 62 18.18 7.64 0.41
N LYS A 63 17.20 8.53 0.37
CA LYS A 63 17.11 9.61 1.35
C LYS A 63 16.41 9.14 2.62
N VAL A 64 17.14 8.38 3.44
CA VAL A 64 16.59 7.87 4.69
C VAL A 64 17.09 8.67 5.89
N LEU A 65 16.27 8.75 6.92
CA LEU A 65 16.63 9.49 8.14
C LEU A 65 16.40 8.64 9.38
N ASN A 66 17.27 8.80 10.38
CA ASN A 66 17.16 8.05 11.62
C ASN A 66 17.68 8.87 12.79
N PRO A 67 17.00 8.76 13.94
CA PRO A 67 17.38 9.48 15.16
C PRO A 67 18.67 8.95 15.77
N ARG A 68 19.23 9.69 16.71
CA ARG A 68 20.46 9.30 17.37
C ARG A 68 20.20 8.93 18.83
N GLY A 69 21.08 8.09 19.39
CA GLY A 69 20.94 7.67 20.76
C GLY A 69 21.36 6.23 20.98
N LEU A 70 22.55 6.05 21.55
CA LEU A 70 23.08 4.72 21.81
C LEU A 70 23.91 4.70 23.09
N ARG A 71 24.20 3.50 23.58
CA ARG A 71 24.99 3.34 24.80
C ARG A 71 25.44 1.90 24.98
N TYR A 72 26.30 1.67 25.96
CA TYR A 72 26.80 0.32 26.23
C TYR A 72 27.52 0.28 27.58
N SER A 73 27.87 -0.93 28.02
CA SER A 73 28.54 -1.12 29.29
C SER A 73 28.96 -2.57 29.48
N SER A 74 29.66 -2.84 30.58
CA SER A 74 30.13 -4.20 30.87
C SER A 74 30.60 -4.30 32.31
N GLY A 75 30.95 -5.51 32.73
CA GLY A 75 31.41 -5.73 34.09
C GLY A 75 31.92 -7.15 34.31
N PRO A 76 33.13 -7.26 34.89
CA PRO A 76 33.75 -8.55 35.16
C PRO A 76 33.05 -9.32 36.27
N SER A 77 32.53 -10.49 35.94
CA SER A 77 31.81 -11.32 36.90
C SER A 77 32.72 -11.67 38.08
N SER A 78 33.79 -12.40 37.79
CA SER A 78 34.74 -12.81 38.83
C SER A 78 34.12 -13.84 39.75
N GLY A 79 33.41 -14.81 39.15
CA GLY A 79 32.77 -15.84 39.94
C GLY A 79 33.44 -17.20 39.77
ZN ZN B . -11.06 5.21 -3.07
N GLY A 1 -2.85 -34.60 6.39
CA GLY A 1 -1.85 -35.63 6.49
C GLY A 1 -0.47 -35.14 6.11
N SER A 2 -0.23 -34.99 4.81
CA SER A 2 1.07 -34.53 4.32
C SER A 2 0.89 -33.44 3.28
N SER A 3 1.98 -32.76 2.94
CA SER A 3 1.95 -31.69 1.95
C SER A 3 2.93 -31.97 0.82
N GLY A 4 2.39 -32.24 -0.36
CA GLY A 4 3.23 -32.52 -1.51
C GLY A 4 3.07 -31.49 -2.61
N SER A 5 4.20 -30.98 -3.11
CA SER A 5 4.19 -29.98 -4.16
C SER A 5 5.09 -30.39 -5.32
N SER A 6 4.51 -31.02 -6.32
CA SER A 6 5.26 -31.48 -7.48
C SER A 6 5.19 -30.45 -8.61
N GLY A 7 6.20 -29.57 -8.66
CA GLY A 7 6.24 -28.55 -9.69
C GLY A 7 4.91 -27.85 -9.85
N VAL A 8 4.29 -27.47 -8.75
CA VAL A 8 3.01 -26.78 -8.76
C VAL A 8 3.15 -25.36 -9.31
N ARG A 9 2.13 -24.90 -10.02
CA ARG A 9 2.14 -23.55 -10.59
C ARG A 9 2.38 -22.51 -9.50
N GLU A 10 3.07 -21.44 -9.87
CA GLU A 10 3.36 -20.36 -8.92
C GLU A 10 2.25 -19.31 -8.93
N ALA A 11 1.42 -19.34 -7.87
CA ALA A 11 0.32 -18.39 -7.76
C ALA A 11 0.67 -17.25 -6.81
N ARG A 12 0.21 -16.05 -7.15
CA ARG A 12 0.48 -14.87 -6.33
C ARG A 12 -0.82 -14.23 -5.86
N SER A 13 -0.70 -13.16 -5.08
CA SER A 13 -1.86 -12.45 -4.56
C SER A 13 -1.70 -10.94 -4.72
N TYR A 14 -2.52 -10.36 -5.59
CA TYR A 14 -2.46 -8.92 -5.83
C TYR A 14 -3.75 -8.24 -5.38
N ILE A 15 -3.66 -6.94 -5.10
CA ILE A 15 -4.82 -6.17 -4.66
C ILE A 15 -4.82 -4.79 -5.29
N LEU A 16 -5.97 -4.12 -5.21
CA LEU A 16 -6.11 -2.77 -5.77
C LEU A 16 -6.01 -1.72 -4.67
N ARG A 17 -4.96 -0.92 -4.73
CA ARG A 17 -4.75 0.14 -3.75
C ARG A 17 -5.16 1.50 -4.31
N CYS A 18 -6.39 1.90 -4.02
CA CYS A 18 -6.91 3.18 -4.50
C CYS A 18 -5.93 4.30 -4.21
N HIS A 19 -6.18 5.46 -4.80
CA HIS A 19 -5.32 6.63 -4.60
C HIS A 19 -6.07 7.76 -3.91
N GLY A 20 -7.21 8.13 -4.49
CA GLY A 20 -8.01 9.20 -3.92
C GLY A 20 -8.26 9.02 -2.44
N CYS A 21 -8.08 7.79 -1.96
CA CYS A 21 -8.29 7.48 -0.55
C CYS A 21 -7.12 6.67 0.00
N PHE A 22 -6.33 6.09 -0.90
CA PHE A 22 -5.19 5.28 -0.50
C PHE A 22 -5.63 4.05 0.28
N LYS A 23 -6.80 3.54 -0.05
CA LYS A 23 -7.35 2.36 0.61
C LYS A 23 -7.15 1.11 -0.25
N THR A 24 -7.37 -0.06 0.35
CA THR A 24 -7.22 -1.32 -0.36
C THR A 24 -8.51 -2.13 -0.33
N THR A 25 -8.78 -2.84 -1.42
CA THR A 25 -9.98 -3.66 -1.51
C THR A 25 -9.68 -5.01 -2.16
N SER A 26 -9.96 -6.09 -1.45
CA SER A 26 -9.71 -7.43 -1.95
C SER A 26 -10.61 -7.73 -3.15
N ASP A 27 -10.14 -7.38 -4.34
CA ASP A 27 -10.91 -7.62 -5.56
C ASP A 27 -10.11 -7.20 -6.79
N MET A 28 -9.73 -8.18 -7.61
CA MET A 28 -8.97 -7.91 -8.81
C MET A 28 -9.88 -7.77 -10.02
N ASN A 29 -11.12 -7.38 -9.78
CA ASN A 29 -12.11 -7.20 -10.84
C ASN A 29 -12.84 -5.88 -10.70
N ARG A 30 -13.07 -5.46 -9.46
CA ARG A 30 -13.76 -4.21 -9.20
C ARG A 30 -13.08 -3.04 -9.90
N VAL A 31 -13.83 -2.33 -10.73
CA VAL A 31 -13.29 -1.18 -11.47
C VAL A 31 -13.61 0.12 -10.75
N PHE A 32 -14.50 0.06 -9.77
CA PHE A 32 -14.89 1.24 -9.00
C PHE A 32 -14.53 1.08 -7.53
N CYS A 33 -14.38 2.20 -6.83
CA CYS A 33 -14.03 2.19 -5.42
C CYS A 33 -15.18 2.73 -4.58
N GLY A 34 -15.25 2.30 -3.31
CA GLY A 34 -16.30 2.76 -2.43
C GLY A 34 -15.81 3.79 -1.44
N HIS A 35 -14.59 3.61 -0.94
CA HIS A 35 -14.01 4.53 0.03
C HIS A 35 -14.21 5.97 -0.43
N CYS A 36 -13.76 6.28 -1.64
CA CYS A 36 -13.90 7.62 -2.19
C CYS A 36 -14.81 7.63 -3.41
N GLY A 37 -14.56 6.70 -4.33
CA GLY A 37 -15.36 6.60 -5.53
C GLY A 37 -14.60 7.03 -6.77
N ASN A 38 -13.66 6.19 -7.20
CA ASN A 38 -12.86 6.50 -8.39
C ASN A 38 -12.96 5.36 -9.41
N LYS A 39 -12.72 5.69 -10.68
CA LYS A 39 -12.78 4.71 -11.75
C LYS A 39 -11.38 4.23 -12.12
N THR A 40 -10.38 4.67 -11.36
CA THR A 40 -9.00 4.28 -11.61
C THR A 40 -8.37 3.64 -10.37
N LEU A 41 -8.01 2.37 -10.50
CA LEU A 41 -7.40 1.64 -9.39
C LEU A 41 -5.99 1.20 -9.74
N LYS A 42 -5.08 1.32 -8.78
CA LYS A 42 -3.69 0.94 -8.98
C LYS A 42 -3.42 -0.44 -8.40
N LYS A 43 -2.95 -1.35 -9.25
CA LYS A 43 -2.64 -2.71 -8.82
C LYS A 43 -1.35 -2.76 -8.00
N VAL A 44 -1.37 -3.50 -6.90
CA VAL A 44 -0.20 -3.63 -6.04
C VAL A 44 -0.07 -5.04 -5.49
N SER A 45 1.17 -5.47 -5.27
CA SER A 45 1.43 -6.81 -4.75
C SER A 45 1.27 -6.85 -3.23
N VAL A 46 1.12 -8.04 -2.68
CA VAL A 46 0.97 -8.21 -1.24
C VAL A 46 1.41 -9.60 -0.80
N THR A 47 2.43 -9.65 0.05
CA THR A 47 2.95 -10.92 0.55
C THR A 47 2.58 -11.13 2.01
N ILE A 48 2.28 -12.38 2.36
CA ILE A 48 1.92 -12.71 3.73
C ILE A 48 3.13 -13.19 4.52
N ASN A 49 3.54 -12.37 5.50
CA ASN A 49 4.68 -12.71 6.33
C ASN A 49 4.31 -13.75 7.38
N ASP A 50 5.29 -14.53 7.81
CA ASP A 50 5.06 -15.56 8.81
C ASP A 50 4.19 -15.03 9.95
N ASP A 51 4.56 -13.87 10.48
CA ASP A 51 3.82 -13.25 11.57
C ASP A 51 2.40 -12.91 11.13
N GLY A 52 2.27 -12.35 9.94
CA GLY A 52 0.96 -11.98 9.42
C GLY A 52 0.85 -10.50 9.14
N THR A 53 1.58 -10.03 8.13
CA THR A 53 1.56 -8.62 7.77
C THR A 53 1.55 -8.44 6.26
N LEU A 54 1.17 -7.26 5.81
CA LEU A 54 1.11 -6.95 4.38
C LEU A 54 2.37 -6.22 3.93
N HIS A 55 2.64 -6.26 2.63
CA HIS A 55 3.81 -5.60 2.07
C HIS A 55 3.45 -4.84 0.79
N MET A 56 3.58 -3.53 0.82
CA MET A 56 3.27 -2.70 -0.33
C MET A 56 4.41 -1.72 -0.63
N HIS A 57 5.07 -1.91 -1.76
CA HIS A 57 6.18 -1.04 -2.14
C HIS A 57 5.70 0.40 -2.32
N PHE A 58 6.28 1.31 -1.55
CA PHE A 58 5.92 2.73 -1.63
C PHE A 58 6.31 3.32 -2.98
N SER A 59 5.62 4.39 -3.37
CA SER A 59 5.89 5.04 -4.64
C SER A 59 6.28 6.50 -4.43
N ARG A 60 6.75 7.15 -5.50
CA ARG A 60 7.16 8.55 -5.42
C ARG A 60 5.94 9.46 -5.30
N ASN A 61 5.63 9.87 -4.07
CA ASN A 61 4.50 10.74 -3.82
C ASN A 61 4.95 12.20 -3.66
N PRO A 62 4.14 13.13 -4.18
CA PRO A 62 4.44 14.56 -4.11
C PRO A 62 4.32 15.11 -2.68
N LYS A 63 5.43 15.64 -2.17
CA LYS A 63 5.44 16.20 -0.82
C LYS A 63 5.89 17.65 -0.85
N VAL A 64 4.93 18.56 -1.00
CA VAL A 64 5.22 20.00 -1.04
C VAL A 64 4.43 20.73 0.02
N LEU A 65 4.82 21.98 0.27
CA LEU A 65 4.14 22.81 1.27
C LEU A 65 3.62 24.11 0.64
N ASN A 66 2.42 24.51 1.05
CA ASN A 66 1.80 25.73 0.54
C ASN A 66 2.32 26.95 1.28
N PRO A 67 2.22 28.13 0.63
CA PRO A 67 2.66 29.39 1.22
C PRO A 67 1.76 29.85 2.37
N ARG A 68 2.35 30.57 3.32
CA ARG A 68 1.60 31.06 4.46
C ARG A 68 1.50 32.59 4.44
N GLY A 69 0.63 33.13 5.29
CA GLY A 69 0.45 34.57 5.34
C GLY A 69 -0.40 35.01 6.52
N LEU A 70 -0.20 36.24 6.96
CA LEU A 70 -0.96 36.77 8.09
C LEU A 70 -2.16 37.59 7.61
N ARG A 71 -3.16 37.72 8.47
CA ARG A 71 -4.37 38.47 8.13
C ARG A 71 -4.65 39.53 9.18
N TYR A 72 -5.70 40.31 8.95
CA TYR A 72 -6.09 41.37 9.88
C TYR A 72 -4.93 42.34 10.10
N SER A 73 -4.21 42.66 9.02
CA SER A 73 -3.08 43.58 9.10
C SER A 73 -3.49 44.90 9.74
N SER A 74 -2.57 45.51 10.47
CA SER A 74 -2.84 46.79 11.13
C SER A 74 -3.66 47.70 10.24
N GLY A 75 -4.61 48.42 10.84
CA GLY A 75 -5.45 49.32 10.09
C GLY A 75 -4.88 50.73 10.03
N PRO A 76 -5.45 51.55 9.13
CA PRO A 76 -5.00 52.95 8.95
C PRO A 76 -5.38 53.82 10.14
N SER A 77 -5.05 55.11 10.05
CA SER A 77 -5.34 56.05 11.12
C SER A 77 -6.59 56.87 10.79
N SER A 78 -7.10 57.58 11.78
CA SER A 78 -8.29 58.42 11.60
C SER A 78 -7.97 59.62 10.73
N GLY A 79 -6.89 60.32 11.05
CA GLY A 79 -6.50 61.48 10.29
C GLY A 79 -7.42 62.67 10.52
ZN ZN B . -10.95 5.13 -3.14
N GLY A 1 -2.99 -36.39 2.99
CA GLY A 1 -1.55 -36.20 3.02
C GLY A 1 -1.06 -35.35 1.86
N SER A 2 0.12 -34.76 2.03
CA SER A 2 0.69 -33.90 1.00
C SER A 2 2.17 -34.24 0.79
N SER A 3 2.47 -34.93 -0.30
CA SER A 3 3.84 -35.31 -0.62
C SER A 3 4.21 -34.88 -2.03
N GLY A 4 5.33 -34.16 -2.15
CA GLY A 4 5.78 -33.68 -3.45
C GLY A 4 4.79 -32.74 -4.10
N SER A 5 5.28 -31.60 -4.55
CA SER A 5 4.42 -30.61 -5.20
C SER A 5 4.85 -30.38 -6.64
N SER A 6 4.20 -31.09 -7.57
CA SER A 6 4.50 -30.97 -8.99
C SER A 6 4.64 -29.52 -9.40
N GLY A 7 5.40 -29.27 -10.46
CA GLY A 7 5.60 -27.91 -10.93
C GLY A 7 4.29 -27.15 -11.08
N VAL A 8 3.99 -26.28 -10.13
CA VAL A 8 2.77 -25.50 -10.16
C VAL A 8 3.07 -24.00 -10.07
N ARG A 9 2.49 -23.24 -10.99
CA ARG A 9 2.71 -21.79 -11.01
C ARG A 9 2.74 -21.22 -9.59
N GLU A 10 3.47 -20.14 -9.41
CA GLU A 10 3.59 -19.50 -8.11
C GLU A 10 2.30 -18.76 -7.75
N ALA A 11 2.08 -18.59 -6.45
CA ALA A 11 0.87 -17.90 -5.97
C ALA A 11 1.18 -16.44 -5.64
N ARG A 12 0.91 -15.56 -6.58
CA ARG A 12 1.16 -14.13 -6.39
C ARG A 12 -0.11 -13.42 -5.93
N SER A 13 -0.04 -12.83 -4.74
CA SER A 13 -1.18 -12.12 -4.17
C SER A 13 -1.10 -10.62 -4.48
N TYR A 14 -2.01 -10.15 -5.33
CA TYR A 14 -2.05 -8.75 -5.71
C TYR A 14 -3.37 -8.11 -5.31
N ILE A 15 -3.34 -6.79 -5.09
CA ILE A 15 -4.54 -6.06 -4.70
C ILE A 15 -4.61 -4.70 -5.40
N LEU A 16 -5.79 -4.11 -5.41
CA LEU A 16 -5.98 -2.80 -6.04
C LEU A 16 -5.96 -1.69 -5.00
N ARG A 17 -4.93 -0.85 -5.05
CA ARG A 17 -4.79 0.26 -4.11
C ARG A 17 -5.32 1.55 -4.73
N CYS A 18 -6.37 2.11 -4.12
CA CYS A 18 -6.96 3.34 -4.60
C CYS A 18 -6.04 4.53 -4.37
N HIS A 19 -6.31 5.63 -5.06
CA HIS A 19 -5.49 6.83 -4.92
C HIS A 19 -6.31 7.98 -4.33
N GLY A 20 -7.47 8.25 -4.93
CA GLY A 20 -8.32 9.32 -4.45
C GLY A 20 -8.44 9.33 -2.95
N CYS A 21 -8.25 8.16 -2.33
CA CYS A 21 -8.35 8.05 -0.88
C CYS A 21 -7.12 7.33 -0.31
N PHE A 22 -6.40 6.64 -1.19
CA PHE A 22 -5.20 5.92 -0.78
C PHE A 22 -5.57 4.75 0.14
N LYS A 23 -6.47 3.89 -0.32
CA LYS A 23 -6.90 2.75 0.46
C LYS A 23 -6.70 1.44 -0.32
N THR A 24 -7.06 0.33 0.29
CA THR A 24 -6.91 -0.97 -0.34
C THR A 24 -8.21 -1.77 -0.25
N THR A 25 -8.46 -2.60 -1.27
CA THR A 25 -9.67 -3.42 -1.31
C THR A 25 -9.37 -4.79 -1.90
N SER A 26 -9.91 -5.83 -1.28
CA SER A 26 -9.71 -7.20 -1.76
C SER A 26 -10.61 -7.49 -2.96
N ASP A 27 -10.11 -7.20 -4.15
CA ASP A 27 -10.86 -7.44 -5.38
C ASP A 27 -10.01 -7.13 -6.60
N MET A 28 -9.83 -8.13 -7.46
CA MET A 28 -9.03 -7.96 -8.67
C MET A 28 -9.94 -7.80 -9.89
N ASN A 29 -11.17 -7.35 -9.65
CA ASN A 29 -12.13 -7.15 -10.73
C ASN A 29 -12.86 -5.81 -10.57
N ARG A 30 -13.13 -5.44 -9.32
CA ARG A 30 -13.81 -4.18 -9.02
C ARG A 30 -13.25 -3.05 -9.87
N VAL A 31 -14.14 -2.18 -10.36
CA VAL A 31 -13.73 -1.06 -11.18
C VAL A 31 -13.97 0.26 -10.46
N PHE A 32 -14.76 0.21 -9.40
CA PHE A 32 -15.08 1.40 -8.61
C PHE A 32 -14.70 1.20 -7.15
N CYS A 33 -13.92 2.13 -6.61
CA CYS A 33 -13.49 2.06 -5.22
C CYS A 33 -14.69 2.12 -4.27
N GLY A 34 -14.52 1.57 -3.08
CA GLY A 34 -15.60 1.58 -2.10
C GLY A 34 -15.50 2.75 -1.14
N HIS A 35 -14.29 3.04 -0.69
CA HIS A 35 -14.07 4.14 0.25
C HIS A 35 -14.54 5.46 -0.35
N CYS A 36 -13.89 5.89 -1.44
CA CYS A 36 -14.25 7.13 -2.10
C CYS A 36 -15.01 6.86 -3.39
N GLY A 37 -14.47 5.97 -4.21
CA GLY A 37 -15.11 5.63 -5.47
C GLY A 37 -14.38 6.21 -6.67
N ASN A 38 -13.44 5.44 -7.22
CA ASN A 38 -12.67 5.89 -8.37
C ASN A 38 -12.75 4.88 -9.51
N LYS A 39 -12.68 5.38 -10.74
CA LYS A 39 -12.74 4.51 -11.92
C LYS A 39 -11.35 4.07 -12.35
N THR A 40 -10.35 4.41 -11.53
CA THR A 40 -8.97 4.05 -11.83
C THR A 40 -8.27 3.51 -10.59
N LEU A 41 -7.91 2.23 -10.63
CA LEU A 41 -7.22 1.60 -9.51
C LEU A 41 -5.85 1.07 -9.93
N LYS A 42 -4.85 1.32 -9.10
CA LYS A 42 -3.50 0.87 -9.38
C LYS A 42 -3.22 -0.47 -8.72
N LYS A 43 -2.83 -1.45 -9.53
CA LYS A 43 -2.54 -2.79 -9.04
C LYS A 43 -1.20 -2.81 -8.30
N VAL A 44 -1.18 -3.49 -7.15
CA VAL A 44 0.03 -3.58 -6.34
C VAL A 44 0.15 -4.96 -5.70
N SER A 45 1.38 -5.43 -5.56
CA SER A 45 1.64 -6.74 -4.96
C SER A 45 1.64 -6.65 -3.44
N VAL A 46 1.33 -7.76 -2.78
CA VAL A 46 1.29 -7.82 -1.32
C VAL A 46 1.57 -9.23 -0.82
N THR A 47 2.46 -9.34 0.17
CA THR A 47 2.81 -10.63 0.74
C THR A 47 1.88 -10.99 1.89
N ILE A 48 1.55 -12.28 1.99
CA ILE A 48 0.67 -12.75 3.05
C ILE A 48 1.45 -13.52 4.11
N ASN A 49 1.73 -12.85 5.22
CA ASN A 49 2.47 -13.46 6.32
C ASN A 49 1.64 -14.55 6.99
N ASP A 50 2.32 -15.54 7.56
CA ASP A 50 1.65 -16.64 8.24
C ASP A 50 0.46 -16.14 9.06
N ASP A 51 0.68 -15.07 9.82
CA ASP A 51 -0.36 -14.49 10.64
C ASP A 51 -1.49 -13.94 9.79
N GLY A 52 -1.13 -13.22 8.72
CA GLY A 52 -2.13 -12.65 7.83
C GLY A 52 -1.99 -11.15 7.69
N THR A 53 -0.81 -10.71 7.26
CA THR A 53 -0.55 -9.28 7.08
C THR A 53 -0.06 -8.98 5.67
N LEU A 54 -0.11 -7.71 5.28
CA LEU A 54 0.32 -7.30 3.95
C LEU A 54 1.62 -6.49 4.03
N HIS A 55 2.37 -6.47 2.94
CA HIS A 55 3.62 -5.73 2.88
C HIS A 55 3.85 -5.14 1.50
N MET A 56 3.67 -3.82 1.40
CA MET A 56 3.85 -3.14 0.12
C MET A 56 5.19 -2.40 0.09
N HIS A 57 5.94 -2.58 -0.99
CA HIS A 57 7.24 -1.93 -1.15
C HIS A 57 7.13 -0.72 -2.08
N PHE A 58 6.98 0.46 -1.49
CA PHE A 58 6.86 1.69 -2.27
C PHE A 58 8.16 2.47 -2.24
N SER A 59 8.62 2.92 -3.41
CA SER A 59 9.85 3.68 -3.52
C SER A 59 9.88 4.82 -2.50
N ARG A 60 10.66 4.67 -1.44
CA ARG A 60 10.78 5.69 -0.41
C ARG A 60 11.76 6.78 -0.82
N ASN A 61 11.23 7.95 -1.16
CA ASN A 61 12.06 9.06 -1.58
C ASN A 61 12.68 9.76 -0.36
N PRO A 62 13.83 10.41 -0.58
CA PRO A 62 14.56 11.13 0.48
C PRO A 62 13.81 12.38 0.94
N LYS A 63 13.21 12.31 2.12
CA LYS A 63 12.47 13.43 2.67
C LYS A 63 12.82 13.66 4.13
N VAL A 64 13.56 14.72 4.40
CA VAL A 64 13.97 15.04 5.77
C VAL A 64 14.56 16.45 5.85
N LEU A 65 14.04 17.25 6.77
CA LEU A 65 14.52 18.62 6.95
C LEU A 65 15.62 18.68 8.00
N ASN A 66 16.85 18.88 7.55
CA ASN A 66 18.00 18.96 8.46
C ASN A 66 18.00 20.29 9.20
N PRO A 67 18.49 20.25 10.45
CA PRO A 67 18.58 21.44 11.30
C PRO A 67 19.62 22.45 10.80
N ARG A 68 19.45 23.71 11.18
CA ARG A 68 20.37 24.77 10.78
C ARG A 68 21.42 25.02 11.85
N GLY A 69 21.94 23.93 12.43
CA GLY A 69 22.95 24.05 13.46
C GLY A 69 24.36 24.01 12.89
N LEU A 70 24.71 25.03 12.11
CA LEU A 70 26.04 25.11 11.52
C LEU A 70 27.05 25.66 12.51
N ARG A 71 27.88 24.77 13.05
CA ARG A 71 28.90 25.18 14.02
C ARG A 71 30.11 24.25 13.93
N TYR A 72 31.29 24.85 13.79
CA TYR A 72 32.53 24.10 13.70
C TYR A 72 33.74 25.00 13.90
N SER A 73 34.92 24.40 13.96
CA SER A 73 36.16 25.14 14.16
C SER A 73 37.37 24.29 13.79
N SER A 74 38.46 24.96 13.41
CA SER A 74 39.68 24.27 13.03
C SER A 74 40.91 25.01 13.54
N GLY A 75 42.08 24.41 13.36
CA GLY A 75 43.31 25.03 13.81
C GLY A 75 44.53 24.18 13.53
N PRO A 76 45.05 24.28 12.29
CA PRO A 76 46.23 23.52 11.87
C PRO A 76 47.51 23.99 12.56
N SER A 77 48.64 23.41 12.15
CA SER A 77 49.92 23.78 12.74
C SER A 77 50.95 24.07 11.64
N SER A 78 52.13 24.52 12.06
CA SER A 78 53.20 24.84 11.11
C SER A 78 54.06 23.61 10.83
N GLY A 79 54.64 23.05 11.89
CA GLY A 79 55.49 21.88 11.73
C GLY A 79 56.63 22.12 10.77
ZN ZN B . -10.91 5.25 -2.97
N GLY A 1 -12.97 -34.86 -6.17
CA GLY A 1 -11.82 -33.98 -6.10
C GLY A 1 -10.51 -34.75 -6.02
N SER A 2 -9.39 -34.02 -6.08
CA SER A 2 -8.08 -34.63 -6.00
C SER A 2 -7.18 -33.87 -5.03
N SER A 3 -6.40 -34.62 -4.26
CA SER A 3 -5.50 -34.03 -3.28
C SER A 3 -4.19 -34.81 -3.20
N GLY A 4 -3.12 -34.13 -2.80
CA GLY A 4 -1.83 -34.77 -2.69
C GLY A 4 -1.06 -34.78 -4.00
N SER A 5 -0.53 -33.62 -4.38
CA SER A 5 0.23 -33.50 -5.62
C SER A 5 1.58 -32.83 -5.37
N SER A 6 2.63 -33.46 -5.87
CA SER A 6 3.98 -32.93 -5.70
C SER A 6 4.20 -31.70 -6.59
N GLY A 7 4.27 -30.53 -5.97
CA GLY A 7 4.47 -29.31 -6.72
C GLY A 7 4.17 -28.07 -5.89
N VAL A 8 5.10 -27.12 -5.90
CA VAL A 8 4.93 -25.89 -5.14
C VAL A 8 4.45 -24.75 -6.04
N ARG A 9 3.20 -24.34 -5.87
CA ARG A 9 2.63 -23.28 -6.68
C ARG A 9 1.99 -22.21 -5.79
N GLU A 10 2.79 -21.22 -5.39
CA GLU A 10 2.31 -20.15 -4.53
C GLU A 10 1.40 -19.20 -5.31
N ALA A 11 0.34 -18.74 -4.65
CA ALA A 11 -0.61 -17.83 -5.28
C ALA A 11 -0.26 -16.37 -4.97
N ARG A 12 -0.07 -15.58 -6.03
CA ARG A 12 0.27 -14.17 -5.86
C ARG A 12 -0.99 -13.33 -5.61
N SER A 13 -1.35 -13.19 -4.34
CA SER A 13 -2.53 -12.41 -3.96
C SER A 13 -2.26 -10.92 -4.09
N TYR A 14 -2.91 -10.29 -5.07
CA TYR A 14 -2.75 -8.87 -5.30
C TYR A 14 -4.00 -8.10 -4.89
N ILE A 15 -3.86 -6.78 -4.75
CA ILE A 15 -4.98 -5.93 -4.36
C ILE A 15 -4.96 -4.62 -5.13
N LEU A 16 -6.04 -3.85 -5.01
CA LEU A 16 -6.15 -2.57 -5.69
C LEU A 16 -6.06 -1.42 -4.71
N ARG A 17 -5.01 -0.62 -4.84
CA ARG A 17 -4.81 0.53 -3.95
C ARG A 17 -5.31 1.81 -4.60
N CYS A 18 -6.44 2.31 -4.12
CA CYS A 18 -7.02 3.54 -4.65
C CYS A 18 -6.07 4.72 -4.46
N HIS A 19 -6.35 5.82 -5.15
CA HIS A 19 -5.52 7.02 -5.05
C HIS A 19 -6.33 8.18 -4.47
N GLY A 20 -7.48 8.47 -5.07
CA GLY A 20 -8.31 9.55 -4.60
C GLY A 20 -8.54 9.50 -3.10
N CYS A 21 -8.30 8.33 -2.52
CA CYS A 21 -8.49 8.15 -1.08
C CYS A 21 -7.28 7.43 -0.46
N PHE A 22 -6.53 6.73 -1.30
CA PHE A 22 -5.35 6.00 -0.85
C PHE A 22 -5.77 4.80 0.02
N LYS A 23 -6.91 4.21 -0.30
CA LYS A 23 -7.41 3.07 0.45
C LYS A 23 -7.11 1.77 -0.28
N THR A 24 -7.27 0.65 0.42
CA THR A 24 -7.00 -0.66 -0.17
C THR A 24 -8.23 -1.55 -0.09
N THR A 25 -8.52 -2.24 -1.19
CA THR A 25 -9.68 -3.14 -1.25
C THR A 25 -9.29 -4.51 -1.78
N SER A 26 -9.60 -5.55 -1.03
CA SER A 26 -9.29 -6.91 -1.43
C SER A 26 -10.11 -7.34 -2.63
N ASP A 27 -9.58 -7.07 -3.82
CA ASP A 27 -10.26 -7.42 -5.06
C ASP A 27 -9.41 -7.09 -6.27
N MET A 28 -9.25 -8.06 -7.17
CA MET A 28 -8.45 -7.87 -8.37
C MET A 28 -9.34 -7.80 -9.61
N ASN A 29 -10.60 -7.45 -9.40
CA ASN A 29 -11.55 -7.33 -10.50
C ASN A 29 -12.34 -6.04 -10.41
N ARG A 30 -12.68 -5.64 -9.18
CA ARG A 30 -13.44 -4.42 -8.95
C ARG A 30 -12.86 -3.27 -9.77
N VAL A 31 -13.71 -2.62 -10.56
CA VAL A 31 -13.29 -1.49 -11.39
C VAL A 31 -13.52 -0.17 -10.67
N PHE A 32 -14.35 -0.20 -9.64
CA PHE A 32 -14.67 1.00 -8.87
C PHE A 32 -14.13 0.89 -7.45
N CYS A 33 -14.32 1.95 -6.67
CA CYS A 33 -13.86 1.99 -5.29
C CYS A 33 -15.01 2.26 -4.33
N GLY A 34 -14.84 1.88 -3.08
CA GLY A 34 -15.87 2.10 -2.07
C GLY A 34 -15.58 3.28 -1.18
N HIS A 35 -14.33 3.39 -0.75
CA HIS A 35 -13.91 4.48 0.13
C HIS A 35 -14.40 5.83 -0.42
N CYS A 36 -13.93 6.18 -1.61
CA CYS A 36 -14.31 7.44 -2.24
C CYS A 36 -15.27 7.19 -3.41
N GLY A 37 -14.92 6.25 -4.28
CA GLY A 37 -15.75 5.94 -5.42
C GLY A 37 -15.07 6.24 -6.73
N ASN A 38 -13.76 6.10 -6.77
CA ASN A 38 -12.98 6.37 -7.98
C ASN A 38 -13.23 5.29 -9.03
N LYS A 39 -13.04 5.65 -10.29
CA LYS A 39 -13.24 4.72 -11.39
C LYS A 39 -11.91 4.14 -11.88
N THR A 40 -10.82 4.58 -11.25
CA THR A 40 -9.49 4.12 -11.61
C THR A 40 -8.76 3.53 -10.41
N LEU A 41 -8.39 2.25 -10.51
CA LEU A 41 -7.70 1.56 -9.43
C LEU A 41 -6.30 1.15 -9.86
N LYS A 42 -5.34 1.27 -8.94
CA LYS A 42 -3.96 0.90 -9.24
C LYS A 42 -3.62 -0.47 -8.64
N LYS A 43 -3.08 -1.35 -9.46
CA LYS A 43 -2.71 -2.69 -9.02
C LYS A 43 -1.41 -2.66 -8.21
N VAL A 44 -1.39 -3.42 -7.12
CA VAL A 44 -0.21 -3.48 -6.26
C VAL A 44 0.07 -4.91 -5.81
N SER A 45 1.34 -5.23 -5.64
CA SER A 45 1.74 -6.58 -5.21
C SER A 45 1.92 -6.63 -3.70
N VAL A 46 1.48 -7.73 -3.09
CA VAL A 46 1.60 -7.91 -1.66
C VAL A 46 2.09 -9.31 -1.31
N THR A 47 2.78 -9.41 -0.18
CA THR A 47 3.32 -10.70 0.27
C THR A 47 2.54 -11.23 1.47
N ILE A 48 2.47 -12.55 1.58
CA ILE A 48 1.76 -13.19 2.68
C ILE A 48 2.73 -13.84 3.66
N ASN A 49 2.91 -13.20 4.82
CA ASN A 49 3.81 -13.72 5.84
C ASN A 49 3.18 -14.90 6.57
N ASP A 50 4.02 -15.76 7.14
CA ASP A 50 3.55 -16.92 7.87
C ASP A 50 2.41 -16.54 8.83
N ASP A 51 2.52 -15.35 9.41
CA ASP A 51 1.50 -14.87 10.33
C ASP A 51 0.34 -14.22 9.57
N GLY A 52 0.04 -14.74 8.40
CA GLY A 52 -1.05 -14.19 7.60
C GLY A 52 -1.10 -12.68 7.65
N THR A 53 -0.21 -12.03 6.90
CA THR A 53 -0.16 -10.57 6.86
C THR A 53 0.06 -10.07 5.44
N LEU A 54 -0.27 -8.80 5.21
CA LEU A 54 -0.11 -8.19 3.90
C LEU A 54 1.00 -7.15 3.92
N HIS A 55 1.85 -7.18 2.89
CA HIS A 55 2.95 -6.23 2.78
C HIS A 55 2.96 -5.55 1.41
N MET A 56 2.60 -4.27 1.40
CA MET A 56 2.56 -3.51 0.15
C MET A 56 3.93 -2.89 -0.16
N HIS A 57 4.41 -3.13 -1.36
CA HIS A 57 5.71 -2.60 -1.78
C HIS A 57 5.63 -1.10 -2.06
N PHE A 58 6.16 -0.30 -1.14
CA PHE A 58 6.14 1.15 -1.29
C PHE A 58 6.45 1.56 -2.73
N SER A 59 7.63 1.14 -3.21
CA SER A 59 8.06 1.47 -4.56
C SER A 59 7.88 2.96 -4.85
N ARG A 60 8.07 3.78 -3.82
CA ARG A 60 7.93 5.23 -3.96
C ARG A 60 8.88 5.96 -3.02
N ASN A 61 9.80 6.71 -3.61
CA ASN A 61 10.78 7.46 -2.83
C ASN A 61 10.29 8.89 -2.56
N PRO A 62 10.45 9.34 -1.31
CA PRO A 62 10.03 10.68 -0.89
C PRO A 62 10.90 11.77 -1.51
N LYS A 63 10.46 13.02 -1.36
CA LYS A 63 11.20 14.16 -1.90
C LYS A 63 12.36 14.54 -0.99
N VAL A 64 12.07 14.66 0.31
CA VAL A 64 13.10 15.02 1.28
C VAL A 64 13.73 13.77 1.89
N LEU A 65 14.90 13.95 2.49
CA LEU A 65 15.61 12.84 3.12
C LEU A 65 15.86 13.11 4.60
N ASN A 66 14.94 12.62 5.44
CA ASN A 66 15.06 12.82 6.88
C ASN A 66 15.03 11.47 7.61
N PRO A 67 15.63 11.45 8.81
CA PRO A 67 15.69 10.23 9.63
C PRO A 67 14.32 9.84 10.19
N ARG A 68 14.27 8.70 10.86
CA ARG A 68 13.02 8.22 11.45
C ARG A 68 13.12 8.20 12.97
N GLY A 69 12.41 9.12 13.62
CA GLY A 69 12.42 9.18 15.07
C GLY A 69 13.83 9.10 15.64
N LEU A 70 13.95 8.49 16.81
CA LEU A 70 15.25 8.35 17.46
C LEU A 70 15.32 7.05 18.27
N ARG A 71 16.53 6.67 18.65
CA ARG A 71 16.73 5.44 19.42
C ARG A 71 16.70 5.73 20.93
N TYR A 72 15.82 5.03 21.63
CA TYR A 72 15.68 5.22 23.07
C TYR A 72 16.11 3.97 23.82
N SER A 73 17.00 4.14 24.79
CA SER A 73 17.49 3.02 25.59
C SER A 73 17.60 3.41 27.06
N SER A 74 17.71 2.40 27.92
CA SER A 74 17.82 2.63 29.35
C SER A 74 18.24 1.36 30.08
N GLY A 75 19.19 1.49 31.01
CA GLY A 75 19.66 0.35 31.76
C GLY A 75 20.69 0.72 32.80
N PRO A 76 20.47 0.28 34.05
CA PRO A 76 21.38 0.56 35.16
C PRO A 76 22.70 -0.19 35.03
N SER A 77 23.73 0.32 35.71
CA SER A 77 25.05 -0.29 35.67
C SER A 77 25.27 -1.19 36.88
N SER A 78 26.12 -2.20 36.72
CA SER A 78 26.41 -3.14 37.79
C SER A 78 27.60 -4.03 37.43
N GLY A 79 28.04 -4.83 38.40
CA GLY A 79 29.18 -5.71 38.16
C GLY A 79 28.80 -7.18 38.32
ZN ZN B . -11.11 5.38 -3.31
N GLY A 1 -5.80 -39.67 2.82
CA GLY A 1 -5.40 -38.39 3.39
C GLY A 1 -6.51 -37.73 4.17
N SER A 2 -6.24 -36.54 4.68
CA SER A 2 -7.23 -35.80 5.46
C SER A 2 -8.26 -35.15 4.54
N SER A 3 -7.80 -34.28 3.65
CA SER A 3 -8.68 -33.59 2.73
C SER A 3 -8.33 -33.94 1.28
N GLY A 4 -7.07 -33.71 0.92
CA GLY A 4 -6.62 -34.01 -0.43
C GLY A 4 -6.24 -32.76 -1.20
N SER A 5 -5.52 -31.86 -0.54
CA SER A 5 -5.07 -30.61 -1.16
C SER A 5 -3.56 -30.60 -1.34
N SER A 6 -3.01 -31.74 -1.77
CA SER A 6 -1.58 -31.86 -1.98
C SER A 6 -1.20 -31.50 -3.42
N GLY A 7 -0.17 -30.68 -3.57
CA GLY A 7 0.27 -30.28 -4.89
C GLY A 7 -0.36 -28.97 -5.33
N VAL A 8 -0.09 -27.91 -4.58
CA VAL A 8 -0.64 -26.60 -4.91
C VAL A 8 0.48 -25.58 -5.15
N ARG A 9 0.30 -24.75 -6.17
CA ARG A 9 1.29 -23.74 -6.51
C ARG A 9 1.01 -22.43 -5.78
N GLU A 10 1.98 -21.52 -5.81
CA GLU A 10 1.83 -20.23 -5.15
C GLU A 10 1.20 -19.21 -6.09
N ALA A 11 0.08 -18.63 -5.66
CA ALA A 11 -0.62 -17.64 -6.46
C ALA A 11 -0.17 -16.23 -6.11
N ARG A 12 -0.11 -15.36 -7.11
CA ARG A 12 0.30 -13.98 -6.89
C ARG A 12 -0.83 -13.16 -6.26
N SER A 13 -0.87 -13.14 -4.93
CA SER A 13 -1.90 -12.40 -4.21
C SER A 13 -1.73 -10.90 -4.43
N TYR A 14 -2.62 -10.32 -5.23
CA TYR A 14 -2.58 -8.90 -5.53
C TYR A 14 -3.89 -8.23 -5.14
N ILE A 15 -3.81 -6.94 -4.83
CA ILE A 15 -5.00 -6.17 -4.45
C ILE A 15 -5.06 -4.85 -5.19
N LEU A 16 -6.19 -4.15 -5.07
CA LEU A 16 -6.37 -2.87 -5.72
C LEU A 16 -6.30 -1.73 -4.72
N ARG A 17 -5.27 -0.89 -4.84
CA ARG A 17 -5.09 0.24 -3.94
C ARG A 17 -5.55 1.53 -4.60
N CYS A 18 -6.47 2.24 -3.94
CA CYS A 18 -6.99 3.49 -4.46
C CYS A 18 -5.99 4.63 -4.24
N HIS A 19 -6.32 5.80 -4.77
CA HIS A 19 -5.45 6.98 -4.63
C HIS A 19 -6.18 8.10 -3.88
N GLY A 20 -7.18 8.68 -4.53
CA GLY A 20 -7.93 9.76 -3.92
C GLY A 20 -8.14 9.54 -2.44
N CYS A 21 -8.30 8.29 -2.04
CA CYS A 21 -8.51 7.96 -0.63
C CYS A 21 -7.35 7.13 -0.09
N PHE A 22 -6.74 6.34 -0.96
CA PHE A 22 -5.61 5.49 -0.56
C PHE A 22 -6.08 4.30 0.25
N LYS A 23 -7.17 3.67 -0.19
CA LYS A 23 -7.73 2.52 0.50
C LYS A 23 -7.61 1.26 -0.36
N THR A 24 -7.55 0.11 0.30
CA THR A 24 -7.43 -1.17 -0.40
C THR A 24 -8.73 -1.98 -0.30
N THR A 25 -9.10 -2.65 -1.39
CA THR A 25 -10.31 -3.45 -1.41
C THR A 25 -10.04 -4.82 -2.04
N SER A 26 -10.40 -5.87 -1.31
CA SER A 26 -10.19 -7.24 -1.79
C SER A 26 -10.98 -7.49 -3.07
N ASP A 27 -10.35 -7.24 -4.20
CA ASP A 27 -10.99 -7.44 -5.50
C ASP A 27 -10.00 -7.19 -6.64
N MET A 28 -9.61 -8.27 -7.32
CA MET A 28 -8.68 -8.17 -8.42
C MET A 28 -9.41 -8.03 -9.75
N ASN A 29 -10.66 -7.58 -9.69
CA ASN A 29 -11.47 -7.40 -10.89
C ASN A 29 -12.21 -6.07 -10.85
N ARG A 30 -12.62 -5.65 -9.66
CA ARG A 30 -13.34 -4.40 -9.49
C ARG A 30 -12.52 -3.23 -10.06
N VAL A 31 -13.21 -2.31 -10.73
CA VAL A 31 -12.55 -1.16 -11.31
C VAL A 31 -12.88 0.11 -10.53
N PHE A 32 -13.92 0.06 -9.72
CA PHE A 32 -14.34 1.19 -8.92
C PHE A 32 -13.88 1.04 -7.47
N CYS A 33 -14.01 2.11 -6.70
CA CYS A 33 -13.61 2.10 -5.29
C CYS A 33 -14.83 2.24 -4.39
N GLY A 34 -14.67 1.83 -3.13
CA GLY A 34 -15.77 1.92 -2.18
C GLY A 34 -15.61 3.09 -1.23
N HIS A 35 -14.42 3.24 -0.66
CA HIS A 35 -14.15 4.32 0.28
C HIS A 35 -14.65 5.66 -0.28
N CYS A 36 -13.99 6.13 -1.33
CA CYS A 36 -14.36 7.40 -1.96
C CYS A 36 -15.28 7.15 -3.16
N GLY A 37 -14.89 6.22 -4.01
CA GLY A 37 -15.68 5.91 -5.20
C GLY A 37 -14.96 6.24 -6.49
N ASN A 38 -13.63 6.21 -6.43
CA ASN A 38 -12.82 6.51 -7.62
C ASN A 38 -13.09 5.51 -8.73
N LYS A 39 -12.84 5.93 -9.97
CA LYS A 39 -13.05 5.07 -11.13
C LYS A 39 -11.72 4.50 -11.63
N THR A 40 -10.69 4.62 -10.82
CA THR A 40 -9.37 4.12 -11.18
C THR A 40 -8.67 3.49 -9.97
N LEU A 41 -8.18 2.27 -10.16
CA LEU A 41 -7.48 1.57 -9.08
C LEU A 41 -6.10 1.11 -9.54
N LYS A 42 -5.10 1.30 -8.69
CA LYS A 42 -3.74 0.90 -9.00
C LYS A 42 -3.43 -0.49 -8.46
N LYS A 43 -3.05 -1.39 -9.35
CA LYS A 43 -2.74 -2.77 -8.97
C LYS A 43 -1.44 -2.82 -8.16
N VAL A 44 -1.49 -3.53 -7.03
CA VAL A 44 -0.32 -3.66 -6.17
C VAL A 44 -0.22 -5.06 -5.59
N SER A 45 1.01 -5.53 -5.38
CA SER A 45 1.24 -6.87 -4.84
C SER A 45 1.22 -6.84 -3.31
N VAL A 46 1.02 -8.01 -2.72
CA VAL A 46 0.97 -8.13 -1.26
C VAL A 46 1.27 -9.55 -0.82
N THR A 47 2.20 -9.69 0.12
CA THR A 47 2.58 -10.99 0.64
C THR A 47 1.89 -11.29 1.96
N ILE A 48 1.77 -12.57 2.29
CA ILE A 48 1.12 -12.98 3.53
C ILE A 48 2.14 -13.48 4.55
N ASN A 49 2.59 -12.58 5.41
CA ASN A 49 3.57 -12.91 6.44
C ASN A 49 2.91 -13.64 7.61
N ASP A 50 3.69 -14.45 8.31
CA ASP A 50 3.19 -15.21 9.45
C ASP A 50 2.18 -14.38 10.24
N ASP A 51 2.63 -13.23 10.74
CA ASP A 51 1.77 -12.35 11.52
C ASP A 51 0.58 -11.88 10.69
N GLY A 52 0.84 -11.49 9.44
CA GLY A 52 -0.22 -11.03 8.56
C GLY A 52 -0.04 -9.58 8.17
N THR A 53 1.02 -9.29 7.43
CA THR A 53 1.31 -7.93 6.98
C THR A 53 1.24 -7.82 5.46
N LEU A 54 1.01 -6.61 4.97
CA LEU A 54 0.93 -6.37 3.53
C LEU A 54 2.15 -5.60 3.03
N HIS A 55 3.14 -6.31 2.53
CA HIS A 55 4.36 -5.70 2.02
C HIS A 55 4.11 -5.08 0.65
N MET A 56 4.13 -3.74 0.59
CA MET A 56 3.92 -3.04 -0.67
C MET A 56 5.16 -2.24 -1.07
N HIS A 57 5.34 -2.04 -2.37
CA HIS A 57 6.48 -1.29 -2.88
C HIS A 57 6.07 0.11 -3.31
N PHE A 58 6.87 1.10 -2.92
CA PHE A 58 6.60 2.49 -3.27
C PHE A 58 7.79 3.12 -3.99
N SER A 59 8.44 2.33 -4.84
CA SER A 59 9.59 2.82 -5.59
C SER A 59 9.17 3.33 -6.96
N ARG A 60 8.15 2.71 -7.54
CA ARG A 60 7.65 3.10 -8.85
C ARG A 60 7.30 4.59 -8.87
N ASN A 61 6.45 5.00 -7.93
CA ASN A 61 6.04 6.40 -7.84
C ASN A 61 6.96 7.18 -6.91
N PRO A 62 7.18 8.47 -7.25
CA PRO A 62 8.04 9.35 -6.46
C PRO A 62 7.42 9.71 -5.12
N LYS A 63 8.16 10.45 -4.30
CA LYS A 63 7.69 10.86 -2.98
C LYS A 63 7.48 12.37 -2.94
N VAL A 64 8.49 13.12 -3.34
CA VAL A 64 8.42 14.59 -3.35
C VAL A 64 8.19 15.11 -4.75
N LEU A 65 7.81 16.39 -4.84
CA LEU A 65 7.56 17.02 -6.14
C LEU A 65 8.50 18.19 -6.36
N ASN A 66 8.45 19.17 -5.46
CA ASN A 66 9.31 20.34 -5.56
C ASN A 66 9.81 20.78 -4.18
N PRO A 67 10.87 21.58 -4.15
CA PRO A 67 11.46 22.08 -2.91
C PRO A 67 10.56 23.10 -2.21
N ARG A 68 10.71 23.20 -0.90
CA ARG A 68 9.91 24.14 -0.11
C ARG A 68 10.70 25.42 0.18
N GLY A 69 9.99 26.53 0.32
CA GLY A 69 10.63 27.79 0.60
C GLY A 69 9.82 28.98 0.10
N LEU A 70 9.39 29.82 1.03
CA LEU A 70 8.60 31.00 0.68
C LEU A 70 8.56 31.99 1.83
N ARG A 71 8.19 33.23 1.53
CA ARG A 71 8.11 34.27 2.54
C ARG A 71 6.82 35.08 2.40
N TYR A 72 6.52 35.88 3.41
CA TYR A 72 5.32 36.70 3.39
C TYR A 72 5.66 38.18 3.18
N SER A 73 4.69 38.93 2.66
CA SER A 73 4.90 40.35 2.40
C SER A 73 3.59 41.02 1.99
N SER A 74 3.44 42.29 2.33
CA SER A 74 2.24 43.04 2.01
C SER A 74 2.47 44.54 2.20
N GLY A 75 1.70 45.34 1.47
CA GLY A 75 1.83 46.79 1.57
C GLY A 75 1.42 47.50 0.30
N PRO A 76 0.10 47.54 0.04
CA PRO A 76 -0.44 48.19 -1.16
C PRO A 76 -0.31 49.71 -1.11
N SER A 77 -0.87 50.39 -2.10
CA SER A 77 -0.80 51.85 -2.18
C SER A 77 -1.63 52.36 -3.35
N SER A 78 -1.70 53.69 -3.47
CA SER A 78 -2.47 54.32 -4.54
C SER A 78 -1.76 54.14 -5.88
N GLY A 79 -0.52 54.61 -5.96
CA GLY A 79 0.24 54.49 -7.19
C GLY A 79 1.49 55.36 -7.19
N GLY A 1 -6.93 -36.28 -2.70
CA GLY A 1 -5.78 -35.50 -3.09
C GLY A 1 -4.53 -36.34 -3.26
N SER A 2 -4.29 -36.81 -4.48
CA SER A 2 -3.13 -37.63 -4.77
C SER A 2 -2.31 -37.05 -5.93
N SER A 3 -1.39 -36.15 -5.60
CA SER A 3 -0.55 -35.51 -6.60
C SER A 3 0.64 -34.81 -5.96
N GLY A 4 1.79 -34.86 -6.63
CA GLY A 4 2.98 -34.24 -6.11
C GLY A 4 3.50 -33.14 -7.02
N SER A 5 4.75 -33.25 -7.42
CA SER A 5 5.37 -32.25 -8.29
C SER A 5 5.35 -32.71 -9.75
N SER A 6 4.26 -32.41 -10.44
CA SER A 6 4.12 -32.80 -11.84
C SER A 6 3.69 -31.61 -12.69
N GLY A 7 2.72 -30.84 -12.19
CA GLY A 7 2.24 -29.68 -12.91
C GLY A 7 1.59 -28.65 -12.01
N VAL A 8 2.28 -28.31 -10.92
CA VAL A 8 1.76 -27.34 -9.97
C VAL A 8 2.53 -26.02 -10.05
N ARG A 9 1.80 -24.91 -10.11
CA ARG A 9 2.42 -23.60 -10.20
C ARG A 9 2.19 -22.80 -8.91
N GLU A 10 2.99 -21.77 -8.72
CA GLU A 10 2.90 -20.94 -7.53
C GLU A 10 1.70 -19.98 -7.63
N ALA A 11 1.23 -19.52 -6.48
CA ALA A 11 0.10 -18.59 -6.44
C ALA A 11 0.51 -17.24 -5.87
N ARG A 12 0.16 -16.18 -6.58
CA ARG A 12 0.50 -14.82 -6.15
C ARG A 12 -0.71 -14.13 -5.52
N SER A 13 -0.48 -12.96 -4.93
CA SER A 13 -1.56 -12.21 -4.30
C SER A 13 -1.44 -10.72 -4.63
N TYR A 14 -2.45 -10.19 -5.31
CA TYR A 14 -2.46 -8.79 -5.69
C TYR A 14 -3.75 -8.11 -5.26
N ILE A 15 -3.68 -6.81 -5.00
CA ILE A 15 -4.85 -6.05 -4.58
C ILE A 15 -4.88 -4.67 -5.23
N LEU A 16 -6.03 -4.01 -5.14
CA LEU A 16 -6.17 -2.68 -5.73
C LEU A 16 -6.08 -1.59 -4.65
N ARG A 17 -5.01 -0.80 -4.71
CA ARG A 17 -4.80 0.27 -3.75
C ARG A 17 -5.19 1.62 -4.34
N CYS A 18 -6.38 2.10 -3.98
CA CYS A 18 -6.88 3.38 -4.48
C CYS A 18 -5.92 4.51 -4.11
N HIS A 19 -6.13 5.67 -4.72
CA HIS A 19 -5.29 6.83 -4.45
C HIS A 19 -6.10 7.95 -3.80
N GLY A 20 -7.22 8.32 -4.42
CA GLY A 20 -8.05 9.37 -3.88
C GLY A 20 -8.35 9.17 -2.41
N CYS A 21 -8.15 7.95 -1.93
CA CYS A 21 -8.41 7.63 -0.53
C CYS A 21 -7.26 6.83 0.06
N PHE A 22 -6.56 6.09 -0.79
CA PHE A 22 -5.43 5.27 -0.35
C PHE A 22 -5.92 4.02 0.38
N LYS A 23 -7.07 3.50 -0.06
CA LYS A 23 -7.65 2.30 0.54
C LYS A 23 -7.40 1.08 -0.34
N THR A 24 -7.45 -0.10 0.27
CA THR A 24 -7.23 -1.34 -0.45
C THR A 24 -8.47 -2.23 -0.39
N THR A 25 -8.78 -2.88 -1.51
CA THR A 25 -9.95 -3.76 -1.59
C THR A 25 -9.58 -5.09 -2.24
N SER A 26 -9.88 -6.18 -1.56
CA SER A 26 -9.59 -7.52 -2.06
C SER A 26 -10.49 -7.86 -3.24
N ASP A 27 -10.06 -7.50 -4.45
CA ASP A 27 -10.83 -7.76 -5.65
C ASP A 27 -10.05 -7.35 -6.90
N MET A 28 -10.03 -8.23 -7.90
CA MET A 28 -9.32 -7.95 -9.14
C MET A 28 -10.29 -7.78 -10.30
N ASN A 29 -11.49 -7.30 -9.99
CA ASN A 29 -12.51 -7.08 -11.00
C ASN A 29 -13.18 -5.71 -10.83
N ARG A 30 -13.40 -5.33 -9.58
CA ARG A 30 -14.03 -4.05 -9.28
C ARG A 30 -13.38 -2.93 -10.07
N VAL A 31 -14.20 -2.20 -10.83
CA VAL A 31 -13.71 -1.09 -11.65
C VAL A 31 -13.91 0.24 -10.93
N PHE A 32 -14.73 0.23 -9.89
CA PHE A 32 -15.01 1.44 -9.12
C PHE A 32 -14.64 1.24 -7.65
N CYS A 33 -14.29 2.34 -6.99
CA CYS A 33 -13.92 2.29 -5.57
C CYS A 33 -15.10 2.68 -4.69
N GLY A 34 -15.09 2.19 -3.46
CA GLY A 34 -16.17 2.50 -2.53
C GLY A 34 -15.79 3.57 -1.53
N HIS A 35 -14.57 3.48 -1.00
CA HIS A 35 -14.09 4.46 -0.02
C HIS A 35 -14.40 5.88 -0.48
N CYS A 36 -13.83 6.26 -1.61
CA CYS A 36 -14.04 7.60 -2.16
C CYS A 36 -14.96 7.55 -3.37
N GLY A 37 -14.66 6.64 -4.29
CA GLY A 37 -15.46 6.50 -5.50
C GLY A 37 -14.69 6.85 -6.75
N ASN A 38 -13.41 6.49 -6.77
CA ASN A 38 -12.56 6.76 -7.92
C ASN A 38 -12.79 5.72 -9.03
N LYS A 39 -12.46 6.10 -10.25
CA LYS A 39 -12.63 5.20 -11.39
C LYS A 39 -11.28 4.63 -11.83
N THR A 40 -10.23 4.99 -11.12
CA THR A 40 -8.89 4.51 -11.44
C THR A 40 -8.25 3.80 -10.24
N LEU A 41 -7.92 2.53 -10.43
CA LEU A 41 -7.31 1.74 -9.36
C LEU A 41 -5.94 1.22 -9.79
N LYS A 42 -5.00 1.23 -8.85
CA LYS A 42 -3.64 0.75 -9.12
C LYS A 42 -3.39 -0.60 -8.47
N LYS A 43 -3.12 -1.61 -9.29
CA LYS A 43 -2.86 -2.95 -8.79
C LYS A 43 -1.50 -3.03 -8.10
N VAL A 44 -1.47 -3.65 -6.94
CA VAL A 44 -0.22 -3.79 -6.18
C VAL A 44 -0.14 -5.17 -5.52
N SER A 45 1.07 -5.69 -5.40
CA SER A 45 1.30 -6.98 -4.79
C SER A 45 1.44 -6.86 -3.28
N VAL A 46 1.07 -7.91 -2.55
CA VAL A 46 1.16 -7.92 -1.10
C VAL A 46 1.64 -9.27 -0.58
N THR A 47 2.71 -9.26 0.19
CA THR A 47 3.27 -10.49 0.74
C THR A 47 2.79 -10.71 2.17
N ILE A 48 2.70 -11.97 2.58
CA ILE A 48 2.26 -12.31 3.92
C ILE A 48 3.42 -12.86 4.75
N ASN A 49 3.89 -12.06 5.70
CA ASN A 49 4.99 -12.47 6.57
C ASN A 49 4.52 -13.50 7.59
N ASP A 50 5.45 -14.32 8.07
CA ASP A 50 5.14 -15.34 9.05
C ASP A 50 4.22 -14.78 10.15
N ASP A 51 4.67 -13.74 10.81
CA ASP A 51 3.89 -13.11 11.87
C ASP A 51 2.49 -12.77 11.38
N GLY A 52 2.40 -12.12 10.23
CA GLY A 52 1.13 -11.73 9.67
C GLY A 52 1.06 -10.27 9.30
N THR A 53 1.81 -9.89 8.27
CA THR A 53 1.84 -8.50 7.83
C THR A 53 1.79 -8.42 6.31
N LEU A 54 1.17 -7.35 5.80
CA LEU A 54 1.05 -7.16 4.36
C LEU A 54 2.11 -6.18 3.85
N HIS A 55 3.19 -6.71 3.30
CA HIS A 55 4.27 -5.88 2.78
C HIS A 55 3.97 -5.43 1.36
N MET A 56 4.18 -4.15 1.09
CA MET A 56 3.93 -3.59 -0.24
C MET A 56 5.20 -3.00 -0.83
N HIS A 57 5.45 -3.26 -2.10
CA HIS A 57 6.64 -2.75 -2.77
C HIS A 57 6.32 -1.43 -3.50
N PHE A 58 7.31 -0.55 -3.56
CA PHE A 58 7.14 0.74 -4.22
C PHE A 58 7.83 0.75 -5.57
N SER A 59 7.38 1.64 -6.46
CA SER A 59 7.96 1.74 -7.79
C SER A 59 8.97 2.89 -7.86
N ARG A 60 8.52 4.09 -7.52
CA ARG A 60 9.39 5.27 -7.54
C ARG A 60 10.16 5.38 -6.24
N ASN A 61 11.07 6.36 -6.18
CA ASN A 61 11.89 6.58 -4.99
C ASN A 61 11.07 7.23 -3.88
N PRO A 62 11.46 6.95 -2.63
CA PRO A 62 10.78 7.50 -1.46
C PRO A 62 10.99 9.01 -1.30
N LYS A 63 10.19 9.63 -0.44
CA LYS A 63 10.30 11.06 -0.20
C LYS A 63 10.30 11.37 1.29
N VAL A 64 11.47 11.28 1.91
CA VAL A 64 11.61 11.54 3.33
C VAL A 64 12.52 12.75 3.58
N LEU A 65 12.42 13.75 2.71
CA LEU A 65 13.21 14.96 2.83
C LEU A 65 12.36 16.15 3.23
N ASN A 66 12.18 16.32 4.54
CA ASN A 66 11.37 17.43 5.06
C ASN A 66 12.05 18.07 6.27
N PRO A 67 11.99 19.41 6.35
CA PRO A 67 12.58 20.17 7.44
C PRO A 67 11.84 19.96 8.76
N ARG A 68 12.50 20.29 9.87
CA ARG A 68 11.91 20.13 11.18
C ARG A 68 11.03 21.33 11.53
N GLY A 69 9.76 21.26 11.14
CA GLY A 69 8.83 22.35 11.41
C GLY A 69 9.51 23.71 11.37
N LEU A 70 9.17 24.56 12.32
CA LEU A 70 9.74 25.90 12.39
C LEU A 70 9.90 26.35 13.84
N ARG A 71 10.80 27.31 14.06
CA ARG A 71 11.03 27.84 15.40
C ARG A 71 10.05 28.95 15.74
N TYR A 72 9.77 29.11 17.03
CA TYR A 72 8.84 30.14 17.48
C TYR A 72 9.48 31.52 17.42
N SER A 73 8.67 32.56 17.64
CA SER A 73 9.16 33.93 17.61
C SER A 73 9.30 34.48 19.02
N SER A 74 10.37 35.23 19.26
CA SER A 74 10.62 35.82 20.57
C SER A 74 9.46 36.72 20.99
N GLY A 75 9.09 36.64 22.27
CA GLY A 75 8.00 37.46 22.77
C GLY A 75 8.46 38.85 23.18
N PRO A 76 7.62 39.86 22.91
CA PRO A 76 7.92 41.25 23.26
C PRO A 76 7.90 41.50 24.76
N SER A 77 8.77 42.38 25.22
CA SER A 77 8.85 42.71 26.64
C SER A 77 7.81 43.75 27.02
N SER A 78 6.96 43.42 27.98
CA SER A 78 5.91 44.34 28.43
C SER A 78 6.52 45.53 29.16
N GLY A 79 6.34 46.72 28.59
CA GLY A 79 6.87 47.92 29.19
C GLY A 79 6.17 49.18 28.70
ZN ZN B . -10.95 5.34 -3.27
N GLY A 1 -4.91 -36.63 -3.93
CA GLY A 1 -3.64 -36.74 -3.24
C GLY A 1 -3.41 -35.60 -2.27
N SER A 2 -2.15 -35.38 -1.91
CA SER A 2 -1.79 -34.31 -0.98
C SER A 2 -0.72 -33.40 -1.58
N SER A 3 -1.08 -32.14 -1.79
CA SER A 3 -0.14 -31.17 -2.36
C SER A 3 0.57 -30.40 -1.25
N GLY A 4 1.83 -30.04 -1.51
CA GLY A 4 2.60 -29.30 -0.53
C GLY A 4 3.66 -28.43 -1.18
N SER A 5 3.25 -27.26 -1.65
CA SER A 5 4.18 -26.33 -2.29
C SER A 5 5.20 -27.08 -3.13
N SER A 6 4.74 -28.09 -3.85
CA SER A 6 5.62 -28.89 -4.70
C SER A 6 4.93 -29.27 -6.00
N GLY A 7 5.51 -28.85 -7.12
CA GLY A 7 4.94 -29.15 -8.42
C GLY A 7 4.08 -28.01 -8.95
N VAL A 8 3.22 -27.46 -8.09
CA VAL A 8 2.34 -26.37 -8.48
C VAL A 8 3.11 -25.06 -8.59
N ARG A 9 3.07 -24.46 -9.78
CA ARG A 9 3.76 -23.20 -10.01
C ARG A 9 3.58 -22.24 -8.84
N GLU A 10 4.43 -21.22 -8.77
CA GLU A 10 4.36 -20.24 -7.69
C GLU A 10 3.37 -19.13 -8.04
N ALA A 11 2.23 -19.12 -7.34
CA ALA A 11 1.21 -18.12 -7.57
C ALA A 11 1.43 -16.89 -6.67
N ARG A 12 1.08 -15.71 -7.20
CA ARG A 12 1.25 -14.47 -6.46
C ARG A 12 -0.11 -13.91 -6.04
N SER A 13 -0.10 -12.98 -5.10
CA SER A 13 -1.33 -12.35 -4.61
C SER A 13 -1.24 -10.84 -4.69
N TYR A 14 -2.05 -10.25 -5.56
CA TYR A 14 -2.05 -8.80 -5.74
C TYR A 14 -3.41 -8.22 -5.37
N ILE A 15 -3.42 -6.94 -5.00
CA ILE A 15 -4.66 -6.27 -4.63
C ILE A 15 -4.76 -4.89 -5.30
N LEU A 16 -5.96 -4.32 -5.29
CA LEU A 16 -6.19 -3.02 -5.90
C LEU A 16 -6.19 -1.92 -4.83
N ARG A 17 -5.19 -1.05 -4.90
CA ARG A 17 -5.06 0.04 -3.95
C ARG A 17 -5.49 1.37 -4.59
N CYS A 18 -6.69 1.82 -4.26
CA CYS A 18 -7.21 3.07 -4.80
C CYS A 18 -6.14 4.16 -4.78
N HIS A 19 -6.42 5.27 -5.47
CA HIS A 19 -5.48 6.38 -5.53
C HIS A 19 -6.11 7.66 -4.97
N GLY A 20 -7.37 7.88 -5.33
CA GLY A 20 -8.07 9.06 -4.86
C GLY A 20 -8.17 9.11 -3.34
N CYS A 21 -8.10 7.94 -2.71
CA CYS A 21 -8.19 7.86 -1.25
C CYS A 21 -7.04 7.01 -0.69
N PHE A 22 -6.31 6.34 -1.57
CA PHE A 22 -5.20 5.50 -1.16
C PHE A 22 -5.68 4.35 -0.29
N LYS A 23 -6.85 3.81 -0.61
CA LYS A 23 -7.42 2.70 0.14
C LYS A 23 -7.23 1.38 -0.60
N THR A 24 -7.06 0.30 0.15
CA THR A 24 -6.88 -1.01 -0.44
C THR A 24 -8.13 -1.87 -0.29
N THR A 25 -8.41 -2.68 -1.31
CA THR A 25 -9.58 -3.54 -1.29
C THR A 25 -9.28 -4.88 -1.95
N SER A 26 -9.70 -5.97 -1.31
CA SER A 26 -9.47 -7.31 -1.82
C SER A 26 -10.34 -7.58 -3.05
N ASP A 27 -9.81 -7.24 -4.22
CA ASP A 27 -10.53 -7.45 -5.47
C ASP A 27 -9.65 -7.09 -6.67
N MET A 28 -9.66 -7.96 -7.68
CA MET A 28 -8.86 -7.75 -8.87
C MET A 28 -9.75 -7.54 -10.09
N ASN A 29 -11.00 -7.16 -9.85
CA ASN A 29 -11.96 -6.92 -10.91
C ASN A 29 -12.73 -5.62 -10.69
N ARG A 30 -13.04 -5.35 -9.43
CA ARG A 30 -13.78 -4.13 -9.07
C ARG A 30 -13.20 -2.93 -9.79
N VAL A 31 -14.08 -2.14 -10.42
CA VAL A 31 -13.66 -0.95 -11.14
C VAL A 31 -14.00 0.31 -10.36
N PHE A 32 -14.83 0.16 -9.34
CA PHE A 32 -15.24 1.30 -8.52
C PHE A 32 -14.77 1.11 -7.07
N CYS A 33 -14.38 2.22 -6.44
CA CYS A 33 -13.92 2.18 -5.05
C CYS A 33 -15.07 2.42 -4.08
N GLY A 34 -14.87 2.03 -2.83
CA GLY A 34 -15.89 2.21 -1.83
C GLY A 34 -15.68 3.45 -0.99
N HIS A 35 -14.47 3.62 -0.46
CA HIS A 35 -14.14 4.78 0.35
C HIS A 35 -14.51 6.07 -0.36
N CYS A 36 -13.93 6.29 -1.53
CA CYS A 36 -14.20 7.48 -2.31
C CYS A 36 -15.01 7.15 -3.57
N GLY A 37 -14.58 6.11 -4.29
CA GLY A 37 -15.28 5.71 -5.49
C GLY A 37 -14.63 6.25 -6.75
N ASN A 38 -13.69 5.49 -7.29
CA ASN A 38 -12.99 5.91 -8.51
C ASN A 38 -13.07 4.83 -9.58
N LYS A 39 -13.01 5.25 -10.84
CA LYS A 39 -13.07 4.31 -11.96
C LYS A 39 -11.68 3.84 -12.36
N THR A 40 -10.68 4.25 -11.58
CA THR A 40 -9.29 3.87 -11.85
C THR A 40 -8.60 3.37 -10.58
N LEU A 41 -8.27 2.08 -10.57
CA LEU A 41 -7.60 1.49 -9.42
C LEU A 41 -6.15 1.15 -9.75
N LYS A 42 -5.26 1.39 -8.78
CA LYS A 42 -3.84 1.10 -8.97
C LYS A 42 -3.48 -0.26 -8.41
N LYS A 43 -2.95 -1.13 -9.26
CA LYS A 43 -2.57 -2.47 -8.85
C LYS A 43 -1.32 -2.44 -7.96
N VAL A 44 -1.34 -3.22 -6.90
CA VAL A 44 -0.21 -3.28 -5.97
C VAL A 44 0.03 -4.71 -5.47
N SER A 45 1.30 -5.05 -5.28
CA SER A 45 1.66 -6.38 -4.80
C SER A 45 1.55 -6.48 -3.29
N VAL A 46 1.48 -7.70 -2.78
CA VAL A 46 1.38 -7.92 -1.34
C VAL A 46 1.92 -9.29 -0.96
N THR A 47 2.70 -9.33 0.12
CA THR A 47 3.29 -10.59 0.59
C THR A 47 2.49 -11.18 1.74
N ILE A 48 2.44 -12.50 1.82
CA ILE A 48 1.71 -13.18 2.87
C ILE A 48 2.66 -13.87 3.85
N ASN A 49 2.30 -13.86 5.13
CA ASN A 49 3.11 -14.48 6.15
C ASN A 49 2.31 -15.50 6.96
N ASP A 50 3.00 -16.51 7.49
CA ASP A 50 2.34 -17.55 8.28
C ASP A 50 1.21 -16.96 9.13
N ASP A 51 1.51 -15.90 9.85
CA ASP A 51 0.52 -15.25 10.70
C ASP A 51 -0.55 -14.57 9.86
N GLY A 52 -0.12 -13.89 8.80
CA GLY A 52 -1.06 -13.21 7.92
C GLY A 52 -0.92 -11.71 8.00
N THR A 53 0.05 -11.16 7.28
CA THR A 53 0.30 -9.73 7.27
C THR A 53 0.35 -9.19 5.84
N LEU A 54 0.08 -7.90 5.68
CA LEU A 54 0.11 -7.26 4.38
C LEU A 54 1.34 -6.38 4.22
N HIS A 55 2.27 -6.81 3.37
CA HIS A 55 3.50 -6.06 3.14
C HIS A 55 3.52 -5.49 1.71
N MET A 56 3.25 -4.19 1.60
CA MET A 56 3.25 -3.53 0.31
C MET A 56 4.51 -2.69 0.12
N HIS A 57 5.30 -3.05 -0.88
CA HIS A 57 6.54 -2.33 -1.17
C HIS A 57 6.35 -1.36 -2.33
N PHE A 58 6.48 -0.07 -2.06
CA PHE A 58 6.33 0.95 -3.08
C PHE A 58 7.69 1.47 -3.55
N SER A 59 7.67 2.37 -4.52
CA SER A 59 8.90 2.95 -5.07
C SER A 59 8.96 4.44 -4.79
N ARG A 60 10.13 5.03 -5.01
CA ARG A 60 10.32 6.46 -4.79
C ARG A 60 10.09 6.82 -3.32
N ASN A 61 10.70 6.04 -2.43
CA ASN A 61 10.55 6.27 -1.00
C ASN A 61 11.56 7.31 -0.51
N PRO A 62 11.05 8.43 0.02
CA PRO A 62 11.89 9.52 0.53
C PRO A 62 12.64 9.14 1.81
N LYS A 63 13.46 10.05 2.31
CA LYS A 63 14.22 9.81 3.52
C LYS A 63 13.74 10.69 4.66
N VAL A 64 12.61 10.31 5.26
CA VAL A 64 12.03 11.07 6.36
C VAL A 64 13.13 11.64 7.26
N LEU A 65 13.18 12.97 7.36
CA LEU A 65 14.17 13.64 8.18
C LEU A 65 13.52 14.68 9.10
N ASN A 66 14.13 14.90 10.25
CA ASN A 66 13.61 15.88 11.21
C ASN A 66 14.45 17.14 11.21
N PRO A 67 13.81 18.29 11.50
CA PRO A 67 14.48 19.59 11.55
C PRO A 67 15.43 19.70 12.74
N ARG A 68 15.91 20.92 12.99
CA ARG A 68 16.82 21.17 14.10
C ARG A 68 16.41 22.42 14.87
N GLY A 69 16.39 22.31 16.19
CA GLY A 69 16.01 23.45 17.02
C GLY A 69 16.87 24.67 16.76
N LEU A 70 16.45 25.81 17.29
CA LEU A 70 17.19 27.06 17.11
C LEU A 70 16.94 28.02 18.27
N ARG A 71 17.85 28.96 18.45
CA ARG A 71 17.73 29.93 19.52
C ARG A 71 17.12 31.24 19.02
N TYR A 72 16.88 32.17 19.93
CA TYR A 72 16.28 33.46 19.57
C TYR A 72 17.27 34.59 19.80
N SER A 73 17.09 35.70 19.09
CA SER A 73 17.96 36.86 19.21
C SER A 73 17.25 38.12 18.75
N SER A 74 17.81 39.27 19.12
CA SER A 74 17.24 40.55 18.74
C SER A 74 18.33 41.56 18.36
N GLY A 75 17.91 42.72 17.89
CA GLY A 75 18.87 43.75 17.51
C GLY A 75 18.20 45.03 17.06
N PRO A 76 18.80 46.17 17.43
CA PRO A 76 18.26 47.50 17.07
C PRO A 76 18.39 47.79 15.58
N SER A 77 18.03 49.01 15.19
CA SER A 77 18.08 49.41 13.80
C SER A 77 18.15 50.93 13.67
N SER A 78 18.30 51.41 12.44
CA SER A 78 18.38 52.84 12.19
C SER A 78 18.23 53.14 10.69
N GLY A 79 18.20 54.42 10.36
CA GLY A 79 18.07 54.82 8.96
C GLY A 79 18.40 56.28 8.74
ZN ZN B . -10.99 5.30 -3.16
N GLY A 1 -8.85 -36.13 14.30
CA GLY A 1 -8.38 -34.91 13.66
C GLY A 1 -7.13 -35.13 12.82
N SER A 2 -7.04 -34.42 11.70
CA SER A 2 -5.90 -34.55 10.82
C SER A 2 -5.00 -33.32 10.90
N SER A 3 -3.69 -33.54 10.86
CA SER A 3 -2.73 -32.45 10.94
C SER A 3 -2.47 -31.85 9.56
N GLY A 4 -2.11 -30.56 9.54
CA GLY A 4 -1.85 -29.90 8.29
C GLY A 4 -0.67 -30.50 7.54
N SER A 5 -0.50 -30.10 6.29
CA SER A 5 0.60 -30.62 5.47
C SER A 5 0.80 -29.74 4.24
N SER A 6 2.06 -29.52 3.87
CA SER A 6 2.38 -28.71 2.70
C SER A 6 3.67 -29.19 2.05
N GLY A 7 3.87 -28.81 0.78
CA GLY A 7 5.06 -29.22 0.07
C GLY A 7 5.64 -28.09 -0.77
N VAL A 8 5.35 -28.13 -2.07
CA VAL A 8 5.84 -27.11 -2.98
C VAL A 8 4.69 -26.40 -3.70
N ARG A 9 4.56 -25.11 -3.47
CA ARG A 9 3.51 -24.32 -4.10
C ARG A 9 3.73 -22.83 -3.88
N GLU A 10 3.56 -22.04 -4.93
CA GLU A 10 3.74 -20.60 -4.84
C GLU A 10 2.46 -19.91 -4.38
N ALA A 11 2.58 -19.09 -3.34
CA ALA A 11 1.44 -18.37 -2.79
C ALA A 11 1.50 -16.90 -3.16
N ARG A 12 0.57 -16.46 -4.02
CA ARG A 12 0.52 -15.06 -4.44
C ARG A 12 -0.84 -14.45 -4.14
N SER A 13 -0.86 -13.14 -3.93
CA SER A 13 -2.10 -12.43 -3.62
C SER A 13 -1.96 -10.94 -3.91
N TYR A 14 -2.63 -10.49 -4.96
CA TYR A 14 -2.58 -9.08 -5.34
C TYR A 14 -3.82 -8.33 -4.85
N ILE A 15 -3.74 -7.01 -4.85
CA ILE A 15 -4.85 -6.18 -4.42
C ILE A 15 -4.82 -4.81 -5.09
N LEU A 16 -5.96 -4.13 -5.07
CA LEU A 16 -6.07 -2.81 -5.70
C LEU A 16 -5.98 -1.71 -4.63
N ARG A 17 -4.91 -0.92 -4.70
CA ARG A 17 -4.71 0.17 -3.74
C ARG A 17 -5.15 1.50 -4.34
N CYS A 18 -6.35 1.94 -3.99
CA CYS A 18 -6.88 3.20 -4.50
C CYS A 18 -5.95 4.36 -4.16
N HIS A 19 -6.16 5.49 -4.82
CA HIS A 19 -5.33 6.68 -4.59
C HIS A 19 -6.17 7.82 -4.03
N GLY A 20 -7.28 8.11 -4.69
CA GLY A 20 -8.15 9.18 -4.25
C GLY A 20 -8.35 9.19 -2.74
N CYS A 21 -8.34 8.00 -2.15
CA CYS A 21 -8.52 7.86 -0.70
C CYS A 21 -7.37 7.06 -0.09
N PHE A 22 -6.68 6.29 -0.92
CA PHE A 22 -5.57 5.47 -0.46
C PHE A 22 -6.07 4.27 0.35
N LYS A 23 -7.03 3.56 -0.21
CA LYS A 23 -7.61 2.40 0.45
C LYS A 23 -7.39 1.13 -0.37
N THR A 24 -7.42 -0.02 0.28
CA THR A 24 -7.22 -1.30 -0.39
C THR A 24 -8.47 -2.16 -0.31
N THR A 25 -8.72 -2.94 -1.36
CA THR A 25 -9.89 -3.81 -1.40
C THR A 25 -9.57 -5.12 -2.10
N SER A 26 -9.89 -6.23 -1.44
CA SER A 26 -9.63 -7.56 -2.00
C SER A 26 -10.48 -7.80 -3.25
N ASP A 27 -9.94 -7.42 -4.39
CA ASP A 27 -10.64 -7.60 -5.67
C ASP A 27 -9.77 -7.17 -6.84
N MET A 28 -10.09 -7.67 -8.02
CA MET A 28 -9.33 -7.34 -9.23
C MET A 28 -10.27 -7.01 -10.39
N ASN A 29 -11.47 -6.54 -10.06
CA ASN A 29 -12.45 -6.19 -11.07
C ASN A 29 -13.10 -4.84 -10.77
N ARG A 30 -13.39 -4.61 -9.49
CA ARG A 30 -14.00 -3.36 -9.07
C ARG A 30 -13.55 -2.19 -9.95
N VAL A 31 -14.49 -1.63 -10.69
CA VAL A 31 -14.19 -0.51 -11.59
C VAL A 31 -14.41 0.82 -10.88
N PHE A 32 -15.00 0.78 -9.69
CA PHE A 32 -15.26 1.98 -8.92
C PHE A 32 -14.96 1.75 -7.44
N CYS A 33 -13.85 2.30 -6.97
CA CYS A 33 -13.45 2.15 -5.57
C CYS A 33 -14.67 2.16 -4.66
N GLY A 34 -14.54 1.52 -3.50
CA GLY A 34 -15.64 1.47 -2.56
C GLY A 34 -15.59 2.60 -1.55
N HIS A 35 -14.41 2.89 -1.03
CA HIS A 35 -14.24 3.95 -0.05
C HIS A 35 -14.68 5.29 -0.63
N CYS A 36 -13.95 5.77 -1.63
CA CYS A 36 -14.28 7.04 -2.28
C CYS A 36 -14.95 6.82 -3.63
N GLY A 37 -14.34 5.96 -4.44
CA GLY A 37 -14.89 5.67 -5.75
C GLY A 37 -14.06 6.25 -6.87
N ASN A 38 -13.17 5.44 -7.44
CA ASN A 38 -12.31 5.88 -8.52
C ASN A 38 -12.43 4.96 -9.73
N LYS A 39 -12.22 5.52 -10.93
CA LYS A 39 -12.31 4.75 -12.16
C LYS A 39 -10.93 4.21 -12.55
N THR A 40 -9.95 4.40 -11.68
CA THR A 40 -8.59 3.92 -11.94
C THR A 40 -7.99 3.29 -10.69
N LEU A 41 -7.72 1.99 -10.77
CA LEU A 41 -7.13 1.26 -9.64
C LEU A 41 -5.76 0.73 -10.00
N LYS A 42 -4.80 0.91 -9.09
CA LYS A 42 -3.45 0.43 -9.31
C LYS A 42 -3.21 -0.91 -8.62
N LYS A 43 -2.93 -1.93 -9.41
CA LYS A 43 -2.69 -3.27 -8.87
C LYS A 43 -1.35 -3.32 -8.14
N VAL A 44 -1.34 -3.93 -6.96
CA VAL A 44 -0.13 -4.06 -6.17
C VAL A 44 -0.07 -5.40 -5.45
N SER A 45 1.12 -5.98 -5.39
CA SER A 45 1.31 -7.27 -4.73
C SER A 45 1.51 -7.10 -3.23
N VAL A 46 1.03 -8.07 -2.45
CA VAL A 46 1.14 -8.02 -1.01
C VAL A 46 1.53 -9.38 -0.44
N THR A 47 2.70 -9.47 0.17
CA THR A 47 3.18 -10.71 0.75
C THR A 47 2.72 -10.86 2.19
N ILE A 48 2.40 -12.10 2.58
CA ILE A 48 1.95 -12.37 3.93
C ILE A 48 3.09 -12.87 4.82
N ASN A 49 2.99 -12.60 6.11
CA ASN A 49 4.01 -13.02 7.05
C ASN A 49 3.41 -13.82 8.20
N ASP A 50 4.21 -14.69 8.80
CA ASP A 50 3.75 -15.52 9.91
C ASP A 50 2.80 -14.74 10.81
N ASP A 51 3.31 -13.66 11.39
CA ASP A 51 2.50 -12.82 12.28
C ASP A 51 1.29 -12.27 11.56
N GLY A 52 1.49 -11.80 10.33
CA GLY A 52 0.40 -11.25 9.55
C GLY A 52 0.59 -9.78 9.24
N THR A 53 1.53 -9.49 8.34
CA THR A 53 1.82 -8.11 7.96
C THR A 53 1.84 -7.96 6.44
N LEU A 54 1.39 -6.81 5.96
CA LEU A 54 1.36 -6.54 4.52
C LEU A 54 2.72 -6.06 4.03
N HIS A 55 3.01 -6.32 2.77
CA HIS A 55 4.28 -5.91 2.16
C HIS A 55 4.05 -5.12 0.89
N MET A 56 3.77 -3.83 1.03
CA MET A 56 3.54 -2.96 -0.11
C MET A 56 4.69 -1.98 -0.31
N HIS A 57 5.43 -2.14 -1.40
CA HIS A 57 6.55 -1.27 -1.70
C HIS A 57 6.18 -0.25 -2.77
N PHE A 58 6.60 1.00 -2.56
CA PHE A 58 6.31 2.06 -3.51
C PHE A 58 7.39 2.15 -4.58
N SER A 59 7.08 2.84 -5.67
CA SER A 59 8.03 2.99 -6.77
C SER A 59 9.31 3.68 -6.30
N ARG A 60 10.45 3.11 -6.67
CA ARG A 60 11.74 3.67 -6.29
C ARG A 60 11.80 5.16 -6.60
N ASN A 61 12.07 5.98 -5.59
CA ASN A 61 12.15 7.42 -5.77
C ASN A 61 13.54 7.82 -6.27
N PRO A 62 13.61 8.94 -7.00
CA PRO A 62 14.86 9.45 -7.55
C PRO A 62 15.79 9.99 -6.47
N LYS A 63 16.71 9.16 -6.01
CA LYS A 63 17.67 9.55 -4.97
C LYS A 63 18.88 10.24 -5.58
N VAL A 64 18.73 11.53 -5.89
CA VAL A 64 19.81 12.32 -6.47
C VAL A 64 20.30 13.37 -5.50
N LEU A 65 19.42 13.85 -4.63
CA LEU A 65 19.76 14.86 -3.65
C LEU A 65 20.75 14.31 -2.62
N ASN A 66 21.92 14.93 -2.54
CA ASN A 66 22.95 14.50 -1.61
C ASN A 66 22.78 15.20 -0.26
N PRO A 67 23.01 14.44 0.83
CA PRO A 67 22.88 14.96 2.19
C PRO A 67 23.99 15.95 2.54
N ARG A 68 23.65 16.93 3.38
CA ARG A 68 24.61 17.94 3.79
C ARG A 68 25.44 17.46 4.98
N GLY A 69 26.76 17.41 4.79
CA GLY A 69 27.64 16.96 5.85
C GLY A 69 28.20 18.11 6.66
N LEU A 70 28.69 17.82 7.85
CA LEU A 70 29.25 18.83 8.73
C LEU A 70 30.49 19.46 8.11
N ARG A 71 30.79 20.69 8.51
CA ARG A 71 31.96 21.40 7.99
C ARG A 71 33.17 20.48 7.92
N TYR A 72 33.70 20.31 6.72
CA TYR A 72 34.86 19.44 6.52
C TYR A 72 36.07 19.96 7.29
N SER A 73 37.14 19.19 7.30
CA SER A 73 38.36 19.56 8.00
C SER A 73 39.59 19.38 7.11
N SER A 74 40.66 20.09 7.44
CA SER A 74 41.90 20.00 6.67
C SER A 74 43.10 20.41 7.52
N GLY A 75 44.27 19.91 7.15
CA GLY A 75 45.48 20.23 7.89
C GLY A 75 46.63 20.64 6.98
N PRO A 76 47.54 21.46 7.51
CA PRO A 76 48.71 21.94 6.75
C PRO A 76 49.71 20.83 6.49
N SER A 77 50.07 20.67 5.22
CA SER A 77 51.03 19.65 4.82
C SER A 77 52.37 19.85 5.54
N SER A 78 52.96 21.02 5.35
CA SER A 78 54.24 21.34 5.98
C SER A 78 54.38 22.85 6.18
N GLY A 79 55.33 23.23 7.03
CA GLY A 79 55.56 24.64 7.29
C GLY A 79 56.88 24.88 8.01
ZN ZN B . -10.87 5.24 -3.09
N GLY A 1 -9.12 -19.11 -17.94
CA GLY A 1 -8.48 -19.79 -16.83
C GLY A 1 -8.74 -21.28 -16.83
N SER A 2 -7.93 -22.03 -17.57
CA SER A 2 -8.09 -23.47 -17.66
C SER A 2 -6.89 -24.19 -17.03
N SER A 3 -7.16 -25.30 -16.36
CA SER A 3 -6.11 -26.09 -15.72
C SER A 3 -5.69 -27.26 -16.58
N GLY A 4 -4.42 -27.26 -17.00
CA GLY A 4 -3.92 -28.33 -17.84
C GLY A 4 -2.54 -28.03 -18.40
N SER A 5 -1.53 -28.06 -17.53
CA SER A 5 -0.16 -27.78 -17.95
C SER A 5 0.83 -28.18 -16.86
N SER A 6 1.88 -28.89 -17.26
CA SER A 6 2.90 -29.34 -16.32
C SER A 6 3.84 -28.19 -15.96
N GLY A 7 4.45 -28.30 -14.78
CA GLY A 7 5.38 -27.26 -14.33
C GLY A 7 4.99 -26.69 -12.98
N VAL A 8 5.22 -25.39 -12.80
CA VAL A 8 4.89 -24.73 -11.56
C VAL A 8 3.99 -23.52 -11.79
N ARG A 9 2.91 -23.43 -11.01
CA ARG A 9 1.97 -22.32 -11.14
C ARG A 9 2.35 -21.17 -10.22
N GLU A 10 2.12 -19.95 -10.69
CA GLU A 10 2.45 -18.76 -9.91
C GLU A 10 1.35 -18.46 -8.90
N ALA A 11 1.72 -18.42 -7.62
CA ALA A 11 0.77 -18.15 -6.56
C ALA A 11 1.10 -16.83 -5.87
N ARG A 12 0.37 -15.78 -6.24
CA ARG A 12 0.58 -14.46 -5.67
C ARG A 12 -0.75 -13.74 -5.45
N SER A 13 -0.87 -13.03 -4.33
CA SER A 13 -2.09 -12.30 -4.01
C SER A 13 -1.91 -10.81 -4.25
N TYR A 14 -2.61 -10.27 -5.24
CA TYR A 14 -2.53 -8.86 -5.57
C TYR A 14 -3.78 -8.12 -5.12
N ILE A 15 -3.66 -6.80 -4.98
CA ILE A 15 -4.79 -5.98 -4.56
C ILE A 15 -4.79 -4.63 -5.30
N LEU A 16 -5.93 -3.95 -5.27
CA LEU A 16 -6.06 -2.66 -5.92
C LEU A 16 -5.94 -1.52 -4.91
N ARG A 17 -4.89 -0.72 -5.06
CA ARG A 17 -4.65 0.41 -4.16
C ARG A 17 -5.17 1.70 -4.77
N CYS A 18 -6.07 2.37 -4.05
CA CYS A 18 -6.64 3.63 -4.51
C CYS A 18 -5.65 4.78 -4.32
N HIS A 19 -5.97 5.92 -4.92
CA HIS A 19 -5.11 7.11 -4.82
C HIS A 19 -5.73 8.14 -3.89
N GLY A 20 -6.78 8.81 -4.36
CA GLY A 20 -7.44 9.82 -3.56
C GLY A 20 -7.55 9.42 -2.10
N CYS A 21 -8.37 8.41 -1.82
CA CYS A 21 -8.55 7.93 -0.45
C CYS A 21 -7.36 7.10 0.00
N PHE A 22 -6.70 6.45 -0.94
CA PHE A 22 -5.53 5.63 -0.63
C PHE A 22 -5.93 4.41 0.21
N LYS A 23 -7.04 3.78 -0.18
CA LYS A 23 -7.53 2.61 0.54
C LYS A 23 -7.34 1.34 -0.29
N THR A 24 -7.16 0.22 0.39
CA THR A 24 -6.96 -1.06 -0.29
C THR A 24 -8.20 -1.95 -0.15
N THR A 25 -8.57 -2.61 -1.24
CA THR A 25 -9.73 -3.49 -1.25
C THR A 25 -9.41 -4.81 -1.91
N SER A 26 -9.78 -5.91 -1.26
CA SER A 26 -9.53 -7.25 -1.80
C SER A 26 -10.47 -7.55 -2.95
N ASP A 27 -10.03 -7.21 -4.16
CA ASP A 27 -10.83 -7.45 -5.36
C ASP A 27 -10.06 -7.07 -6.62
N MET A 28 -9.66 -8.08 -7.39
CA MET A 28 -8.91 -7.85 -8.62
C MET A 28 -9.85 -7.78 -9.82
N ASN A 29 -11.09 -7.36 -9.57
CA ASN A 29 -12.09 -7.26 -10.63
C ASN A 29 -12.85 -5.95 -10.52
N ARG A 30 -13.07 -5.49 -9.29
CA ARG A 30 -13.79 -4.26 -9.04
C ARG A 30 -13.20 -3.10 -9.85
N VAL A 31 -14.07 -2.24 -10.37
CA VAL A 31 -13.63 -1.10 -11.17
C VAL A 31 -13.84 0.21 -10.41
N PHE A 32 -14.66 0.15 -9.36
CA PHE A 32 -14.94 1.34 -8.56
C PHE A 32 -14.52 1.12 -7.10
N CYS A 33 -13.48 1.82 -6.69
CA CYS A 33 -12.97 1.72 -5.33
C CYS A 33 -14.12 1.56 -4.33
N GLY A 34 -13.82 1.01 -3.17
CA GLY A 34 -14.83 0.82 -2.15
C GLY A 34 -15.01 2.04 -1.27
N HIS A 35 -13.90 2.61 -0.83
CA HIS A 35 -13.93 3.79 0.03
C HIS A 35 -14.58 4.96 -0.68
N CYS A 36 -13.87 5.55 -1.62
CA CYS A 36 -14.38 6.68 -2.38
C CYS A 36 -15.10 6.21 -3.64
N GLY A 37 -14.45 5.33 -4.39
CA GLY A 37 -15.05 4.82 -5.62
C GLY A 37 -14.56 5.55 -6.85
N ASN A 38 -13.41 5.12 -7.37
CA ASN A 38 -12.83 5.76 -8.56
C ASN A 38 -12.82 4.78 -9.73
N LYS A 39 -12.81 5.32 -10.95
CA LYS A 39 -12.80 4.50 -12.15
C LYS A 39 -11.37 4.13 -12.53
N THR A 40 -10.42 4.46 -11.66
CA THR A 40 -9.01 4.16 -11.91
C THR A 40 -8.36 3.55 -10.68
N LEU A 41 -7.95 2.29 -10.79
CA LEU A 41 -7.30 1.59 -9.68
C LEU A 41 -5.94 1.06 -10.11
N LYS A 42 -4.94 1.28 -9.25
CA LYS A 42 -3.59 0.82 -9.52
C LYS A 42 -3.32 -0.53 -8.87
N LYS A 43 -2.92 -1.51 -9.68
CA LYS A 43 -2.63 -2.85 -9.18
C LYS A 43 -1.33 -2.86 -8.38
N VAL A 44 -1.35 -3.54 -7.24
CA VAL A 44 -0.17 -3.64 -6.38
C VAL A 44 -0.07 -5.02 -5.76
N SER A 45 1.17 -5.51 -5.63
CA SER A 45 1.41 -6.82 -5.05
C SER A 45 1.49 -6.74 -3.52
N VAL A 46 1.07 -7.81 -2.85
CA VAL A 46 1.10 -7.85 -1.40
C VAL A 46 1.38 -9.26 -0.89
N THR A 47 2.06 -9.34 0.25
CA THR A 47 2.40 -10.64 0.83
C THR A 47 1.60 -10.90 2.11
N ILE A 48 1.41 -12.17 2.43
CA ILE A 48 0.66 -12.55 3.62
C ILE A 48 1.59 -13.05 4.73
N ASN A 49 1.94 -12.15 5.64
CA ASN A 49 2.82 -12.50 6.75
C ASN A 49 2.05 -13.18 7.87
N ASP A 50 2.75 -13.99 8.67
CA ASP A 50 2.13 -14.69 9.79
C ASP A 50 1.16 -13.78 10.54
N ASP A 51 1.53 -12.52 10.65
CA ASP A 51 0.70 -11.54 11.35
C ASP A 51 -0.39 -10.99 10.43
N GLY A 52 -0.90 -11.86 9.55
CA GLY A 52 -1.95 -11.43 8.62
C GLY A 52 -1.80 -9.98 8.21
N THR A 53 -0.68 -9.65 7.59
CA THR A 53 -0.42 -8.29 7.13
C THR A 53 -0.06 -8.26 5.66
N LEU A 54 -0.26 -7.10 5.03
CA LEU A 54 0.05 -6.94 3.62
C LEU A 54 1.26 -6.03 3.42
N HIS A 55 2.03 -6.30 2.38
CA HIS A 55 3.22 -5.50 2.08
C HIS A 55 3.04 -4.73 0.78
N MET A 56 3.37 -3.44 0.81
CA MET A 56 3.25 -2.60 -0.37
C MET A 56 4.52 -1.78 -0.59
N HIS A 57 5.38 -2.25 -1.49
CA HIS A 57 6.63 -1.56 -1.79
C HIS A 57 6.36 -0.18 -2.39
N PHE A 58 6.89 0.84 -1.73
CA PHE A 58 6.70 2.22 -2.19
C PHE A 58 7.96 3.05 -1.96
N SER A 59 8.32 3.88 -2.94
CA SER A 59 9.50 4.71 -2.84
C SER A 59 9.59 5.37 -1.46
N ARG A 60 10.42 4.79 -0.59
CA ARG A 60 10.59 5.32 0.76
C ARG A 60 11.61 6.46 0.77
N ASN A 61 11.63 7.25 -0.30
CA ASN A 61 12.55 8.37 -0.41
C ASN A 61 11.80 9.67 -0.68
N PRO A 62 12.00 10.65 0.20
CA PRO A 62 11.36 11.96 0.09
C PRO A 62 11.89 12.78 -1.09
N LYS A 63 11.31 12.57 -2.26
CA LYS A 63 11.73 13.28 -3.46
C LYS A 63 11.74 14.79 -3.23
N VAL A 64 10.58 15.33 -2.86
CA VAL A 64 10.45 16.75 -2.60
C VAL A 64 10.17 17.03 -1.13
N LEU A 65 10.91 17.96 -0.54
CA LEU A 65 10.75 18.31 0.85
C LEU A 65 11.51 19.59 1.20
N ASN A 66 10.78 20.68 1.40
CA ASN A 66 11.39 21.96 1.73
C ASN A 66 11.20 22.29 3.20
N PRO A 67 12.31 22.47 3.92
CA PRO A 67 12.30 22.79 5.35
C PRO A 67 11.78 24.20 5.62
N ARG A 68 10.66 24.29 6.32
CA ARG A 68 10.06 25.57 6.65
C ARG A 68 9.34 25.52 7.98
N GLY A 69 8.77 26.65 8.40
CA GLY A 69 8.07 26.70 9.66
C GLY A 69 7.15 27.91 9.76
N LEU A 70 6.14 27.82 10.63
CA LEU A 70 5.19 28.91 10.81
C LEU A 70 5.91 30.19 11.23
N ARG A 71 5.54 31.30 10.60
CA ARG A 71 6.15 32.59 10.92
C ARG A 71 5.08 33.62 11.30
N TYR A 72 5.52 34.78 11.74
CA TYR A 72 4.61 35.85 12.15
C TYR A 72 4.49 36.90 11.06
N SER A 73 3.48 37.76 11.19
CA SER A 73 3.24 38.82 10.21
C SER A 73 2.36 39.91 10.79
N SER A 74 2.71 41.16 10.51
CA SER A 74 1.95 42.30 11.01
C SER A 74 0.56 42.36 10.37
N GLY A 75 0.52 42.15 9.06
CA GLY A 75 -0.75 42.17 8.34
C GLY A 75 -1.36 43.55 8.32
N PRO A 76 -1.75 44.01 7.12
CA PRO A 76 -2.36 45.34 6.93
C PRO A 76 -3.76 45.41 7.52
N SER A 77 -4.42 46.54 7.32
CA SER A 77 -5.76 46.75 7.84
C SER A 77 -6.79 46.67 6.72
N SER A 78 -8.07 46.79 7.08
CA SER A 78 -9.15 46.72 6.10
C SER A 78 -10.03 47.96 6.18
N GLY A 79 -10.65 48.15 7.34
CA GLY A 79 -11.52 49.30 7.53
C GLY A 79 -12.79 48.96 8.28
ZN ZN B . -10.82 5.23 -3.11
N GLY A 1 -18.38 -39.71 -4.45
CA GLY A 1 -18.93 -38.36 -4.51
C GLY A 1 -17.95 -37.36 -5.08
N SER A 2 -17.02 -36.91 -4.25
CA SER A 2 -16.03 -35.92 -4.67
C SER A 2 -15.16 -36.50 -5.79
N SER A 3 -14.68 -35.62 -6.66
CA SER A 3 -13.84 -36.03 -7.78
C SER A 3 -12.40 -35.56 -7.58
N GLY A 4 -11.48 -36.50 -7.43
CA GLY A 4 -10.08 -36.17 -7.23
C GLY A 4 -9.41 -35.73 -8.52
N SER A 5 -9.90 -34.63 -9.09
CA SER A 5 -9.34 -34.12 -10.34
C SER A 5 -7.90 -33.65 -10.13
N SER A 6 -6.99 -34.19 -10.93
CA SER A 6 -5.58 -33.83 -10.83
C SER A 6 -5.27 -32.61 -11.69
N GLY A 7 -4.27 -31.84 -11.28
CA GLY A 7 -3.88 -30.66 -12.03
C GLY A 7 -3.19 -29.62 -11.17
N VAL A 8 -2.31 -28.84 -11.78
CA VAL A 8 -1.58 -27.81 -11.06
C VAL A 8 -2.13 -26.42 -11.38
N ARG A 9 -2.15 -25.54 -10.40
CA ARG A 9 -2.64 -24.17 -10.58
C ARG A 9 -1.57 -23.16 -10.20
N GLU A 10 -1.85 -21.89 -10.49
CA GLU A 10 -0.91 -20.81 -10.18
C GLU A 10 -1.41 -19.97 -9.02
N ALA A 11 -0.48 -19.47 -8.21
CA ALA A 11 -0.82 -18.66 -7.05
C ALA A 11 -0.45 -17.19 -7.29
N ARG A 12 -1.42 -16.30 -7.13
CA ARG A 12 -1.19 -14.87 -7.33
C ARG A 12 -1.62 -14.08 -6.11
N SER A 13 -0.81 -13.11 -5.71
CA SER A 13 -1.11 -12.27 -4.55
C SER A 13 -1.04 -10.80 -4.91
N TYR A 14 -2.12 -10.28 -5.48
CA TYR A 14 -2.19 -8.88 -5.87
C TYR A 14 -3.50 -8.25 -5.43
N ILE A 15 -3.48 -6.95 -5.15
CA ILE A 15 -4.67 -6.22 -4.73
C ILE A 15 -4.76 -4.86 -5.41
N LEU A 16 -5.95 -4.26 -5.37
CA LEU A 16 -6.17 -2.96 -5.98
C LEU A 16 -6.13 -1.85 -4.93
N ARG A 17 -5.12 -0.99 -5.04
CA ARG A 17 -4.96 0.12 -4.10
C ARG A 17 -5.39 1.44 -4.74
N CYS A 18 -6.44 2.04 -4.20
CA CYS A 18 -6.95 3.30 -4.73
C CYS A 18 -5.88 4.38 -4.64
N HIS A 19 -6.23 5.59 -5.08
CA HIS A 19 -5.30 6.72 -5.06
C HIS A 19 -5.81 7.82 -4.13
N GLY A 20 -6.88 8.49 -4.55
CA GLY A 20 -7.44 9.56 -3.74
C GLY A 20 -7.55 9.19 -2.28
N CYS A 21 -7.67 7.90 -2.01
CA CYS A 21 -7.80 7.41 -0.64
C CYS A 21 -6.73 6.36 -0.34
N PHE A 22 -5.84 6.12 -1.31
CA PHE A 22 -4.77 5.14 -1.15
C PHE A 22 -5.25 3.94 -0.35
N LYS A 23 -6.53 3.61 -0.48
CA LYS A 23 -7.12 2.48 0.23
C LYS A 23 -6.94 1.19 -0.56
N THR A 24 -7.16 0.07 0.11
CA THR A 24 -7.02 -1.24 -0.53
C THR A 24 -8.30 -2.05 -0.42
N THR A 25 -8.59 -2.86 -1.43
CA THR A 25 -9.79 -3.68 -1.44
C THR A 25 -9.51 -5.06 -2.04
N SER A 26 -9.93 -6.10 -1.33
CA SER A 26 -9.72 -7.47 -1.79
C SER A 26 -10.55 -7.76 -3.03
N ASP A 27 -9.98 -7.47 -4.20
CA ASP A 27 -10.68 -7.71 -5.47
C ASP A 27 -9.77 -7.36 -6.65
N MET A 28 -9.85 -8.16 -7.71
CA MET A 28 -9.05 -7.93 -8.89
C MET A 28 -9.93 -7.76 -10.13
N ASN A 29 -11.19 -7.38 -9.90
CA ASN A 29 -12.14 -7.18 -10.99
C ASN A 29 -12.87 -5.85 -10.82
N ARG A 30 -13.13 -5.47 -9.58
CA ARG A 30 -13.82 -4.22 -9.28
C ARG A 30 -13.19 -3.05 -10.02
N VAL A 31 -14.01 -2.08 -10.39
CA VAL A 31 -13.52 -0.90 -11.09
C VAL A 31 -13.76 0.37 -10.30
N PHE A 32 -14.66 0.28 -9.32
CA PHE A 32 -14.99 1.42 -8.47
C PHE A 32 -14.45 1.22 -7.06
N CYS A 33 -14.21 2.33 -6.36
CA CYS A 33 -13.69 2.28 -5.01
C CYS A 33 -14.83 2.44 -3.99
N GLY A 34 -14.66 1.82 -2.82
CA GLY A 34 -15.67 1.91 -1.78
C GLY A 34 -15.54 3.18 -0.96
N HIS A 35 -14.31 3.50 -0.57
CA HIS A 35 -14.06 4.70 0.23
C HIS A 35 -14.50 5.95 -0.50
N CYS A 36 -13.73 6.36 -1.51
CA CYS A 36 -14.04 7.54 -2.29
C CYS A 36 -14.80 7.17 -3.56
N GLY A 37 -14.30 6.17 -4.27
CA GLY A 37 -14.93 5.73 -5.51
C GLY A 37 -14.23 6.24 -6.74
N ASN A 38 -13.35 5.42 -7.30
CA ASN A 38 -12.60 5.80 -8.49
C ASN A 38 -12.75 4.74 -9.59
N LYS A 39 -12.90 5.20 -10.82
CA LYS A 39 -13.05 4.29 -11.96
C LYS A 39 -11.69 3.77 -12.41
N THR A 40 -10.63 4.20 -11.73
CA THR A 40 -9.28 3.77 -12.06
C THR A 40 -8.55 3.22 -10.83
N LEU A 41 -8.29 1.93 -10.83
CA LEU A 41 -7.60 1.28 -9.71
C LEU A 41 -6.23 0.77 -10.13
N LYS A 42 -5.23 1.01 -9.29
CA LYS A 42 -3.87 0.57 -9.58
C LYS A 42 -3.56 -0.75 -8.88
N LYS A 43 -3.24 -1.77 -9.66
CA LYS A 43 -2.92 -3.08 -9.11
C LYS A 43 -1.56 -3.08 -8.45
N VAL A 44 -1.46 -3.72 -7.28
CA VAL A 44 -0.20 -3.79 -6.54
C VAL A 44 -0.03 -5.16 -5.89
N SER A 45 1.22 -5.58 -5.73
CA SER A 45 1.52 -6.87 -5.12
C SER A 45 1.55 -6.75 -3.59
N VAL A 46 1.42 -7.89 -2.92
CA VAL A 46 1.43 -7.92 -1.46
C VAL A 46 2.01 -9.23 -0.94
N THR A 47 2.96 -9.13 -0.01
CA THR A 47 3.59 -10.32 0.56
C THR A 47 2.77 -10.85 1.73
N ILE A 48 2.88 -12.15 1.98
CA ILE A 48 2.16 -12.79 3.06
C ILE A 48 3.09 -13.14 4.22
N ASN A 49 2.61 -12.92 5.44
CA ASN A 49 3.41 -13.21 6.63
C ASN A 49 2.76 -14.31 7.46
N ASP A 50 3.58 -15.02 8.23
CA ASP A 50 3.07 -16.10 9.07
C ASP A 50 1.74 -15.72 9.71
N ASP A 51 1.71 -14.55 10.34
CA ASP A 51 0.50 -14.07 11.00
C ASP A 51 -0.59 -13.77 9.97
N GLY A 52 -0.19 -13.13 8.86
CA GLY A 52 -1.15 -12.80 7.82
C GLY A 52 -1.40 -11.31 7.73
N THR A 53 -0.32 -10.52 7.71
CA THR A 53 -0.44 -9.07 7.63
C THR A 53 0.01 -8.56 6.26
N LEU A 54 -0.75 -7.61 5.72
CA LEU A 54 -0.44 -7.04 4.41
C LEU A 54 0.81 -6.17 4.49
N HIS A 55 1.41 -5.89 3.33
CA HIS A 55 2.61 -5.06 3.26
C HIS A 55 2.85 -4.59 1.83
N MET A 56 2.88 -3.27 1.64
CA MET A 56 3.11 -2.70 0.32
C MET A 56 4.32 -1.76 0.35
N HIS A 57 5.02 -1.68 -0.78
CA HIS A 57 6.19 -0.82 -0.89
C HIS A 57 5.80 0.65 -0.84
N PHE A 58 6.51 1.41 -0.02
CA PHE A 58 6.23 2.84 0.12
C PHE A 58 7.00 3.65 -0.92
N SER A 59 6.29 4.51 -1.64
CA SER A 59 6.89 5.34 -2.67
C SER A 59 6.70 6.82 -2.36
N ARG A 60 5.51 7.19 -1.92
CA ARG A 60 5.20 8.57 -1.59
C ARG A 60 6.38 9.25 -0.92
N ASN A 61 6.99 8.57 0.05
CA ASN A 61 8.14 9.10 0.77
C ASN A 61 9.43 8.51 0.23
N PRO A 62 10.40 9.39 -0.06
CA PRO A 62 11.71 8.97 -0.58
C PRO A 62 12.55 8.25 0.45
N LYS A 63 13.75 7.82 0.05
CA LYS A 63 14.65 7.12 0.96
C LYS A 63 15.44 8.10 1.82
N VAL A 64 14.88 8.47 2.96
CA VAL A 64 15.53 9.41 3.87
C VAL A 64 16.35 8.67 4.93
N LEU A 65 17.31 9.36 5.52
CA LEU A 65 18.17 8.77 6.54
C LEU A 65 18.32 9.71 7.72
N ASN A 66 18.53 10.99 7.44
CA ASN A 66 18.69 12.00 8.48
C ASN A 66 18.05 13.33 8.06
N PRO A 67 17.54 14.07 9.05
CA PRO A 67 16.91 15.37 8.82
C PRO A 67 17.90 16.44 8.39
N ARG A 68 17.69 17.01 7.21
CA ARG A 68 18.58 18.05 6.68
C ARG A 68 18.21 19.41 7.26
N GLY A 69 19.18 20.33 7.25
CA GLY A 69 18.93 21.67 7.76
C GLY A 69 20.19 22.31 8.32
N LEU A 70 20.33 23.60 8.08
CA LEU A 70 21.50 24.34 8.57
C LEU A 70 21.17 25.82 8.76
N ARG A 71 22.03 26.52 9.48
CA ARG A 71 21.84 27.95 9.74
C ARG A 71 23.17 28.65 9.99
N TYR A 72 23.22 29.93 9.67
CA TYR A 72 24.44 30.71 9.85
C TYR A 72 24.12 32.07 10.46
N SER A 73 25.09 32.64 11.16
CA SER A 73 24.93 33.94 11.80
C SER A 73 26.26 34.46 12.35
N SER A 74 26.60 35.68 11.96
CA SER A 74 27.85 36.29 12.41
C SER A 74 27.80 37.81 12.24
N GLY A 75 28.81 38.49 12.77
CA GLY A 75 28.87 39.94 12.68
C GLY A 75 30.03 40.53 13.46
N PRO A 76 31.25 40.33 12.96
CA PRO A 76 32.47 40.84 13.61
C PRO A 76 32.57 42.36 13.52
N SER A 77 33.69 42.89 13.98
CA SER A 77 33.92 44.34 13.96
C SER A 77 35.34 44.67 14.41
N SER A 78 35.84 45.81 13.96
CA SER A 78 37.19 46.25 14.30
C SER A 78 37.35 47.75 14.09
N GLY A 79 38.52 48.28 14.46
CA GLY A 79 38.77 49.70 14.30
C GLY A 79 40.21 50.06 14.60
ZN ZN B . -10.80 5.49 -3.19
N GLY A 1 -20.73 -28.67 7.38
CA GLY A 1 -20.27 -29.02 6.05
C GLY A 1 -21.31 -28.74 4.98
N SER A 2 -21.05 -27.75 4.14
CA SER A 2 -21.97 -27.39 3.07
C SER A 2 -21.22 -26.97 1.82
N SER A 3 -21.82 -27.24 0.66
CA SER A 3 -21.20 -26.89 -0.62
C SER A 3 -22.27 -26.64 -1.69
N GLY A 4 -22.10 -25.56 -2.43
CA GLY A 4 -23.05 -25.23 -3.48
C GLY A 4 -22.38 -24.62 -4.70
N SER A 5 -23.01 -23.58 -5.25
CA SER A 5 -22.47 -22.92 -6.43
C SER A 5 -21.67 -21.68 -6.04
N SER A 6 -20.41 -21.90 -5.65
CA SER A 6 -19.53 -20.81 -5.23
C SER A 6 -18.80 -20.22 -6.43
N GLY A 7 -18.22 -21.10 -7.25
CA GLY A 7 -17.50 -20.65 -8.42
C GLY A 7 -16.54 -19.51 -8.12
N VAL A 8 -15.49 -19.81 -7.34
CA VAL A 8 -14.51 -18.81 -6.98
C VAL A 8 -13.12 -19.18 -7.49
N ARG A 9 -12.56 -18.33 -8.34
CA ARG A 9 -11.24 -18.59 -8.90
C ARG A 9 -10.14 -18.27 -7.87
N GLU A 10 -8.90 -18.47 -8.27
CA GLU A 10 -7.76 -18.21 -7.39
C GLU A 10 -7.15 -16.85 -7.67
N ALA A 11 -6.65 -16.19 -6.62
CA ALA A 11 -6.03 -14.88 -6.77
C ALA A 11 -4.52 -14.96 -6.60
N ARG A 12 -3.81 -14.04 -7.23
CA ARG A 12 -2.35 -14.00 -7.14
C ARG A 12 -1.89 -13.23 -5.91
N SER A 13 -2.74 -13.18 -4.89
CA SER A 13 -2.42 -12.48 -3.66
C SER A 13 -2.28 -10.98 -3.92
N TYR A 14 -2.93 -10.50 -4.98
CA TYR A 14 -2.86 -9.08 -5.33
C TYR A 14 -4.12 -8.36 -4.90
N ILE A 15 -4.01 -7.04 -4.70
CA ILE A 15 -5.14 -6.23 -4.28
C ILE A 15 -5.16 -4.90 -5.01
N LEU A 16 -6.16 -4.08 -4.71
CA LEU A 16 -6.29 -2.77 -5.34
C LEU A 16 -6.17 -1.65 -4.31
N ARG A 17 -5.10 -0.87 -4.41
CA ARG A 17 -4.87 0.23 -3.48
C ARG A 17 -5.27 1.56 -4.11
N CYS A 18 -6.53 1.94 -3.92
CA CYS A 18 -7.04 3.19 -4.47
C CYS A 18 -6.10 4.35 -4.14
N HIS A 19 -6.31 5.48 -4.81
CA HIS A 19 -5.48 6.66 -4.59
C HIS A 19 -6.31 7.79 -3.98
N GLY A 20 -7.43 8.11 -4.61
CA GLY A 20 -8.29 9.16 -4.11
C GLY A 20 -8.56 9.04 -2.62
N CYS A 21 -8.31 7.86 -2.07
CA CYS A 21 -8.53 7.61 -0.65
C CYS A 21 -7.34 6.88 -0.04
N PHE A 22 -6.63 6.11 -0.86
CA PHE A 22 -5.47 5.36 -0.40
C PHE A 22 -5.90 4.15 0.42
N LYS A 23 -7.07 3.59 0.08
CA LYS A 23 -7.59 2.43 0.78
C LYS A 23 -7.54 1.20 -0.11
N THR A 24 -7.47 0.02 0.52
CA THR A 24 -7.42 -1.24 -0.21
C THR A 24 -8.78 -1.92 -0.24
N THR A 25 -9.07 -2.62 -1.32
CA THR A 25 -10.33 -3.33 -1.47
C THR A 25 -10.13 -4.73 -2.02
N SER A 26 -10.58 -5.73 -1.26
CA SER A 26 -10.44 -7.12 -1.67
C SER A 26 -11.19 -7.39 -2.97
N ASP A 27 -10.49 -7.21 -4.10
CA ASP A 27 -11.08 -7.42 -5.41
C ASP A 27 -10.04 -7.26 -6.51
N MET A 28 -10.28 -7.93 -7.63
CA MET A 28 -9.35 -7.86 -8.76
C MET A 28 -10.11 -7.56 -10.06
N ASN A 29 -11.40 -7.29 -9.94
CA ASN A 29 -12.22 -6.99 -11.11
C ASN A 29 -13.12 -5.79 -10.84
N ARG A 30 -12.62 -4.86 -10.03
CA ARG A 30 -13.38 -3.66 -9.69
C ARG A 30 -12.76 -2.42 -10.36
N VAL A 31 -13.49 -1.86 -11.32
CA VAL A 31 -13.00 -0.67 -12.03
C VAL A 31 -13.31 0.60 -11.25
N PHE A 32 -14.13 0.47 -10.21
CA PHE A 32 -14.51 1.60 -9.38
C PHE A 32 -14.10 1.38 -7.93
N CYS A 33 -14.30 2.39 -7.10
CA CYS A 33 -13.95 2.31 -5.69
C CYS A 33 -15.15 2.63 -4.81
N GLY A 34 -15.10 2.16 -3.56
CA GLY A 34 -16.19 2.40 -2.64
C GLY A 34 -15.88 3.50 -1.63
N HIS A 35 -14.67 3.45 -1.08
CA HIS A 35 -14.25 4.44 -0.10
C HIS A 35 -14.57 5.86 -0.59
N CYS A 36 -13.92 6.25 -1.68
CA CYS A 36 -14.13 7.59 -2.24
C CYS A 36 -15.05 7.52 -3.46
N GLY A 37 -14.76 6.58 -4.37
CA GLY A 37 -15.57 6.44 -5.55
C GLY A 37 -14.81 6.79 -6.82
N ASN A 38 -13.50 6.56 -6.80
CA ASN A 38 -12.66 6.87 -7.96
C ASN A 38 -12.89 5.86 -9.08
N LYS A 39 -12.60 6.28 -10.32
CA LYS A 39 -12.78 5.41 -11.47
C LYS A 39 -11.44 4.84 -11.93
N THR A 40 -10.48 4.78 -11.01
CA THR A 40 -9.15 4.26 -11.32
C THR A 40 -8.53 3.60 -10.10
N LEU A 41 -8.03 2.37 -10.28
CA LEU A 41 -7.40 1.64 -9.19
C LEU A 41 -6.02 1.15 -9.58
N LYS A 42 -5.10 1.12 -8.62
CA LYS A 42 -3.74 0.67 -8.88
C LYS A 42 -3.49 -0.69 -8.23
N LYS A 43 -3.27 -1.70 -9.07
CA LYS A 43 -3.01 -3.04 -8.59
C LYS A 43 -1.64 -3.12 -7.90
N VAL A 44 -1.58 -3.83 -6.77
CA VAL A 44 -0.34 -3.99 -6.03
C VAL A 44 -0.25 -5.39 -5.43
N SER A 45 0.98 -5.89 -5.31
CA SER A 45 1.22 -7.22 -4.75
C SER A 45 1.49 -7.13 -3.25
N VAL A 46 1.22 -8.22 -2.54
CA VAL A 46 1.44 -8.27 -1.10
C VAL A 46 2.08 -9.59 -0.69
N THR A 47 3.22 -9.50 -0.03
CA THR A 47 3.95 -10.69 0.43
C THR A 47 3.61 -11.01 1.87
N ILE A 48 3.49 -12.30 2.18
CA ILE A 48 3.17 -12.73 3.54
C ILE A 48 4.43 -13.08 4.31
N ASN A 49 4.57 -12.49 5.49
CA ASN A 49 5.74 -12.74 6.33
C ASN A 49 5.38 -13.65 7.50
N ASP A 50 6.39 -14.36 8.02
CA ASP A 50 6.18 -15.27 9.13
C ASP A 50 5.25 -14.65 10.18
N ASP A 51 5.57 -13.44 10.61
CA ASP A 51 4.76 -12.75 11.60
C ASP A 51 3.32 -12.61 11.13
N GLY A 52 3.15 -12.17 9.88
CA GLY A 52 1.81 -12.00 9.34
C GLY A 52 1.56 -10.59 8.85
N THR A 53 2.57 -9.98 8.24
CA THR A 53 2.45 -8.61 7.74
C THR A 53 2.34 -8.60 6.22
N LEU A 54 1.86 -7.48 5.68
CA LEU A 54 1.71 -7.34 4.23
C LEU A 54 2.68 -6.31 3.68
N HIS A 55 3.57 -6.74 2.79
CA HIS A 55 4.54 -5.86 2.18
C HIS A 55 3.98 -5.20 0.92
N MET A 56 3.57 -3.94 1.04
CA MET A 56 3.01 -3.20 -0.08
C MET A 56 4.04 -2.26 -0.68
N HIS A 57 4.16 -2.27 -2.00
CA HIS A 57 5.12 -1.41 -2.69
C HIS A 57 4.72 0.06 -2.55
N PHE A 58 5.48 0.81 -1.75
CA PHE A 58 5.21 2.21 -1.53
C PHE A 58 5.36 3.01 -2.82
N SER A 59 4.49 4.00 -3.01
CA SER A 59 4.52 4.82 -4.21
C SER A 59 5.35 6.09 -3.98
N ARG A 60 6.36 6.29 -4.82
CA ARG A 60 7.23 7.46 -4.70
C ARG A 60 6.79 8.56 -5.66
N ASN A 61 6.90 9.81 -5.21
CA ASN A 61 6.52 10.95 -6.04
C ASN A 61 7.64 11.35 -6.98
N PRO A 62 7.28 11.96 -8.11
CA PRO A 62 8.24 12.40 -9.12
C PRO A 62 9.08 13.59 -8.63
N LYS A 63 10.08 13.97 -9.43
CA LYS A 63 10.95 15.09 -9.09
C LYS A 63 11.39 14.99 -7.63
N VAL A 64 11.73 13.79 -7.20
CA VAL A 64 12.18 13.56 -5.83
C VAL A 64 12.99 14.75 -5.32
N LEU A 65 12.52 15.35 -4.23
CA LEU A 65 13.20 16.50 -3.64
C LEU A 65 12.94 16.58 -2.13
N ASN A 66 13.99 16.86 -1.37
CA ASN A 66 13.89 16.96 0.08
C ASN A 66 13.33 18.32 0.49
N PRO A 67 12.56 18.34 1.58
CA PRO A 67 11.95 19.56 2.10
C PRO A 67 12.97 20.52 2.70
N ARG A 68 13.49 21.42 1.86
CA ARG A 68 14.48 22.38 2.31
C ARG A 68 13.96 23.80 2.17
N GLY A 69 13.32 24.30 3.22
CA GLY A 69 12.78 25.66 3.18
C GLY A 69 11.26 25.67 3.16
N LEU A 70 10.65 25.95 4.29
CA LEU A 70 9.20 25.99 4.40
C LEU A 70 8.75 27.00 5.46
N ARG A 71 7.78 27.82 5.12
CA ARG A 71 7.25 28.82 6.05
C ARG A 71 5.73 28.75 6.13
N TYR A 72 5.17 29.45 7.10
CA TYR A 72 3.72 29.46 7.30
C TYR A 72 3.07 30.57 6.49
N SER A 73 2.28 30.19 5.49
CA SER A 73 1.61 31.16 4.64
C SER A 73 0.42 30.51 3.93
N SER A 74 -0.66 31.27 3.79
CA SER A 74 -1.86 30.78 3.13
C SER A 74 -2.81 31.93 2.78
N GLY A 75 -3.91 31.60 2.13
CA GLY A 75 -4.88 32.62 1.74
C GLY A 75 -6.10 32.02 1.06
N PRO A 76 -7.29 32.39 1.56
CA PRO A 76 -8.56 31.90 1.01
C PRO A 76 -8.85 32.47 -0.37
N SER A 77 -8.33 31.82 -1.40
CA SER A 77 -8.53 32.26 -2.77
C SER A 77 -9.96 32.72 -2.99
N SER A 78 -10.92 31.90 -2.58
CA SER A 78 -12.33 32.23 -2.73
C SER A 78 -12.68 32.48 -4.19
N GLY A 79 -12.15 31.64 -5.07
CA GLY A 79 -12.41 31.79 -6.49
C GLY A 79 -13.32 30.70 -7.02
ZN ZN B . -11.04 5.29 -3.31
N GLY A 1 -5.88 -34.90 -7.97
CA GLY A 1 -4.85 -34.84 -6.96
C GLY A 1 -5.16 -33.86 -5.85
N SER A 2 -4.36 -32.79 -5.76
CA SER A 2 -4.57 -31.77 -4.73
C SER A 2 -4.52 -30.38 -5.34
N SER A 3 -3.42 -30.08 -6.02
CA SER A 3 -3.24 -28.77 -6.65
C SER A 3 -3.24 -28.89 -8.17
N GLY A 4 -4.03 -28.03 -8.82
CA GLY A 4 -4.11 -28.06 -10.27
C GLY A 4 -4.33 -26.69 -10.86
N SER A 5 -3.24 -26.06 -11.29
CA SER A 5 -3.31 -24.72 -11.88
C SER A 5 -2.54 -24.67 -13.20
N SER A 6 -2.88 -23.69 -14.03
CA SER A 6 -2.22 -23.53 -15.32
C SER A 6 -1.97 -22.05 -15.62
N GLY A 7 -1.30 -21.78 -16.74
CA GLY A 7 -1.00 -20.41 -17.13
C GLY A 7 0.18 -19.84 -16.37
N VAL A 8 -0.03 -19.56 -15.08
CA VAL A 8 1.03 -19.00 -14.25
C VAL A 8 1.76 -20.09 -13.49
N ARG A 9 3.08 -20.06 -13.55
CA ARG A 9 3.91 -21.05 -12.86
C ARG A 9 3.82 -20.88 -11.35
N GLU A 10 3.94 -19.64 -10.89
CA GLU A 10 3.87 -19.34 -9.46
C GLU A 10 2.73 -18.38 -9.16
N ALA A 11 1.75 -18.87 -8.40
CA ALA A 11 0.59 -18.06 -8.03
C ALA A 11 1.00 -16.89 -7.14
N ARG A 12 0.62 -15.68 -7.54
CA ARG A 12 0.94 -14.48 -6.77
C ARG A 12 -0.32 -13.82 -6.23
N SER A 13 -0.18 -13.14 -5.10
CA SER A 13 -1.31 -12.47 -4.48
C SER A 13 -1.21 -10.96 -4.64
N TYR A 14 -2.07 -10.40 -5.48
CA TYR A 14 -2.07 -8.97 -5.73
C TYR A 14 -3.37 -8.32 -5.25
N ILE A 15 -3.41 -6.99 -5.27
CA ILE A 15 -4.60 -6.27 -4.84
C ILE A 15 -4.62 -4.86 -5.42
N LEU A 16 -5.79 -4.22 -5.39
CA LEU A 16 -5.95 -2.87 -5.91
C LEU A 16 -5.94 -1.84 -4.78
N ARG A 17 -4.91 -1.01 -4.75
CA ARG A 17 -4.79 0.02 -3.72
C ARG A 17 -5.20 1.38 -4.26
N CYS A 18 -6.39 1.83 -3.87
CA CYS A 18 -6.91 3.11 -4.32
C CYS A 18 -5.92 4.25 -4.00
N HIS A 19 -6.08 5.37 -4.68
CA HIS A 19 -5.20 6.52 -4.46
C HIS A 19 -5.99 7.71 -3.94
N GLY A 20 -7.07 8.05 -4.64
CA GLY A 20 -7.90 9.18 -4.23
C GLY A 20 -8.20 9.16 -2.74
N CYS A 21 -8.13 7.98 -2.14
CA CYS A 21 -8.39 7.83 -0.71
C CYS A 21 -7.28 7.05 -0.03
N PHE A 22 -6.45 6.39 -0.83
CA PHE A 22 -5.34 5.60 -0.30
C PHE A 22 -5.85 4.44 0.54
N LYS A 23 -6.74 3.65 -0.05
CA LYS A 23 -7.31 2.49 0.65
C LYS A 23 -7.15 1.22 -0.19
N THR A 24 -7.09 0.09 0.49
CA THR A 24 -6.94 -1.20 -0.18
C THR A 24 -8.22 -2.01 -0.12
N THR A 25 -8.49 -2.76 -1.18
CA THR A 25 -9.70 -3.59 -1.25
C THR A 25 -9.42 -4.92 -1.94
N SER A 26 -9.94 -6.00 -1.38
CA SER A 26 -9.74 -7.33 -1.93
C SER A 26 -10.74 -7.61 -3.04
N ASP A 27 -10.38 -7.24 -4.26
CA ASP A 27 -11.24 -7.45 -5.42
C ASP A 27 -10.54 -7.02 -6.70
N MET A 28 -10.11 -8.00 -7.49
CA MET A 28 -9.42 -7.71 -8.75
C MET A 28 -10.43 -7.59 -9.89
N ASN A 29 -11.69 -7.33 -9.55
CA ASN A 29 -12.74 -7.19 -10.54
C ASN A 29 -13.62 -5.98 -10.24
N ARG A 30 -13.03 -4.99 -9.58
CA ARG A 30 -13.76 -3.77 -9.23
C ARG A 30 -13.27 -2.58 -10.05
N VAL A 31 -14.13 -2.09 -10.94
CA VAL A 31 -13.78 -0.95 -11.79
C VAL A 31 -13.92 0.36 -11.03
N PHE A 32 -14.52 0.30 -9.85
CA PHE A 32 -14.72 1.48 -9.02
C PHE A 32 -14.44 1.18 -7.55
N CYS A 33 -13.95 2.18 -6.84
CA CYS A 33 -13.63 2.02 -5.42
C CYS A 33 -14.87 2.26 -4.56
N GLY A 34 -14.84 1.73 -3.34
CA GLY A 34 -15.96 1.89 -2.44
C GLY A 34 -15.75 3.02 -1.44
N HIS A 35 -14.52 3.17 -0.97
CA HIS A 35 -14.19 4.22 -0.01
C HIS A 35 -14.56 5.60 -0.56
N CYS A 36 -13.93 5.97 -1.67
CA CYS A 36 -14.19 7.27 -2.29
C CYS A 36 -15.07 7.10 -3.53
N GLY A 37 -14.66 6.21 -4.42
CA GLY A 37 -15.42 5.97 -5.63
C GLY A 37 -14.72 6.49 -6.88
N ASN A 38 -13.63 5.84 -7.26
CA ASN A 38 -12.86 6.24 -8.43
C ASN A 38 -12.77 5.10 -9.45
N LYS A 39 -12.87 5.45 -10.72
CA LYS A 39 -12.79 4.46 -11.79
C LYS A 39 -11.34 4.13 -12.13
N THR A 40 -10.42 4.59 -11.29
CA THR A 40 -9.01 4.34 -11.50
C THR A 40 -8.38 3.65 -10.29
N LEU A 41 -7.88 2.44 -10.49
CA LEU A 41 -7.26 1.67 -9.43
C LEU A 41 -5.85 1.24 -9.81
N LYS A 42 -4.93 1.32 -8.87
CA LYS A 42 -3.54 0.93 -9.10
C LYS A 42 -3.26 -0.46 -8.54
N LYS A 43 -2.78 -1.34 -9.39
CA LYS A 43 -2.46 -2.71 -8.98
C LYS A 43 -1.17 -2.75 -8.17
N VAL A 44 -1.19 -3.48 -7.07
CA VAL A 44 -0.02 -3.61 -6.21
C VAL A 44 0.08 -5.01 -5.61
N SER A 45 1.30 -5.53 -5.53
CA SER A 45 1.52 -6.85 -4.98
C SER A 45 1.63 -6.80 -3.46
N VAL A 46 1.11 -7.83 -2.79
CA VAL A 46 1.14 -7.91 -1.34
C VAL A 46 1.39 -9.34 -0.87
N THR A 47 2.51 -9.53 -0.18
CA THR A 47 2.87 -10.85 0.33
C THR A 47 2.49 -11.00 1.80
N ILE A 48 2.07 -12.21 2.17
CA ILE A 48 1.67 -12.47 3.54
C ILE A 48 2.82 -13.06 4.35
N ASN A 49 2.90 -12.70 5.63
CA ASN A 49 3.96 -13.20 6.50
C ASN A 49 3.39 -14.13 7.58
N ASP A 50 4.22 -15.04 8.06
CA ASP A 50 3.81 -15.99 9.09
C ASP A 50 2.99 -15.29 10.16
N ASP A 51 3.48 -14.14 10.63
CA ASP A 51 2.81 -13.38 11.66
C ASP A 51 1.48 -12.84 11.15
N GLY A 52 1.47 -12.33 9.92
CA GLY A 52 0.27 -11.79 9.34
C GLY A 52 0.35 -10.28 9.12
N THR A 53 1.10 -9.87 8.12
CA THR A 53 1.26 -8.45 7.81
C THR A 53 1.15 -8.20 6.31
N LEU A 54 0.91 -6.94 5.95
CA LEU A 54 0.77 -6.56 4.55
C LEU A 54 2.02 -5.81 4.07
N HIS A 55 2.73 -6.41 3.11
CA HIS A 55 3.93 -5.79 2.56
C HIS A 55 3.64 -5.13 1.22
N MET A 56 3.46 -3.82 1.24
CA MET A 56 3.18 -3.07 0.02
C MET A 56 4.33 -2.11 -0.31
N HIS A 57 4.52 -1.85 -1.60
CA HIS A 57 5.58 -0.96 -2.05
C HIS A 57 5.23 0.50 -1.75
N PHE A 58 5.73 1.01 -0.63
CA PHE A 58 5.46 2.39 -0.23
C PHE A 58 6.60 3.30 -0.66
N SER A 59 6.24 4.39 -1.34
CA SER A 59 7.24 5.35 -1.82
C SER A 59 7.16 6.65 -1.02
N ARG A 60 7.86 6.68 0.11
CA ARG A 60 7.87 7.86 0.97
C ARG A 60 7.82 9.13 0.13
N ASN A 61 7.23 10.18 0.71
CA ASN A 61 7.11 11.46 0.01
C ASN A 61 7.96 12.53 0.70
N PRO A 62 8.40 13.52 -0.08
CA PRO A 62 9.22 14.62 0.42
C PRO A 62 8.44 15.56 1.33
N LYS A 63 8.74 15.50 2.62
CA LYS A 63 8.07 16.35 3.60
C LYS A 63 8.60 17.78 3.53
N VAL A 64 8.07 18.57 2.59
CA VAL A 64 8.49 19.95 2.44
C VAL A 64 7.81 20.85 3.46
N LEU A 65 6.59 20.49 3.85
CA LEU A 65 5.83 21.26 4.82
C LEU A 65 6.24 20.89 6.25
N ASN A 66 6.48 21.91 7.07
CA ASN A 66 6.87 21.69 8.46
C ASN A 66 6.69 22.97 9.27
N PRO A 67 5.64 22.99 10.11
CA PRO A 67 5.34 24.14 10.96
C PRO A 67 6.36 24.32 12.09
N ARG A 68 6.58 25.57 12.50
CA ARG A 68 7.52 25.87 13.55
C ARG A 68 6.88 25.73 14.93
N GLY A 69 7.66 25.91 15.98
CA GLY A 69 7.15 25.80 17.32
C GLY A 69 7.88 26.70 18.30
N LEU A 70 7.28 27.83 18.62
CA LEU A 70 7.87 28.79 19.55
C LEU A 70 7.90 28.23 20.98
N ARG A 71 8.95 28.55 21.71
CA ARG A 71 9.08 28.07 23.09
C ARG A 71 8.63 29.15 24.08
N TYR A 72 7.82 28.75 25.04
CA TYR A 72 7.32 29.67 26.05
C TYR A 72 8.40 30.02 27.06
N SER A 73 8.42 31.27 27.50
CA SER A 73 9.40 31.75 28.46
C SER A 73 8.72 32.31 29.71
N SER A 74 8.78 31.56 30.80
CA SER A 74 8.17 31.97 32.06
C SER A 74 8.98 33.08 32.71
N GLY A 75 8.29 34.02 33.34
CA GLY A 75 8.95 35.12 34.00
C GLY A 75 8.11 35.77 35.08
N PRO A 76 8.75 36.20 36.17
CA PRO A 76 8.07 36.84 37.30
C PRO A 76 7.52 38.22 36.94
N SER A 77 6.37 38.57 37.51
CA SER A 77 5.75 39.86 37.26
C SER A 77 5.70 40.71 38.52
N SER A 78 6.73 41.54 38.71
CA SER A 78 6.80 42.40 39.89
C SER A 78 5.44 43.00 40.21
N GLY A 79 4.78 43.53 39.19
CA GLY A 79 3.47 44.14 39.37
C GLY A 79 3.53 45.39 40.23
ZN ZN B . -10.99 5.06 -3.02
N GLY A 1 -10.04 -34.86 -3.31
CA GLY A 1 -9.58 -36.06 -3.98
C GLY A 1 -8.10 -36.03 -4.29
N SER A 2 -7.60 -37.07 -4.94
CA SER A 2 -6.19 -37.16 -5.28
C SER A 2 -5.88 -36.38 -6.55
N SER A 3 -6.47 -35.20 -6.67
CA SER A 3 -6.27 -34.35 -7.84
C SER A 3 -5.97 -32.92 -7.43
N GLY A 4 -5.29 -32.19 -8.31
CA GLY A 4 -4.94 -30.81 -8.02
C GLY A 4 -3.88 -30.27 -8.96
N SER A 5 -2.70 -29.99 -8.42
CA SER A 5 -1.60 -29.46 -9.21
C SER A 5 -0.29 -30.17 -8.86
N SER A 6 0.56 -30.36 -9.87
CA SER A 6 1.84 -31.03 -9.67
C SER A 6 2.98 -30.16 -10.19
N GLY A 7 3.84 -29.72 -9.27
CA GLY A 7 4.96 -28.88 -9.65
C GLY A 7 5.37 -27.92 -8.56
N VAL A 8 6.66 -27.62 -8.49
CA VAL A 8 7.18 -26.70 -7.48
C VAL A 8 7.21 -25.27 -8.00
N ARG A 9 6.25 -24.47 -7.58
CA ARG A 9 6.16 -23.07 -8.00
C ARG A 9 5.39 -22.24 -6.99
N GLU A 10 6.02 -21.16 -6.51
CA GLU A 10 5.39 -20.29 -5.53
C GLU A 10 4.42 -19.32 -6.21
N ALA A 11 3.20 -19.25 -5.68
CA ALA A 11 2.18 -18.35 -6.24
C ALA A 11 2.11 -17.05 -5.47
N ARG A 12 1.98 -15.94 -6.19
CA ARG A 12 1.91 -14.63 -5.58
C ARG A 12 0.47 -14.13 -5.51
N SER A 13 0.28 -12.93 -4.97
CA SER A 13 -1.05 -12.35 -4.85
C SER A 13 -1.00 -10.84 -5.00
N TYR A 14 -1.86 -10.31 -5.87
CA TYR A 14 -1.90 -8.88 -6.11
C TYR A 14 -3.27 -8.30 -5.72
N ILE A 15 -3.29 -7.02 -5.37
CA ILE A 15 -4.52 -6.35 -4.97
C ILE A 15 -4.63 -4.97 -5.62
N LEU A 16 -5.83 -4.42 -5.61
CA LEU A 16 -6.08 -3.11 -6.19
C LEU A 16 -6.30 -2.06 -5.09
N ARG A 17 -5.38 -1.10 -5.01
CA ARG A 17 -5.47 -0.05 -4.01
C ARG A 17 -5.83 1.28 -4.66
N CYS A 18 -6.88 1.93 -4.17
CA CYS A 18 -7.33 3.21 -4.70
C CYS A 18 -6.17 4.20 -4.75
N HIS A 19 -6.43 5.36 -5.35
CA HIS A 19 -5.41 6.41 -5.45
C HIS A 19 -5.75 7.59 -4.55
N GLY A 20 -6.78 8.35 -4.94
CA GLY A 20 -7.18 9.49 -4.16
C GLY A 20 -7.14 9.24 -2.66
N CYS A 21 -8.05 8.38 -2.19
CA CYS A 21 -8.11 8.05 -0.77
C CYS A 21 -6.89 7.23 -0.35
N PHE A 22 -6.36 6.44 -1.29
CA PHE A 22 -5.20 5.61 -1.02
C PHE A 22 -5.60 4.40 -0.17
N LYS A 23 -6.69 3.74 -0.54
CA LYS A 23 -7.16 2.57 0.18
C LYS A 23 -6.89 1.29 -0.60
N THR A 24 -7.15 0.15 0.02
CA THR A 24 -6.93 -1.14 -0.62
C THR A 24 -8.16 -2.02 -0.52
N THR A 25 -8.27 -2.98 -1.43
CA THR A 25 -9.41 -3.89 -1.45
C THR A 25 -9.04 -5.23 -2.07
N SER A 26 -9.27 -6.31 -1.32
CA SER A 26 -8.95 -7.65 -1.80
C SER A 26 -9.86 -8.05 -2.96
N ASP A 27 -9.43 -7.74 -4.17
CA ASP A 27 -10.21 -8.05 -5.37
C ASP A 27 -9.45 -7.68 -6.63
N MET A 28 -9.69 -8.42 -7.71
CA MET A 28 -9.03 -8.15 -8.98
C MET A 28 -10.05 -7.93 -10.10
N ASN A 29 -11.25 -7.53 -9.71
CA ASN A 29 -12.31 -7.28 -10.67
C ASN A 29 -12.94 -5.91 -10.46
N ARG A 30 -13.07 -5.51 -9.20
CA ARG A 30 -13.65 -4.21 -8.85
C ARG A 30 -13.24 -3.15 -9.87
N VAL A 31 -14.13 -2.20 -10.12
CA VAL A 31 -13.85 -1.12 -11.06
C VAL A 31 -14.15 0.25 -10.44
N PHE A 32 -14.72 0.23 -9.24
CA PHE A 32 -15.05 1.46 -8.54
C PHE A 32 -14.78 1.33 -7.05
N CYS A 33 -14.15 2.35 -6.48
CA CYS A 33 -13.83 2.35 -5.05
C CYS A 33 -15.03 2.79 -4.22
N GLY A 34 -15.04 2.40 -2.95
CA GLY A 34 -16.14 2.76 -2.07
C GLY A 34 -15.77 3.89 -1.12
N HIS A 35 -14.54 3.87 -0.63
CA HIS A 35 -14.07 4.89 0.29
C HIS A 35 -14.36 6.29 -0.25
N CYS A 36 -13.87 6.58 -1.45
CA CYS A 36 -14.07 7.87 -2.08
C CYS A 36 -14.99 7.74 -3.29
N GLY A 37 -14.69 6.79 -4.16
CA GLY A 37 -15.49 6.58 -5.35
C GLY A 37 -14.75 6.93 -6.62
N ASN A 38 -13.83 6.07 -7.03
CA ASN A 38 -13.04 6.30 -8.24
C ASN A 38 -13.13 5.10 -9.18
N LYS A 39 -13.28 5.38 -10.48
CA LYS A 39 -13.38 4.33 -11.48
C LYS A 39 -12.00 3.91 -11.97
N THR A 40 -10.96 4.41 -11.29
CA THR A 40 -9.59 4.10 -11.65
C THR A 40 -8.81 3.58 -10.45
N LEU A 41 -8.47 2.30 -10.47
CA LEU A 41 -7.72 1.68 -9.38
C LEU A 41 -6.27 1.45 -9.77
N LYS A 42 -5.45 1.04 -8.81
CA LYS A 42 -4.04 0.78 -9.06
C LYS A 42 -3.64 -0.61 -8.57
N LYS A 43 -3.02 -1.37 -9.45
CA LYS A 43 -2.58 -2.73 -9.11
C LYS A 43 -1.31 -2.70 -8.28
N VAL A 44 -1.33 -3.42 -7.16
CA VAL A 44 -0.17 -3.47 -6.27
C VAL A 44 0.02 -4.87 -5.71
N SER A 45 1.27 -5.33 -5.66
CA SER A 45 1.59 -6.66 -5.15
C SER A 45 1.68 -6.64 -3.62
N VAL A 46 1.32 -7.75 -3.00
CA VAL A 46 1.36 -7.87 -1.55
C VAL A 46 2.03 -9.18 -1.12
N THR A 47 2.82 -9.11 -0.06
CA THR A 47 3.52 -10.29 0.46
C THR A 47 2.68 -10.99 1.53
N ILE A 48 2.91 -12.29 1.68
CA ILE A 48 2.19 -13.08 2.67
C ILE A 48 3.07 -13.41 3.87
N ASN A 49 2.68 -12.92 5.04
CA ASN A 49 3.43 -13.17 6.26
C ASN A 49 2.93 -14.42 6.97
N ASP A 50 3.82 -15.08 7.70
CA ASP A 50 3.47 -16.29 8.43
C ASP A 50 2.05 -16.19 9.01
N ASP A 51 1.88 -15.30 9.98
CA ASP A 51 0.58 -15.11 10.61
C ASP A 51 -0.49 -14.80 9.57
N GLY A 52 -0.15 -13.92 8.63
CA GLY A 52 -1.09 -13.55 7.58
C GLY A 52 -1.44 -12.08 7.62
N THR A 53 -0.42 -11.23 7.44
CA THR A 53 -0.62 -9.79 7.45
C THR A 53 -0.32 -9.18 6.08
N LEU A 54 -0.77 -7.95 5.88
CA LEU A 54 -0.54 -7.25 4.61
C LEU A 54 0.70 -6.38 4.68
N HIS A 55 1.45 -6.35 3.59
CA HIS A 55 2.68 -5.54 3.52
C HIS A 55 2.88 -4.98 2.12
N MET A 56 2.71 -3.66 1.98
CA MET A 56 2.88 -3.00 0.69
C MET A 56 4.05 -2.02 0.73
N HIS A 57 5.07 -2.31 -0.06
CA HIS A 57 6.25 -1.44 -0.11
C HIS A 57 6.15 -0.45 -1.27
N PHE A 58 5.71 0.77 -0.94
CA PHE A 58 5.56 1.81 -1.95
C PHE A 58 6.55 2.94 -1.71
N SER A 59 7.06 3.51 -2.80
CA SER A 59 8.02 4.61 -2.71
C SER A 59 7.41 5.82 -2.02
N ARG A 60 8.24 6.60 -1.33
CA ARG A 60 7.77 7.78 -0.62
C ARG A 60 7.64 8.97 -1.58
N ASN A 61 6.90 9.99 -1.16
CA ASN A 61 6.69 11.17 -1.97
C ASN A 61 7.21 12.41 -1.26
N PRO A 62 7.64 13.41 -2.06
CA PRO A 62 8.18 14.66 -1.53
C PRO A 62 7.10 15.53 -0.89
N LYS A 63 7.04 15.50 0.44
CA LYS A 63 6.05 16.27 1.17
C LYS A 63 6.72 17.11 2.26
N VAL A 64 7.51 16.46 3.11
CA VAL A 64 8.22 17.15 4.19
C VAL A 64 9.64 17.50 3.78
N LEU A 65 9.97 18.78 3.90
CA LEU A 65 11.31 19.26 3.55
C LEU A 65 11.50 20.71 3.98
N ASN A 66 12.41 20.93 4.92
CA ASN A 66 12.69 22.26 5.42
C ASN A 66 13.92 22.85 4.74
N PRO A 67 13.74 24.00 4.08
CA PRO A 67 14.83 24.69 3.37
C PRO A 67 15.85 25.29 4.32
N ARG A 68 15.37 25.92 5.39
CA ARG A 68 16.24 26.54 6.38
C ARG A 68 15.45 26.93 7.63
N GLY A 69 15.98 26.58 8.79
CA GLY A 69 15.32 26.91 10.04
C GLY A 69 15.78 28.22 10.62
N LEU A 70 14.93 28.83 11.45
CA LEU A 70 15.25 30.11 12.07
C LEU A 70 16.28 29.94 13.17
N ARG A 71 17.46 30.54 12.97
CA ARG A 71 18.53 30.44 13.95
C ARG A 71 18.46 31.61 14.94
N TYR A 72 19.16 31.46 16.06
CA TYR A 72 19.17 32.50 17.10
C TYR A 72 20.59 32.96 17.38
N SER A 73 20.73 34.23 17.75
CA SER A 73 22.04 34.81 18.05
C SER A 73 22.18 35.07 19.55
N SER A 74 23.41 35.34 19.97
CA SER A 74 23.69 35.61 21.38
C SER A 74 24.85 36.60 21.53
N GLY A 75 24.95 37.20 22.70
CA GLY A 75 26.02 38.16 22.96
C GLY A 75 25.94 38.76 24.35
N PRO A 76 26.91 38.40 25.21
CA PRO A 76 26.96 38.89 26.58
C PRO A 76 27.33 40.37 26.65
N SER A 77 27.23 40.94 27.84
CA SER A 77 27.55 42.36 28.04
C SER A 77 28.07 42.60 29.45
N SER A 78 29.31 43.10 29.54
CA SER A 78 29.93 43.37 30.83
C SER A 78 31.18 44.24 30.65
N GLY A 79 31.77 44.64 31.77
CA GLY A 79 32.97 45.46 31.73
C GLY A 79 33.65 45.57 33.07
ZN ZN B . -11.02 5.54 -2.99
N GLY A 1 -1.95 -39.31 -0.67
CA GLY A 1 -0.68 -39.83 -0.21
C GLY A 1 0.33 -38.74 0.09
N SER A 2 0.59 -38.51 1.37
CA SER A 2 1.55 -37.48 1.78
C SER A 2 2.82 -37.55 0.94
N SER A 3 3.33 -38.76 0.76
CA SER A 3 4.55 -38.96 -0.02
C SER A 3 4.37 -38.45 -1.45
N GLY A 4 5.30 -37.61 -1.89
CA GLY A 4 5.23 -37.06 -3.23
C GLY A 4 4.76 -35.61 -3.25
N SER A 5 3.44 -35.43 -3.25
CA SER A 5 2.87 -34.09 -3.27
C SER A 5 3.70 -33.15 -4.14
N SER A 6 4.14 -33.66 -5.28
CA SER A 6 4.96 -32.86 -6.21
C SER A 6 4.10 -31.83 -6.94
N GLY A 7 4.57 -30.59 -6.95
CA GLY A 7 3.84 -29.53 -7.62
C GLY A 7 3.94 -28.20 -6.89
N VAL A 8 4.68 -27.27 -7.45
CA VAL A 8 4.85 -25.95 -6.85
C VAL A 8 3.81 -24.97 -7.36
N ARG A 9 2.72 -24.82 -6.60
CA ARG A 9 1.64 -23.91 -6.97
C ARG A 9 1.94 -22.50 -6.49
N GLU A 10 2.17 -21.59 -7.44
CA GLU A 10 2.47 -20.20 -7.12
C GLU A 10 1.18 -19.38 -7.03
N ALA A 11 0.93 -18.82 -5.85
CA ALA A 11 -0.26 -18.01 -5.63
C ALA A 11 0.10 -16.54 -5.41
N ARG A 12 0.05 -15.75 -6.46
CA ARG A 12 0.37 -14.34 -6.38
C ARG A 12 -0.86 -13.52 -6.01
N SER A 13 -1.07 -13.34 -4.70
CA SER A 13 -2.21 -12.58 -4.21
C SER A 13 -1.98 -11.08 -4.38
N TYR A 14 -2.70 -10.48 -5.30
CA TYR A 14 -2.58 -9.05 -5.56
C TYR A 14 -3.84 -8.30 -5.13
N ILE A 15 -3.72 -6.98 -5.00
CA ILE A 15 -4.85 -6.15 -4.60
C ILE A 15 -4.84 -4.82 -5.33
N LEU A 16 -5.93 -4.08 -5.22
CA LEU A 16 -6.05 -2.78 -5.87
C LEU A 16 -6.01 -1.64 -4.84
N ARG A 17 -4.94 -0.86 -4.89
CA ARG A 17 -4.77 0.26 -3.97
C ARG A 17 -5.33 1.55 -4.57
N CYS A 18 -6.47 2.00 -4.06
CA CYS A 18 -7.10 3.22 -4.54
C CYS A 18 -6.13 4.41 -4.46
N HIS A 19 -6.54 5.53 -5.05
CA HIS A 19 -5.71 6.73 -5.04
C HIS A 19 -6.42 7.88 -4.33
N GLY A 20 -7.65 8.15 -4.77
CA GLY A 20 -8.42 9.22 -4.17
C GLY A 20 -8.52 9.10 -2.66
N CYS A 21 -8.28 7.89 -2.15
CA CYS A 21 -8.33 7.64 -0.72
C CYS A 21 -7.09 6.89 -0.24
N PHE A 22 -6.46 6.18 -1.17
CA PHE A 22 -5.25 5.41 -0.84
C PHE A 22 -5.60 4.19 0.01
N LYS A 23 -6.76 3.60 -0.27
CA LYS A 23 -7.21 2.42 0.47
C LYS A 23 -7.02 1.15 -0.36
N THR A 24 -7.18 0.00 0.29
CA THR A 24 -7.02 -1.28 -0.39
C THR A 24 -8.29 -2.12 -0.29
N THR A 25 -8.60 -2.84 -1.35
CA THR A 25 -9.80 -3.68 -1.39
C THR A 25 -9.51 -5.02 -2.05
N SER A 26 -9.85 -6.11 -1.35
CA SER A 26 -9.62 -7.45 -1.87
C SER A 26 -10.48 -7.70 -3.11
N ASP A 27 -9.92 -7.41 -4.28
CA ASP A 27 -10.64 -7.62 -5.54
C ASP A 27 -9.74 -7.32 -6.72
N MET A 28 -9.80 -8.18 -7.74
CA MET A 28 -8.99 -8.00 -8.94
C MET A 28 -9.87 -7.77 -10.17
N ASN A 29 -11.09 -7.29 -9.92
CA ASN A 29 -12.02 -7.01 -11.01
C ASN A 29 -12.71 -5.66 -10.82
N ARG A 30 -12.99 -5.32 -9.57
CA ARG A 30 -13.64 -4.05 -9.25
C ARG A 30 -13.02 -2.91 -10.05
N VAL A 31 -13.86 -2.02 -10.54
CA VAL A 31 -13.40 -0.88 -11.33
C VAL A 31 -13.71 0.44 -10.62
N PHE A 32 -14.50 0.36 -9.55
CA PHE A 32 -14.87 1.54 -8.79
C PHE A 32 -14.66 1.31 -7.30
N CYS A 33 -14.13 2.33 -6.63
CA CYS A 33 -13.87 2.25 -5.19
C CYS A 33 -15.11 2.61 -4.39
N GLY A 34 -15.15 2.18 -3.14
CA GLY A 34 -16.29 2.47 -2.28
C GLY A 34 -16.01 3.59 -1.31
N HIS A 35 -14.81 3.58 -0.73
CA HIS A 35 -14.41 4.61 0.22
C HIS A 35 -14.64 6.01 -0.35
N CYS A 36 -13.94 6.31 -1.45
CA CYS A 36 -14.07 7.61 -2.10
C CYS A 36 -14.85 7.50 -3.40
N GLY A 37 -14.48 6.53 -4.23
CA GLY A 37 -15.16 6.33 -5.49
C GLY A 37 -14.33 6.78 -6.68
N ASN A 38 -13.46 5.91 -7.16
CA ASN A 38 -12.60 6.23 -8.29
C ASN A 38 -12.73 5.17 -9.39
N LYS A 39 -12.73 5.63 -10.64
CA LYS A 39 -12.85 4.73 -11.78
C LYS A 39 -11.48 4.22 -12.21
N THR A 40 -10.46 4.54 -11.43
CA THR A 40 -9.10 4.12 -11.74
C THR A 40 -8.40 3.56 -10.50
N LEU A 41 -8.04 2.28 -10.55
CA LEU A 41 -7.37 1.63 -9.44
C LEU A 41 -6.01 1.09 -9.87
N LYS A 42 -5.01 1.25 -8.99
CA LYS A 42 -3.66 0.77 -9.27
C LYS A 42 -3.42 -0.59 -8.64
N LYS A 43 -2.97 -1.54 -9.46
CA LYS A 43 -2.69 -2.89 -8.98
C LYS A 43 -1.37 -2.94 -8.22
N VAL A 44 -1.37 -3.65 -7.09
CA VAL A 44 -0.16 -3.78 -6.28
C VAL A 44 -0.06 -5.17 -5.67
N SER A 45 1.17 -5.67 -5.55
CA SER A 45 1.41 -7.00 -4.99
C SER A 45 1.54 -6.93 -3.48
N VAL A 46 1.23 -8.04 -2.82
CA VAL A 46 1.32 -8.10 -1.36
C VAL A 46 1.81 -9.47 -0.90
N THR A 47 2.38 -9.52 0.30
CA THR A 47 2.90 -10.76 0.85
C THR A 47 2.18 -11.13 2.14
N ILE A 48 1.92 -12.42 2.33
CA ILE A 48 1.24 -12.90 3.52
C ILE A 48 2.22 -13.50 4.52
N ASN A 49 2.57 -12.71 5.54
CA ASN A 49 3.51 -13.16 6.56
C ASN A 49 2.83 -14.12 7.54
N ASP A 50 3.62 -15.00 8.15
CA ASP A 50 3.10 -15.96 9.11
C ASP A 50 2.07 -15.31 10.03
N ASP A 51 2.43 -14.17 10.59
CA ASP A 51 1.54 -13.44 11.49
C ASP A 51 0.31 -12.95 10.76
N GLY A 52 0.50 -12.42 9.56
CA GLY A 52 -0.60 -11.92 8.77
C GLY A 52 -0.44 -10.46 8.38
N THR A 53 0.79 -10.08 8.06
CA THR A 53 1.09 -8.70 7.68
C THR A 53 1.34 -8.59 6.18
N LEU A 54 1.20 -7.38 5.65
CA LEU A 54 1.40 -7.14 4.23
C LEU A 54 2.74 -6.45 3.98
N HIS A 55 3.20 -6.48 2.74
CA HIS A 55 4.47 -5.87 2.37
C HIS A 55 4.31 -4.96 1.16
N MET A 56 3.84 -3.74 1.40
CA MET A 56 3.64 -2.77 0.33
C MET A 56 4.47 -1.52 0.56
N HIS A 57 5.47 -1.30 -0.27
CA HIS A 57 6.34 -0.14 -0.16
C HIS A 57 6.15 0.81 -1.35
N PHE A 58 6.09 2.10 -1.07
CA PHE A 58 5.90 3.10 -2.11
C PHE A 58 7.23 3.40 -2.81
N SER A 59 7.14 3.90 -4.04
CA SER A 59 8.34 4.23 -4.82
C SER A 59 8.85 5.62 -4.45
N ARG A 60 7.93 6.58 -4.38
CA ARG A 60 8.30 7.96 -4.05
C ARG A 60 7.76 8.34 -2.66
N ASN A 61 8.57 9.08 -1.91
CA ASN A 61 8.18 9.50 -0.56
C ASN A 61 7.16 10.63 -0.64
N PRO A 62 6.26 10.67 0.35
CA PRO A 62 5.21 11.69 0.43
C PRO A 62 5.77 13.07 0.75
N LYS A 63 7.04 13.11 1.14
CA LYS A 63 7.70 14.37 1.46
C LYS A 63 6.80 15.23 2.35
N VAL A 64 6.21 14.62 3.37
CA VAL A 64 5.33 15.33 4.29
C VAL A 64 5.97 15.44 5.68
N LEU A 65 5.24 16.05 6.60
CA LEU A 65 5.73 16.22 7.97
C LEU A 65 5.34 15.04 8.85
N ASN A 66 6.25 14.62 9.72
CA ASN A 66 5.99 13.49 10.61
C ASN A 66 5.41 13.98 11.93
N PRO A 67 4.44 13.23 12.47
CA PRO A 67 3.77 13.55 13.73
C PRO A 67 4.69 13.37 14.93
N ARG A 68 4.26 13.88 16.09
CA ARG A 68 5.06 13.77 17.31
C ARG A 68 4.16 13.73 18.53
N GLY A 69 4.75 13.45 19.69
CA GLY A 69 3.98 13.39 20.92
C GLY A 69 3.31 14.70 21.25
N LEU A 70 2.48 14.70 22.30
CA LEU A 70 1.77 15.90 22.72
C LEU A 70 2.63 16.72 23.68
N ARG A 71 2.38 18.03 23.71
CA ARG A 71 3.12 18.93 24.57
C ARG A 71 2.25 20.10 25.02
N TYR A 72 2.12 20.27 26.33
CA TYR A 72 1.31 21.34 26.89
C TYR A 72 2.03 22.02 28.04
N SER A 73 1.61 23.24 28.37
CA SER A 73 2.21 24.00 29.46
C SER A 73 1.54 23.67 30.79
N SER A 74 2.08 24.22 31.87
CA SER A 74 1.54 23.99 33.21
C SER A 74 1.91 25.13 34.15
N GLY A 75 1.38 25.07 35.37
CA GLY A 75 1.67 26.11 36.35
C GLY A 75 1.24 25.71 37.75
N PRO A 76 2.10 25.99 38.73
CA PRO A 76 1.82 25.67 40.15
C PRO A 76 0.71 26.54 40.73
N SER A 77 0.83 27.85 40.55
CA SER A 77 -0.16 28.78 41.05
C SER A 77 -0.67 28.35 42.43
N SER A 78 0.25 27.91 43.28
CA SER A 78 -0.10 27.45 44.62
C SER A 78 -0.50 28.62 45.50
N GLY A 79 -1.34 28.35 46.50
CA GLY A 79 -1.79 29.39 47.41
C GLY A 79 -3.24 29.22 47.81
ZN ZN B . -11.04 5.18 -2.89
#